data_5QOY
# 
_entry.id   5QOY 
# 
_audit_conform.dict_name       mmcif_pdbx.dic 
_audit_conform.dict_version    5.387 
_audit_conform.dict_location   http://mmcif.pdb.org/dictionaries/ascii/mmcif_pdbx.dic 
# 
loop_
_database_2.database_id 
_database_2.database_code 
_database_2.pdbx_database_accession 
_database_2.pdbx_DOI 
PDB   5QOY         pdb_00005qoy 10.2210/pdb5qoy/pdb 
WWPDB D_1001402223 ?            ?                   
# 
loop_
_pdbx_audit_revision_history.ordinal 
_pdbx_audit_revision_history.data_content_type 
_pdbx_audit_revision_history.major_revision 
_pdbx_audit_revision_history.minor_revision 
_pdbx_audit_revision_history.revision_date 
1 'Structure model' 1 0 2019-05-08 
2 'Structure model' 1 1 2019-11-20 
3 'Structure model' 1 2 2024-03-06 
# 
_pdbx_audit_revision_details.ordinal             1 
_pdbx_audit_revision_details.revision_ordinal    1 
_pdbx_audit_revision_details.data_content_type   'Structure model' 
_pdbx_audit_revision_details.provider            repository 
_pdbx_audit_revision_details.type                'Initial release' 
_pdbx_audit_revision_details.description         ? 
_pdbx_audit_revision_details.details             ? 
# 
loop_
_pdbx_audit_revision_group.ordinal 
_pdbx_audit_revision_group.revision_ordinal 
_pdbx_audit_revision_group.data_content_type 
_pdbx_audit_revision_group.group 
1 2 'Structure model' 'Data collection'     
2 3 'Structure model' 'Data collection'     
3 3 'Structure model' 'Database references' 
# 
loop_
_pdbx_audit_revision_category.ordinal 
_pdbx_audit_revision_category.revision_ordinal 
_pdbx_audit_revision_category.data_content_type 
_pdbx_audit_revision_category.category 
1 2 'Structure model' diffrn_source  
2 3 'Structure model' chem_comp_atom 
3 3 'Structure model' chem_comp_bond 
4 3 'Structure model' database_2     
# 
loop_
_pdbx_audit_revision_item.ordinal 
_pdbx_audit_revision_item.revision_ordinal 
_pdbx_audit_revision_item.data_content_type 
_pdbx_audit_revision_item.item 
1 2 'Structure model' '_diffrn_source.pdbx_synchrotron_beamline' 
2 2 'Structure model' '_diffrn_source.type'                      
3 3 'Structure model' '_database_2.pdbx_DOI'                     
4 3 'Structure model' '_database_2.pdbx_database_accession'      
# 
_database_PDB_caveat.id     1 
_database_PDB_caveat.text   ? 
# 
_pdbx_database_status.entry_id                        5QOY 
_pdbx_database_status.status_code                     REL 
_pdbx_database_status.status_code_sf                  REL 
_pdbx_database_status.status_code_mr                  ? 
_pdbx_database_status.status_code_cs                  ? 
_pdbx_database_status.recvd_initial_deposition_date   2019-02-22 
_pdbx_database_status.deposit_site                    RCSB 
_pdbx_database_status.process_site                    RCSB 
_pdbx_database_status.SG_entry                        ? 
_pdbx_database_status.pdb_format_compatible           Y 
_pdbx_database_status.methods_development_category    ? 
_pdbx_database_status.status_code_nmr_data            ? 
# 
loop_
_audit_author.name 
_audit_author.pdbx_ordinal 
_audit_author.identifier_ORCID 
'Nelson, E.R.'      1  ? 
'Velupillai, S.'    2  ? 
'Talon, R.'         3  ? 
'Collins, P.M.'     4  ? 
'Krojer, T.'        5  ? 
'Wang, D.'          6  ? 
'Brandao-Neto, J.'  7  ? 
'Douangamath, A.'   8  ? 
'Burgess-Brown, N.' 9  ? 
'Arrowsmith, C.H.'  10 ? 
'Bountra, C.'       11 ? 
'Huber, K.'         12 ? 
'von Delft, F.'     13 ? 
# 
_citation.id                        primary 
_citation.title                     'PanDDA analysis group deposition' 
_citation.journal_abbrev            'To Be Published' 
_citation.journal_volume            ? 
_citation.page_first                ? 
_citation.page_last                 ? 
_citation.year                      ? 
_citation.journal_id_ASTM           ? 
_citation.country                   ? 
_citation.journal_id_ISSN           ? 
_citation.journal_id_CSD            0353 
_citation.book_publisher            ? 
_citation.pdbx_database_id_PubMed   ? 
_citation.pdbx_database_id_DOI      ? 
# 
loop_
_citation_author.citation_id 
_citation_author.name 
_citation_author.identifier_ORCID 
_citation_author.ordinal 
primary 'Nelson, E.R.'      ? 1  
primary 'Velupillai, S.'    ? 2  
primary 'Talon, R.'         ? 3  
primary 'Collins, P.M.'     ? 4  
primary 'Krojer, T.'        ? 5  
primary 'Wang, D.'          ? 6  
primary 'Brandao-Neto, J.'  ? 7  
primary 'Douangamath, A.'   ? 8  
primary 'Burgess-Brown, N.' ? 9  
primary 'Arrowsmith, C.H.'  ? 10 
primary 'Bountra, C.'       ? 11 
primary 'Huber, K.'         ? 12 
primary 'von Delft, F.'     ? 13 
# 
loop_
_entity.id 
_entity.type 
_entity.src_method 
_entity.pdbx_description 
_entity.formula_weight 
_entity.pdbx_number_of_molecules 
_entity.pdbx_ec 
_entity.pdbx_mutation 
_entity.pdbx_fragment 
_entity.details 
1 polymer     man 'DCP2 (NUDT20)'                                                                             19073.738 1  
3.6.1.62 ? 'UNP residues 95-260' ? 
2 non-polymer syn 1,2-ETHANEDIOL                                                                              62.068    2  ? ? ? ? 
3 non-polymer syn 'DIMETHYL SULFOXIDE'                                                                        78.133    1  ? ? ? ? 
4 non-polymer syn 'ACETATE ION'                                                                               59.044    2  ? ? ? ? 
5 non-polymer syn '1-[4-(2H-1,3-benzodioxole-5-carbonyl)-2,3,4,5-tetrahydro-1H-1,4-diazepin-1-yl]ethan-1-one' 288.299   1  ? ? ? ? 
6 water       nat water                                                                                       18.015    88 ? ? ? ? 
# 
_entity_name_com.entity_id   1 
_entity_name_com.name        
'Nucleoside diphosphate-linked moiety X motif 20, Nudix motif 20, mRNA-decapping enzyme 2, hDpc, m7GpppN-mRNA hydrolase' 
# 
_entity_poly.entity_id                      1 
_entity_poly.type                           'polypeptide(L)' 
_entity_poly.nstd_linkage                   no 
_entity_poly.nstd_monomer                   no 
_entity_poly.pdbx_seq_one_letter_code       
;SMGVPTYGAIILDETLENVLLVQGYLAKSGWGFPKGKVNKEEAPHDCAAREVFEETGFDIKDYICKDDYIELRINDQLAR
LYIIPGIPKDTKFNPKTRREIRNIEWFSIEKLPCHRNDMTPKSKLGLAPNKFFMAIPFIRPLRDWLSRRFGDSSDSDNGF
SSTGSTP
;
_entity_poly.pdbx_seq_one_letter_code_can   
;SMGVPTYGAIILDETLENVLLVQGYLAKSGWGFPKGKVNKEEAPHDCAAREVFEETGFDIKDYICKDDYIELRINDQLAR
LYIIPGIPKDTKFNPKTRREIRNIEWFSIEKLPCHRNDMTPKSKLGLAPNKFFMAIPFIRPLRDWLSRRFGDSSDSDNGF
SSTGSTP
;
_entity_poly.pdbx_strand_id                 A 
_entity_poly.pdbx_target_identifier         ? 
# 
loop_
_pdbx_entity_nonpoly.entity_id 
_pdbx_entity_nonpoly.name 
_pdbx_entity_nonpoly.comp_id 
2 1,2-ETHANEDIOL                                                                              EDO 
3 'DIMETHYL SULFOXIDE'                                                                        DMS 
4 'ACETATE ION'                                                                               ACT 
5 '1-[4-(2H-1,3-benzodioxole-5-carbonyl)-2,3,4,5-tetrahydro-1H-1,4-diazepin-1-yl]ethan-1-one' LFJ 
6 water                                                                                       HOH 
# 
loop_
_entity_poly_seq.entity_id 
_entity_poly_seq.num 
_entity_poly_seq.mon_id 
_entity_poly_seq.hetero 
1 1   SER n 
1 2   MET n 
1 3   GLY n 
1 4   VAL n 
1 5   PRO n 
1 6   THR n 
1 7   TYR n 
1 8   GLY n 
1 9   ALA n 
1 10  ILE n 
1 11  ILE n 
1 12  LEU n 
1 13  ASP n 
1 14  GLU n 
1 15  THR n 
1 16  LEU n 
1 17  GLU n 
1 18  ASN n 
1 19  VAL n 
1 20  LEU n 
1 21  LEU n 
1 22  VAL n 
1 23  GLN n 
1 24  GLY n 
1 25  TYR n 
1 26  LEU n 
1 27  ALA n 
1 28  LYS n 
1 29  SER n 
1 30  GLY n 
1 31  TRP n 
1 32  GLY n 
1 33  PHE n 
1 34  PRO n 
1 35  LYS n 
1 36  GLY n 
1 37  LYS n 
1 38  VAL n 
1 39  ASN n 
1 40  LYS n 
1 41  GLU n 
1 42  GLU n 
1 43  ALA n 
1 44  PRO n 
1 45  HIS n 
1 46  ASP n 
1 47  CYS n 
1 48  ALA n 
1 49  ALA n 
1 50  ARG n 
1 51  GLU n 
1 52  VAL n 
1 53  PHE n 
1 54  GLU n 
1 55  GLU n 
1 56  THR n 
1 57  GLY n 
1 58  PHE n 
1 59  ASP n 
1 60  ILE n 
1 61  LYS n 
1 62  ASP n 
1 63  TYR n 
1 64  ILE n 
1 65  CYS n 
1 66  LYS n 
1 67  ASP n 
1 68  ASP n 
1 69  TYR n 
1 70  ILE n 
1 71  GLU n 
1 72  LEU n 
1 73  ARG n 
1 74  ILE n 
1 75  ASN n 
1 76  ASP n 
1 77  GLN n 
1 78  LEU n 
1 79  ALA n 
1 80  ARG n 
1 81  LEU n 
1 82  TYR n 
1 83  ILE n 
1 84  ILE n 
1 85  PRO n 
1 86  GLY n 
1 87  ILE n 
1 88  PRO n 
1 89  LYS n 
1 90  ASP n 
1 91  THR n 
1 92  LYS n 
1 93  PHE n 
1 94  ASN n 
1 95  PRO n 
1 96  LYS n 
1 97  THR n 
1 98  ARG n 
1 99  ARG n 
1 100 GLU n 
1 101 ILE n 
1 102 ARG n 
1 103 ASN n 
1 104 ILE n 
1 105 GLU n 
1 106 TRP n 
1 107 PHE n 
1 108 SER n 
1 109 ILE n 
1 110 GLU n 
1 111 LYS n 
1 112 LEU n 
1 113 PRO n 
1 114 CYS n 
1 115 HIS n 
1 116 ARG n 
1 117 ASN n 
1 118 ASP n 
1 119 MET n 
1 120 THR n 
1 121 PRO n 
1 122 LYS n 
1 123 SER n 
1 124 LYS n 
1 125 LEU n 
1 126 GLY n 
1 127 LEU n 
1 128 ALA n 
1 129 PRO n 
1 130 ASN n 
1 131 LYS n 
1 132 PHE n 
1 133 PHE n 
1 134 MET n 
1 135 ALA n 
1 136 ILE n 
1 137 PRO n 
1 138 PHE n 
1 139 ILE n 
1 140 ARG n 
1 141 PRO n 
1 142 LEU n 
1 143 ARG n 
1 144 ASP n 
1 145 TRP n 
1 146 LEU n 
1 147 SER n 
1 148 ARG n 
1 149 ARG n 
1 150 PHE n 
1 151 GLY n 
1 152 ASP n 
1 153 SER n 
1 154 SER n 
1 155 ASP n 
1 156 SER n 
1 157 ASP n 
1 158 ASN n 
1 159 GLY n 
1 160 PHE n 
1 161 SER n 
1 162 SER n 
1 163 THR n 
1 164 GLY n 
1 165 SER n 
1 166 THR n 
1 167 PRO n 
# 
_entity_src_gen.entity_id                          1 
_entity_src_gen.pdbx_src_id                        1 
_entity_src_gen.pdbx_alt_source_flag               sample 
_entity_src_gen.pdbx_seq_type                      'Biological sequence' 
_entity_src_gen.pdbx_beg_seq_num                   1 
_entity_src_gen.pdbx_end_seq_num                   167 
_entity_src_gen.gene_src_common_name               Human 
_entity_src_gen.gene_src_genus                     ? 
_entity_src_gen.pdbx_gene_src_gene                 'DCP2, NUDT20' 
_entity_src_gen.gene_src_species                   ? 
_entity_src_gen.gene_src_strain                    ? 
_entity_src_gen.gene_src_tissue                    ? 
_entity_src_gen.gene_src_tissue_fraction           ? 
_entity_src_gen.gene_src_details                   ? 
_entity_src_gen.pdbx_gene_src_fragment             ? 
_entity_src_gen.pdbx_gene_src_scientific_name      'Homo sapiens' 
_entity_src_gen.pdbx_gene_src_ncbi_taxonomy_id     9606 
_entity_src_gen.pdbx_gene_src_variant              ? 
_entity_src_gen.pdbx_gene_src_cell_line            ? 
_entity_src_gen.pdbx_gene_src_atcc                 ? 
_entity_src_gen.pdbx_gene_src_organ                ? 
_entity_src_gen.pdbx_gene_src_organelle            ? 
_entity_src_gen.pdbx_gene_src_cell                 ? 
_entity_src_gen.pdbx_gene_src_cellular_location    ? 
_entity_src_gen.host_org_common_name               ? 
_entity_src_gen.pdbx_host_org_scientific_name      'Escherichia coli' 
_entity_src_gen.pdbx_host_org_ncbi_taxonomy_id     562 
_entity_src_gen.host_org_genus                     ? 
_entity_src_gen.pdbx_host_org_gene                 ? 
_entity_src_gen.pdbx_host_org_organ                ? 
_entity_src_gen.host_org_species                   ? 
_entity_src_gen.pdbx_host_org_tissue               ? 
_entity_src_gen.pdbx_host_org_tissue_fraction      ? 
_entity_src_gen.pdbx_host_org_strain               ? 
_entity_src_gen.pdbx_host_org_variant              ? 
_entity_src_gen.pdbx_host_org_cell_line            ? 
_entity_src_gen.pdbx_host_org_atcc                 ? 
_entity_src_gen.pdbx_host_org_culture_collection   ? 
_entity_src_gen.pdbx_host_org_cell                 ? 
_entity_src_gen.pdbx_host_org_organelle            ? 
_entity_src_gen.pdbx_host_org_cellular_location    ? 
_entity_src_gen.pdbx_host_org_vector_type          ? 
_entity_src_gen.pdbx_host_org_vector               ? 
_entity_src_gen.host_org_details                   ? 
_entity_src_gen.expression_system_id               ? 
_entity_src_gen.plasmid_name                       ? 
_entity_src_gen.plasmid_details                    ? 
_entity_src_gen.pdbx_description                   ? 
# 
loop_
_chem_comp.id 
_chem_comp.type 
_chem_comp.mon_nstd_flag 
_chem_comp.name 
_chem_comp.pdbx_synonyms 
_chem_comp.formula 
_chem_comp.formula_weight 
ACT non-polymer         . 'ACETATE ION'                                                                               ? 
'C2 H3 O2 -1'    59.044  
ALA 'L-peptide linking' y ALANINE                                                                                     ? 
'C3 H7 N O2'     89.093  
ARG 'L-peptide linking' y ARGININE                                                                                    ? 
'C6 H15 N4 O2 1' 175.209 
ASN 'L-peptide linking' y ASPARAGINE                                                                                  ? 
'C4 H8 N2 O3'    132.118 
ASP 'L-peptide linking' y 'ASPARTIC ACID'                                                                             ? 
'C4 H7 N O4'     133.103 
CYS 'L-peptide linking' y CYSTEINE                                                                                    ? 
'C3 H7 N O2 S'   121.158 
DMS non-polymer         . 'DIMETHYL SULFOXIDE'                                                                        ? 
'C2 H6 O S'      78.133  
EDO non-polymer         . 1,2-ETHANEDIOL                                                                              
'ETHYLENE GLYCOL' 'C2 H6 O2'       62.068  
GLN 'L-peptide linking' y GLUTAMINE                                                                                   ? 
'C5 H10 N2 O3'   146.144 
GLU 'L-peptide linking' y 'GLUTAMIC ACID'                                                                             ? 
'C5 H9 N O4'     147.129 
GLY 'peptide linking'   y GLYCINE                                                                                     ? 
'C2 H5 N O2'     75.067  
HIS 'L-peptide linking' y HISTIDINE                                                                                   ? 
'C6 H10 N3 O2 1' 156.162 
HOH non-polymer         . WATER                                                                                       ? 'H2 O' 
18.015  
ILE 'L-peptide linking' y ISOLEUCINE                                                                                  ? 
'C6 H13 N O2'    131.173 
LEU 'L-peptide linking' y LEUCINE                                                                                     ? 
'C6 H13 N O2'    131.173 
LFJ non-polymer         . '1-[4-(2H-1,3-benzodioxole-5-carbonyl)-2,3,4,5-tetrahydro-1H-1,4-diazepin-1-yl]ethan-1-one' ? 
'C15 H16 N2 O4'  288.299 
LYS 'L-peptide linking' y LYSINE                                                                                      ? 
'C6 H15 N2 O2 1' 147.195 
MET 'L-peptide linking' y METHIONINE                                                                                  ? 
'C5 H11 N O2 S'  149.211 
PHE 'L-peptide linking' y PHENYLALANINE                                                                               ? 
'C9 H11 N O2'    165.189 
PRO 'L-peptide linking' y PROLINE                                                                                     ? 
'C5 H9 N O2'     115.130 
SER 'L-peptide linking' y SERINE                                                                                      ? 
'C3 H7 N O3'     105.093 
THR 'L-peptide linking' y THREONINE                                                                                   ? 
'C4 H9 N O3'     119.119 
TRP 'L-peptide linking' y TRYPTOPHAN                                                                                  ? 
'C11 H12 N2 O2'  204.225 
TYR 'L-peptide linking' y TYROSINE                                                                                    ? 
'C9 H11 N O3'    181.189 
VAL 'L-peptide linking' y VALINE                                                                                      ? 
'C5 H11 N O2'    117.146 
# 
loop_
_pdbx_poly_seq_scheme.asym_id 
_pdbx_poly_seq_scheme.entity_id 
_pdbx_poly_seq_scheme.seq_id 
_pdbx_poly_seq_scheme.mon_id 
_pdbx_poly_seq_scheme.ndb_seq_num 
_pdbx_poly_seq_scheme.pdb_seq_num 
_pdbx_poly_seq_scheme.auth_seq_num 
_pdbx_poly_seq_scheme.pdb_mon_id 
_pdbx_poly_seq_scheme.auth_mon_id 
_pdbx_poly_seq_scheme.pdb_strand_id 
_pdbx_poly_seq_scheme.pdb_ins_code 
_pdbx_poly_seq_scheme.hetero 
A 1 1   SER 1   94  ?   ?   ?   A . n 
A 1 2   MET 2   95  ?   ?   ?   A . n 
A 1 3   GLY 3   96  96  GLY GLY A . n 
A 1 4   VAL 4   97  97  VAL VAL A . n 
A 1 5   PRO 5   98  98  PRO PRO A . n 
A 1 6   THR 6   99  99  THR THR A . n 
A 1 7   TYR 7   100 100 TYR TYR A . n 
A 1 8   GLY 8   101 101 GLY GLY A . n 
A 1 9   ALA 9   102 102 ALA ALA A . n 
A 1 10  ILE 10  103 103 ILE ILE A . n 
A 1 11  ILE 11  104 104 ILE ILE A . n 
A 1 12  LEU 12  105 105 LEU LEU A . n 
A 1 13  ASP 13  106 106 ASP ASP A . n 
A 1 14  GLU 14  107 107 GLU GLU A . n 
A 1 15  THR 15  108 108 THR THR A . n 
A 1 16  LEU 16  109 109 LEU LEU A . n 
A 1 17  GLU 17  110 110 GLU GLU A . n 
A 1 18  ASN 18  111 111 ASN ASN A . n 
A 1 19  VAL 19  112 112 VAL VAL A . n 
A 1 20  LEU 20  113 113 LEU LEU A . n 
A 1 21  LEU 21  114 114 LEU LEU A . n 
A 1 22  VAL 22  115 115 VAL VAL A . n 
A 1 23  GLN 23  116 116 GLN GLN A . n 
A 1 24  GLY 24  117 117 GLY GLY A . n 
A 1 25  TYR 25  118 118 TYR TYR A . n 
A 1 26  LEU 26  119 119 LEU LEU A . n 
A 1 27  ALA 27  120 120 ALA ALA A . n 
A 1 28  LYS 28  121 121 LYS LYS A . n 
A 1 29  SER 29  122 122 SER SER A . n 
A 1 30  GLY 30  123 123 GLY GLY A . n 
A 1 31  TRP 31  124 124 TRP TRP A . n 
A 1 32  GLY 32  125 125 GLY GLY A . n 
A 1 33  PHE 33  126 126 PHE PHE A . n 
A 1 34  PRO 34  127 127 PRO PRO A . n 
A 1 35  LYS 35  128 128 LYS LYS A . n 
A 1 36  GLY 36  129 129 GLY GLY A . n 
A 1 37  LYS 37  130 130 LYS LYS A . n 
A 1 38  VAL 38  131 131 VAL VAL A . n 
A 1 39  ASN 39  132 132 ASN ASN A . n 
A 1 40  LYS 40  133 133 LYS LYS A . n 
A 1 41  GLU 41  134 134 GLU GLU A . n 
A 1 42  GLU 42  135 135 GLU GLU A . n 
A 1 43  ALA 43  136 136 ALA ALA A . n 
A 1 44  PRO 44  137 137 PRO PRO A . n 
A 1 45  HIS 45  138 138 HIS HIS A . n 
A 1 46  ASP 46  139 139 ASP ASP A . n 
A 1 47  CYS 47  140 140 CYS CYS A . n 
A 1 48  ALA 48  141 141 ALA ALA A . n 
A 1 49  ALA 49  142 142 ALA ALA A . n 
A 1 50  ARG 50  143 143 ARG ARG A . n 
A 1 51  GLU 51  144 144 GLU GLU A . n 
A 1 52  VAL 52  145 145 VAL VAL A . n 
A 1 53  PHE 53  146 146 PHE PHE A . n 
A 1 54  GLU 54  147 147 GLU GLU A . n 
A 1 55  GLU 55  148 148 GLU GLU A . n 
A 1 56  THR 56  149 149 THR THR A . n 
A 1 57  GLY 57  150 150 GLY GLY A . n 
A 1 58  PHE 58  151 151 PHE PHE A . n 
A 1 59  ASP 59  152 152 ASP ASP A . n 
A 1 60  ILE 60  153 153 ILE ILE A . n 
A 1 61  LYS 61  154 154 LYS LYS A . n 
A 1 62  ASP 62  155 155 ASP ASP A . n 
A 1 63  TYR 63  156 156 TYR TYR A . n 
A 1 64  ILE 64  157 157 ILE ILE A . n 
A 1 65  CYS 65  158 158 CYS CYS A . n 
A 1 66  LYS 66  159 159 LYS LYS A . n 
A 1 67  ASP 67  160 160 ASP ASP A . n 
A 1 68  ASP 68  161 161 ASP ASP A . n 
A 1 69  TYR 69  162 162 TYR TYR A . n 
A 1 70  ILE 70  163 163 ILE ILE A . n 
A 1 71  GLU 71  164 164 GLU GLU A . n 
A 1 72  LEU 72  165 165 LEU LEU A . n 
A 1 73  ARG 73  166 166 ARG ARG A . n 
A 1 74  ILE 74  167 167 ILE ILE A . n 
A 1 75  ASN 75  168 168 ASN ASN A . n 
A 1 76  ASP 76  169 169 ASP ASP A . n 
A 1 77  GLN 77  170 170 GLN GLN A . n 
A 1 78  LEU 78  171 171 LEU LEU A . n 
A 1 79  ALA 79  172 172 ALA ALA A . n 
A 1 80  ARG 80  173 173 ARG ARG A . n 
A 1 81  LEU 81  174 174 LEU LEU A . n 
A 1 82  TYR 82  175 175 TYR TYR A . n 
A 1 83  ILE 83  176 176 ILE ILE A . n 
A 1 84  ILE 84  177 177 ILE ILE A . n 
A 1 85  PRO 85  178 178 PRO PRO A . n 
A 1 86  GLY 86  179 179 GLY GLY A . n 
A 1 87  ILE 87  180 180 ILE ILE A . n 
A 1 88  PRO 88  181 181 PRO PRO A . n 
A 1 89  LYS 89  182 182 LYS LYS A . n 
A 1 90  ASP 90  183 183 ASP ASP A . n 
A 1 91  THR 91  184 184 THR THR A . n 
A 1 92  LYS 92  185 185 LYS LYS A . n 
A 1 93  PHE 93  186 186 PHE PHE A . n 
A 1 94  ASN 94  187 187 ASN ASN A . n 
A 1 95  PRO 95  188 188 PRO PRO A . n 
A 1 96  LYS 96  189 189 LYS LYS A . n 
A 1 97  THR 97  190 190 THR THR A . n 
A 1 98  ARG 98  191 191 ARG ARG A . n 
A 1 99  ARG 99  192 192 ARG ARG A . n 
A 1 100 GLU 100 193 193 GLU GLU A . n 
A 1 101 ILE 101 194 194 ILE ILE A . n 
A 1 102 ARG 102 195 195 ARG ARG A . n 
A 1 103 ASN 103 196 196 ASN ASN A . n 
A 1 104 ILE 104 197 197 ILE ILE A . n 
A 1 105 GLU 105 198 198 GLU GLU A . n 
A 1 106 TRP 106 199 199 TRP TRP A . n 
A 1 107 PHE 107 200 200 PHE PHE A . n 
A 1 108 SER 108 201 201 SER SER A . n 
A 1 109 ILE 109 202 202 ILE ILE A . n 
A 1 110 GLU 110 203 203 GLU GLU A . n 
A 1 111 LYS 111 204 204 LYS LYS A . n 
A 1 112 LEU 112 205 205 LEU LEU A . n 
A 1 113 PRO 113 206 206 PRO PRO A . n 
A 1 114 CYS 114 207 207 CYS CYS A . n 
A 1 115 HIS 115 208 208 HIS HIS A . n 
A 1 116 ARG 116 209 209 ARG ARG A . n 
A 1 117 ASN 117 210 210 ASN ASN A . n 
A 1 118 ASP 118 211 211 ASP ASP A . n 
A 1 119 MET 119 212 212 MET MET A . n 
A 1 120 THR 120 213 213 THR THR A . n 
A 1 121 PRO 121 214 214 PRO PRO A . n 
A 1 122 LYS 122 215 215 LYS LYS A . n 
A 1 123 SER 123 216 216 SER SER A . n 
A 1 124 LYS 124 217 217 LYS LYS A . n 
A 1 125 LEU 125 218 218 LEU LEU A . n 
A 1 126 GLY 126 219 219 GLY GLY A . n 
A 1 127 LEU 127 220 220 LEU LEU A . n 
A 1 128 ALA 128 221 221 ALA ALA A . n 
A 1 129 PRO 129 222 222 PRO PRO A . n 
A 1 130 ASN 130 223 223 ASN ASN A . n 
A 1 131 LYS 131 224 224 LYS LYS A . n 
A 1 132 PHE 132 225 225 PHE PHE A . n 
A 1 133 PHE 133 226 226 PHE PHE A . n 
A 1 134 MET 134 227 227 MET MET A . n 
A 1 135 ALA 135 228 228 ALA ALA A . n 
A 1 136 ILE 136 229 229 ILE ILE A . n 
A 1 137 PRO 137 230 230 PRO PRO A . n 
A 1 138 PHE 138 231 231 PHE PHE A . n 
A 1 139 ILE 139 232 232 ILE ILE A . n 
A 1 140 ARG 140 233 233 ARG ARG A . n 
A 1 141 PRO 141 234 234 PRO PRO A . n 
A 1 142 LEU 142 235 235 LEU LEU A . n 
A 1 143 ARG 143 236 236 ARG ARG A . n 
A 1 144 ASP 144 237 237 ASP ASP A . n 
A 1 145 TRP 145 238 238 TRP TRP A . n 
A 1 146 LEU 146 239 239 LEU LEU A . n 
A 1 147 SER 147 240 240 SER SER A . n 
A 1 148 ARG 148 241 241 ARG ARG A . n 
A 1 149 ARG 149 242 242 ARG ARG A . n 
A 1 150 PHE 150 243 243 PHE PHE A . n 
A 1 151 GLY 151 244 244 GLY GLY A . n 
A 1 152 ASP 152 245 ?   ?   ?   A . n 
A 1 153 SER 153 246 ?   ?   ?   A . n 
A 1 154 SER 154 247 ?   ?   ?   A . n 
A 1 155 ASP 155 248 ?   ?   ?   A . n 
A 1 156 SER 156 249 ?   ?   ?   A . n 
A 1 157 ASP 157 250 ?   ?   ?   A . n 
A 1 158 ASN 158 251 ?   ?   ?   A . n 
A 1 159 GLY 159 252 ?   ?   ?   A . n 
A 1 160 PHE 160 253 ?   ?   ?   A . n 
A 1 161 SER 161 254 ?   ?   ?   A . n 
A 1 162 SER 162 255 ?   ?   ?   A . n 
A 1 163 THR 163 256 ?   ?   ?   A . n 
A 1 164 GLY 164 257 ?   ?   ?   A . n 
A 1 165 SER 165 258 ?   ?   ?   A . n 
A 1 166 THR 166 259 ?   ?   ?   A . n 
A 1 167 PRO 167 260 ?   ?   ?   A . n 
# 
loop_
_pdbx_nonpoly_scheme.asym_id 
_pdbx_nonpoly_scheme.entity_id 
_pdbx_nonpoly_scheme.mon_id 
_pdbx_nonpoly_scheme.ndb_seq_num 
_pdbx_nonpoly_scheme.pdb_seq_num 
_pdbx_nonpoly_scheme.auth_seq_num 
_pdbx_nonpoly_scheme.pdb_mon_id 
_pdbx_nonpoly_scheme.auth_mon_id 
_pdbx_nonpoly_scheme.pdb_strand_id 
_pdbx_nonpoly_scheme.pdb_ins_code 
B 2 EDO 1  301 2   EDO EDO A . 
C 2 EDO 1  302 3   EDO EDO A . 
D 3 DMS 1  303 1   DMS DMS A . 
E 4 ACT 1  304 1   ACT ACT A . 
F 4 ACT 1  305 2   ACT ACT A . 
G 5 LFJ 1  306 1   LFJ LIG A . 
H 6 HOH 1  401 83  HOH HOH A . 
H 6 HOH 2  402 104 HOH HOH A . 
H 6 HOH 3  403 12  HOH HOH A . 
H 6 HOH 4  404 70  HOH HOH A . 
H 6 HOH 5  405 36  HOH HOH A . 
H 6 HOH 6  406 60  HOH HOH A . 
H 6 HOH 7  407 23  HOH HOH A . 
H 6 HOH 8  408 67  HOH HOH A . 
H 6 HOH 9  409 100 HOH HOH A . 
H 6 HOH 10 410 96  HOH HOH A . 
H 6 HOH 11 411 90  HOH HOH A . 
H 6 HOH 12 412 8   HOH HOH A . 
H 6 HOH 13 413 66  HOH HOH A . 
H 6 HOH 14 414 88  HOH HOH A . 
H 6 HOH 15 415 17  HOH HOH A . 
H 6 HOH 16 416 76  HOH HOH A . 
H 6 HOH 17 417 15  HOH HOH A . 
H 6 HOH 18 418 38  HOH HOH A . 
H 6 HOH 19 419 102 HOH HOH A . 
H 6 HOH 20 420 13  HOH HOH A . 
H 6 HOH 21 421 16  HOH HOH A . 
H 6 HOH 22 422 10  HOH HOH A . 
H 6 HOH 23 423 39  HOH HOH A . 
H 6 HOH 24 424 68  HOH HOH A . 
H 6 HOH 25 425 19  HOH HOH A . 
H 6 HOH 26 426 1   HOH HOH A . 
H 6 HOH 27 427 95  HOH HOH A . 
H 6 HOH 28 428 32  HOH HOH A . 
H 6 HOH 29 429 78  HOH HOH A . 
H 6 HOH 30 430 9   HOH HOH A . 
H 6 HOH 31 431 97  HOH HOH A . 
H 6 HOH 32 432 71  HOH HOH A . 
H 6 HOH 33 433 46  HOH HOH A . 
H 6 HOH 34 434 14  HOH HOH A . 
H 6 HOH 35 435 5   HOH HOH A . 
H 6 HOH 36 436 4   HOH HOH A . 
H 6 HOH 37 437 35  HOH HOH A . 
H 6 HOH 38 438 103 HOH HOH A . 
H 6 HOH 39 439 11  HOH HOH A . 
H 6 HOH 40 440 3   HOH HOH A . 
H 6 HOH 41 441 59  HOH HOH A . 
H 6 HOH 42 442 2   HOH HOH A . 
H 6 HOH 43 443 31  HOH HOH A . 
H 6 HOH 44 444 18  HOH HOH A . 
H 6 HOH 45 445 85  HOH HOH A . 
H 6 HOH 46 446 24  HOH HOH A . 
H 6 HOH 47 447 57  HOH HOH A . 
H 6 HOH 48 448 75  HOH HOH A . 
H 6 HOH 49 449 43  HOH HOH A . 
H 6 HOH 50 450 94  HOH HOH A . 
H 6 HOH 51 451 55  HOH HOH A . 
H 6 HOH 52 452 101 HOH HOH A . 
H 6 HOH 53 453 6   HOH HOH A . 
H 6 HOH 54 454 29  HOH HOH A . 
H 6 HOH 55 455 65  HOH HOH A . 
H 6 HOH 56 456 7   HOH HOH A . 
H 6 HOH 57 457 79  HOH HOH A . 
H 6 HOH 58 458 30  HOH HOH A . 
H 6 HOH 59 459 50  HOH HOH A . 
H 6 HOH 60 460 33  HOH HOH A . 
H 6 HOH 61 461 80  HOH HOH A . 
H 6 HOH 62 462 27  HOH HOH A . 
H 6 HOH 63 463 42  HOH HOH A . 
H 6 HOH 64 464 84  HOH HOH A . 
H 6 HOH 65 465 69  HOH HOH A . 
H 6 HOH 66 466 87  HOH HOH A . 
H 6 HOH 67 467 28  HOH HOH A . 
H 6 HOH 68 468 21  HOH HOH A . 
H 6 HOH 69 469 22  HOH HOH A . 
H 6 HOH 70 470 62  HOH HOH A . 
H 6 HOH 71 471 105 HOH HOH A . 
H 6 HOH 72 472 72  HOH HOH A . 
H 6 HOH 73 473 106 HOH HOH A . 
H 6 HOH 74 474 47  HOH HOH A . 
H 6 HOH 75 475 25  HOH HOH A . 
H 6 HOH 76 476 40  HOH HOH A . 
H 6 HOH 77 477 92  HOH HOH A . 
H 6 HOH 78 478 52  HOH HOH A . 
H 6 HOH 79 479 74  HOH HOH A . 
H 6 HOH 80 480 26  HOH HOH A . 
H 6 HOH 81 481 81  HOH HOH A . 
H 6 HOH 82 482 86  HOH HOH A . 
H 6 HOH 83 483 98  HOH HOH A . 
H 6 HOH 84 484 51  HOH HOH A . 
H 6 HOH 85 485 20  HOH HOH A . 
H 6 HOH 86 486 56  HOH HOH A . 
H 6 HOH 87 487 93  HOH HOH A . 
H 6 HOH 88 488 41  HOH HOH A . 
# 
loop_
_pdbx_unobs_or_zero_occ_atoms.id 
_pdbx_unobs_or_zero_occ_atoms.PDB_model_num 
_pdbx_unobs_or_zero_occ_atoms.polymer_flag 
_pdbx_unobs_or_zero_occ_atoms.occupancy_flag 
_pdbx_unobs_or_zero_occ_atoms.auth_asym_id 
_pdbx_unobs_or_zero_occ_atoms.auth_comp_id 
_pdbx_unobs_or_zero_occ_atoms.auth_seq_id 
_pdbx_unobs_or_zero_occ_atoms.PDB_ins_code 
_pdbx_unobs_or_zero_occ_atoms.auth_atom_id 
_pdbx_unobs_or_zero_occ_atoms.label_alt_id 
_pdbx_unobs_or_zero_occ_atoms.label_asym_id 
_pdbx_unobs_or_zero_occ_atoms.label_comp_id 
_pdbx_unobs_or_zero_occ_atoms.label_seq_id 
_pdbx_unobs_or_zero_occ_atoms.label_atom_id 
1  1 Y 1 A LYS 130 ? CE  ? A LYS 37  CE  
2  1 Y 1 A LYS 130 ? NZ  ? A LYS 37  NZ  
3  1 Y 1 A LYS 133 ? CG  ? A LYS 40  CG  
4  1 Y 1 A LYS 133 ? CD  ? A LYS 40  CD  
5  1 Y 1 A LYS 133 ? CE  ? A LYS 40  CE  
6  1 Y 1 A LYS 133 ? NZ  ? A LYS 40  NZ  
7  1 Y 1 A GLU 134 ? CG  ? A GLU 41  CG  
8  1 Y 1 A GLU 134 ? CD  ? A GLU 41  CD  
9  1 Y 1 A GLU 134 ? OE1 ? A GLU 41  OE1 
10 1 Y 1 A GLU 134 ? OE2 ? A GLU 41  OE2 
11 1 Y 1 A LYS 159 ? CD  ? A LYS 66  CD  
12 1 Y 1 A LYS 159 ? CE  ? A LYS 66  CE  
13 1 Y 1 A LYS 159 ? NZ  ? A LYS 66  NZ  
14 1 Y 1 A LYS 185 ? CE  ? A LYS 92  CE  
15 1 Y 1 A LYS 185 ? NZ  ? A LYS 92  NZ  
16 1 Y 1 A LYS 215 ? CD  ? A LYS 122 CD  
17 1 Y 1 A LYS 215 ? CE  ? A LYS 122 CE  
18 1 Y 1 A LYS 215 ? NZ  ? A LYS 122 NZ  
19 1 Y 1 A LYS 217 ? CE  ? A LYS 124 CE  
20 1 Y 1 A LYS 217 ? NZ  ? A LYS 124 NZ  
21 1 Y 1 A ARG 241 ? CD  ? A ARG 148 CD  
22 1 Y 1 A ARG 241 ? NE  ? A ARG 148 NE  
23 1 Y 1 A ARG 241 ? CZ  ? A ARG 148 CZ  
24 1 Y 1 A ARG 241 ? NH1 ? A ARG 148 NH1 
25 1 Y 1 A ARG 241 ? NH2 ? A ARG 148 NH2 
# 
loop_
_software.pdbx_ordinal 
_software.name 
_software.version 
_software.date 
_software.type 
_software.contact_author 
_software.contact_author_email 
_software.classification 
_software.location 
_software.language 
_software.citation_id 
1 REFMAC      5.8.0189 ?               program 'Garib N. Murshudov' garib@ysbl.york.ac.uk    refinement        
http://www.ccp4.ac.uk/dist/html/refmac5.html        Fortran_77 ? 
2 Aimless     0.5.32   29/03/17        program 'Phil Evans'         ?                        'data scaling'    
http://www.mrc-lmb.cam.ac.uk/harry/pre/aimless.html ?          ? 
3 PDB_EXTRACT 3.23     'SEP. 23, 2016' package PDB                  deposit@deposit.rcsb.org 'data extraction' 
http://sw-tools.pdb.org/apps/PDB_EXTRACT/           C++        ? 
4 XDS         .        ?               program ?                    ?                        'data reduction'  ? ?          ? 
5 REFMAC      .        ?               program ?                    ?                        phasing           ? ?          ? 
# 
_cell.entry_id           5QOY 
_cell.length_a           48.226 
_cell.length_b           60.434 
_cell.length_c           65.249 
_cell.angle_alpha        90.000 
_cell.angle_beta         90.000 
_cell.angle_gamma        90.000 
_cell.Z_PDB              4 
_cell.pdbx_unique_axis   ? 
# 
_symmetry.entry_id                         5QOY 
_symmetry.space_group_name_H-M             'P 21 21 21' 
_symmetry.pdbx_full_space_group_name_H-M   ? 
_symmetry.cell_setting                     ? 
_symmetry.Int_Tables_number                19 
# 
_exptl.crystals_number   1 
_exptl.entry_id          5QOY 
_exptl.method            'X-RAY DIFFRACTION' 
# 
_exptl_crystal.id                    1 
_exptl_crystal.pdbx_mosaicity        0.070 
_exptl_crystal.pdbx_mosaicity_esd    ? 
_exptl_crystal.density_Matthews      2.49 
_exptl_crystal.density_diffrn        ? 
_exptl_crystal.density_meas          ? 
_exptl_crystal.density_meas_temp     ? 
_exptl_crystal.density_percent_sol   50.65 
_exptl_crystal.size_max              ? 
_exptl_crystal.size_mid              ? 
_exptl_crystal.size_min              ? 
_exptl_crystal.size_rad              ? 
_exptl_crystal.description           ? 
# 
_exptl_crystal_grow.crystal_id      1 
_exptl_crystal_grow.method          'VAPOR DIFFUSION, SITTING DROP' 
_exptl_crystal_grow.pH              4.5 
_exptl_crystal_grow.temp            277 
_exptl_crystal_grow.pdbx_details    '0.1 M acetate, pH 4.5, 5-25% PEG3350' 
_exptl_crystal_grow.temp_details    ? 
_exptl_crystal_grow.pdbx_pH_range   ? 
# 
_diffrn.id                     1 
_diffrn.ambient_temp           ? 
_diffrn.crystal_id             1 
_diffrn.ambient_temp_details   ? 
# 
_diffrn_detector.detector               PIXEL 
_diffrn_detector.type                   'DECTRIS PILATUS 2M' 
_diffrn_detector.pdbx_collection_date   2017-07-26 
_diffrn_detector.diffrn_id              1 
_diffrn_detector.details                ? 
# 
_diffrn_radiation.diffrn_id                        1 
_diffrn_radiation.wavelength_id                    1 
_diffrn_radiation.pdbx_diffrn_protocol             'SINGLE WAVELENGTH' 
_diffrn_radiation.pdbx_monochromatic_or_laue_m_l   ? 
_diffrn_radiation.monochromator                    ? 
_diffrn_radiation.pdbx_scattering_type             x-ray 
# 
_diffrn_radiation_wavelength.id           1 
_diffrn_radiation_wavelength.wavelength   0.91587 
_diffrn_radiation_wavelength.wt           1.0 
# 
_diffrn_source.diffrn_id                   1 
_diffrn_source.source                      SYNCHROTRON 
_diffrn_source.type                        'DIAMOND BEAMLINE I04-1' 
_diffrn_source.pdbx_wavelength_list        0.91587 
_diffrn_source.pdbx_synchrotron_site       Diamond 
_diffrn_source.pdbx_synchrotron_beamline   I04-1 
_diffrn_source.pdbx_wavelength             ? 
# 
_reflns.entry_id                     5QOY 
_reflns.pdbx_diffrn_id               1 
_reflns.pdbx_ordinal                 1 
_reflns.observed_criterion_sigma_I   ? 
_reflns.observed_criterion_sigma_F   ? 
_reflns.d_resolution_low             28.710 
_reflns.d_resolution_high            1.690 
_reflns.number_obs                   21675 
_reflns.number_all                   ? 
_reflns.percent_possible_obs         99.000 
_reflns.pdbx_Rmerge_I_obs            0.049 
_reflns.pdbx_Rsym_value              ? 
_reflns.pdbx_netI_over_sigmaI        19.300 
_reflns.B_iso_Wilson_estimate        ? 
_reflns.pdbx_redundancy              6.500 
_reflns.pdbx_Rrim_I_all              0.053 
_reflns.pdbx_Rpim_I_all              0.021 
_reflns.pdbx_CC_half                 0.999 
_reflns.pdbx_netI_over_av_sigmaI     ? 
_reflns.pdbx_number_measured_all     140173 
_reflns.pdbx_scaling_rejects         0 
_reflns.pdbx_chi_squared             ? 
_reflns.Rmerge_F_all                 ? 
_reflns.Rmerge_F_obs                 ? 
_reflns.observed_criterion_F_max     ? 
_reflns.observed_criterion_F_min     ? 
_reflns.observed_criterion_I_max     ? 
_reflns.observed_criterion_I_min     ? 
_reflns.pdbx_d_res_high_opt          ? 
_reflns.pdbx_d_res_low_opt           ? 
_reflns.details                      ? 
# 
loop_
_reflns_shell.pdbx_diffrn_id 
_reflns_shell.pdbx_ordinal 
_reflns_shell.d_res_high 
_reflns_shell.d_res_low 
_reflns_shell.number_measured_obs 
_reflns_shell.number_measured_all 
_reflns_shell.number_unique_obs 
_reflns_shell.pdbx_rejects 
_reflns_shell.Rmerge_I_obs 
_reflns_shell.meanI_over_sigI_obs 
_reflns_shell.pdbx_Rsym_value 
_reflns_shell.pdbx_chi_squared 
_reflns_shell.pdbx_redundancy 
_reflns_shell.percent_possible_obs 
_reflns_shell.pdbx_netI_over_sigmaI_obs 
_reflns_shell.number_possible 
_reflns_shell.number_unique_all 
_reflns_shell.Rmerge_F_all 
_reflns_shell.Rmerge_F_obs 
_reflns_shell.Rmerge_I_all 
_reflns_shell.meanI_over_sigI_all 
_reflns_shell.percent_possible_all 
_reflns_shell.pdbx_Rrim_I_all 
_reflns_shell.pdbx_Rpim_I_all 
_reflns_shell.pdbx_CC_half 
1 1 1.690 1.740  ? 8610 ? ? 0.853 ? ? ? 5.600 ? 2.000  ? 1543 ? ? ? ? 97.300 0.943 0.392 0.765 
1 2 7.560 28.710 ? 1584 ? ? 0.025 ? ? ? 5.600 ? 54.500 ? 285  ? ? ? ? 97.600 0.028 0.012 0.999 
# 
_refine.entry_id                                 5QOY 
_refine.pdbx_refine_id                           'X-RAY DIFFRACTION' 
_refine.ls_d_res_high                            1.6900 
_refine.ls_d_res_low                             44.3800 
_refine.pdbx_ls_sigma_F                          0.000 
_refine.pdbx_data_cutoff_high_absF               ? 
_refine.pdbx_data_cutoff_low_absF                ? 
_refine.ls_percent_reflns_obs                    98.6700 
_refine.ls_number_reflns_obs                     20587 
_refine.ls_number_reflns_all                     ? 
_refine.pdbx_ls_cross_valid_method               THROUGHOUT 
_refine.ls_matrix_type                           ? 
_refine.pdbx_R_Free_selection_details            RANDOM 
_refine.details                                  
'HYDROGENS HAVE BEEN ADDED IN THE RIDING POSITIONS U VALUES : REFINED INDIVIDUALLY' 
_refine.ls_R_factor_all                          ? 
_refine.ls_R_factor_obs                          0.2006 
_refine.ls_R_factor_R_work                       0.1981 
_refine.ls_wR_factor_R_work                      ? 
_refine.ls_R_factor_R_free                       0.2538 
_refine.ls_wR_factor_R_free                      ? 
_refine.ls_percent_reflns_R_free                 4.9000 
_refine.ls_number_reflns_R_free                  1055 
_refine.ls_number_reflns_R_work                  ? 
_refine.ls_R_factor_R_free_error                 ? 
_refine.B_iso_mean                               34.2100 
_refine.solvent_model_param_bsol                 ? 
_refine.solvent_model_param_ksol                 ? 
_refine.pdbx_isotropic_thermal_model             ? 
_refine.aniso_B[1][1]                            1.5600 
_refine.aniso_B[2][2]                            -1.8300 
_refine.aniso_B[3][3]                            0.2800 
_refine.aniso_B[1][2]                            0.0000 
_refine.aniso_B[1][3]                            -0.0000 
_refine.aniso_B[2][3]                            0.0000 
_refine.correlation_coeff_Fo_to_Fc               0.9590 
_refine.correlation_coeff_Fo_to_Fc_free          0.9240 
_refine.overall_SU_R_Cruickshank_DPI             ? 
_refine.pdbx_overall_SU_R_free_Cruickshank_DPI   ? 
_refine.pdbx_overall_SU_R_Blow_DPI               ? 
_refine.pdbx_overall_SU_R_free_Blow_DPI          ? 
_refine.overall_SU_R_free                        ? 
_refine.pdbx_overall_ESU_R                       0.1160 
_refine.pdbx_overall_ESU_R_Free                  0.1230 
_refine.overall_SU_ML                            0.0870 
_refine.overall_SU_B                             2.6730 
_refine.solvent_model_details                    MASK 
_refine.pdbx_solvent_vdw_probe_radii             1.2000 
_refine.pdbx_solvent_ion_probe_radii             0.8000 
_refine.pdbx_solvent_shrinkage_radii             0.8000 
_refine.ls_number_parameters                     ? 
_refine.ls_number_restraints                     ? 
_refine.pdbx_starting_model                      'PDB entry 5MP0' 
_refine.pdbx_method_to_determine_struct          'FOURIER SYNTHESIS' 
_refine.pdbx_stereochemistry_target_values       'MAXIMUM LIKELIHOOD' 
_refine.pdbx_stereochem_target_val_spec_case     ? 
_refine.overall_FOM_work_R_set                   ? 
_refine.B_iso_max                                96.680 
_refine.B_iso_min                                16.420 
_refine.pdbx_overall_phase_error                 ? 
_refine.occupancy_max                            ? 
_refine.occupancy_min                            ? 
_refine.pdbx_diffrn_id                           1 
_refine.pdbx_TLS_residual_ADP_flag               ? 
_refine.pdbx_ls_sigma_I                          ? 
_refine.pdbx_data_cutoff_high_rms_absF           ? 
_refine.ls_R_factor_R_free_error_details         ? 
# 
_refine_hist.cycle_id                         final 
_refine_hist.pdbx_refine_id                   'X-RAY DIFFRACTION' 
_refine_hist.d_res_high                       1.6900 
_refine_hist.d_res_low                        44.3800 
_refine_hist.pdbx_number_atoms_ligand         41 
_refine_hist.number_atoms_solvent             88 
_refine_hist.number_atoms_total               1324 
_refine_hist.pdbx_number_residues_total       149 
_refine_hist.pdbx_B_iso_mean_ligand           67.26 
_refine_hist.pdbx_B_iso_mean_solvent          39.79 
_refine_hist.pdbx_number_atoms_protein        1195 
_refine_hist.pdbx_number_atoms_nucleic_acid   0 
# 
loop_
_refine_ls_restr.pdbx_refine_id 
_refine_ls_restr.type 
_refine_ls_restr.number 
_refine_ls_restr.dev_ideal 
_refine_ls_restr.dev_ideal_target 
_refine_ls_restr.weight 
_refine_ls_restr.pdbx_restraint_function 
'X-RAY DIFFRACTION' r_bond_refined_d       1809 0.020  0.019  ? ? 
'X-RAY DIFFRACTION' r_bond_other_d         1473 0.003  0.020  ? ? 
'X-RAY DIFFRACTION' r_angle_refined_deg    2141 2.084  1.969  ? ? 
'X-RAY DIFFRACTION' r_angle_other_deg      3413 1.185  2.963  ? ? 
'X-RAY DIFFRACTION' r_dihedral_angle_1_deg 196  6.767  5.000  ? ? 
'X-RAY DIFFRACTION' r_dihedral_angle_2_deg 77   29.764 21.169 ? ? 
'X-RAY DIFFRACTION' r_dihedral_angle_3_deg 268  15.680 15.000 ? ? 
'X-RAY DIFFRACTION' r_dihedral_angle_4_deg 19   23.226 15.000 ? ? 
'X-RAY DIFFRACTION' r_chiral_restr         208  0.133  0.200  ? ? 
'X-RAY DIFFRACTION' r_gen_planes_refined   1830 0.011  0.021  ? ? 
'X-RAY DIFFRACTION' r_gen_planes_other     369  0.003  0.020  ? ? 
'X-RAY DIFFRACTION' r_mcbond_it            818  3.006  3.105  ? ? 
'X-RAY DIFFRACTION' r_mcbond_other         811  2.995  3.078  ? ? 
'X-RAY DIFFRACTION' r_mcangle_it           940  4.506  4.542  ? ? 
# 
_refine_ls_shell.d_res_high                       1.6910 
_refine_ls_shell.d_res_low                        1.7350 
_refine_ls_shell.pdbx_total_number_of_bins_used   20 
_refine_ls_shell.percent_reflns_obs               96.9800 
_refine_ls_shell.number_reflns_R_work             1473 
_refine_ls_shell.R_factor_all                     ? 
_refine_ls_shell.R_factor_R_work                  0.3460 
_refine_ls_shell.R_factor_R_free                  0.4120 
_refine_ls_shell.percent_reflns_R_free            ? 
_refine_ls_shell.number_reflns_R_free             69 
_refine_ls_shell.R_factor_R_free_error            ? 
_refine_ls_shell.number_reflns_all                1542 
_refine_ls_shell.number_reflns_obs                ? 
_refine_ls_shell.pdbx_refine_id                   'X-RAY DIFFRACTION' 
# 
_struct.entry_id                  5QOY 
_struct.title                     
'PanDDA analysis group deposition -- Crystal Structure of DCP2 (NUDT20) in complex with YW-FY-378' 
_struct.pdbx_model_details        ? 
_struct.pdbx_CASP_flag            ? 
_struct.pdbx_model_type_details   ? 
# 
_struct_keywords.entry_id        5QOY 
_struct_keywords.text            'SGC - Diamond I04-1 fragment screening, PanDDA, XChemExplorer, HYDROLASE' 
_struct_keywords.pdbx_keywords   HYDROLASE 
# 
loop_
_struct_asym.id 
_struct_asym.pdbx_blank_PDB_chainid_flag 
_struct_asym.pdbx_modified 
_struct_asym.entity_id 
_struct_asym.details 
A N N 1 ? 
B N N 2 ? 
C N N 2 ? 
D N N 3 ? 
E N N 4 ? 
F N N 4 ? 
G N N 5 ? 
H N N 6 ? 
# 
_struct_ref.id                         1 
_struct_ref.db_name                    UNP 
_struct_ref.db_code                    DCP2_HUMAN 
_struct_ref.pdbx_db_accession          Q8IU60 
_struct_ref.pdbx_db_isoform            ? 
_struct_ref.entity_id                  1 
_struct_ref.pdbx_seq_one_letter_code   
;MGVPTYGAIILDETLENVLLVQGYLAKSGWGFPKGKVNKEEAPHDCAAREVFEETGFDIKDYICKDDYIELRINDQLARL
YIIPGIPKDTKFNPKTRREIRNIEWFSIEKLPCHRNDMTPKSKLGLAPNKFFMAIPFIRPLRDWLSRRFGDSSDSDNGFS
STGSTP
;
_struct_ref.pdbx_align_begin           95 
# 
_struct_ref_seq.align_id                      1 
_struct_ref_seq.ref_id                        1 
_struct_ref_seq.pdbx_PDB_id_code              5QOY 
_struct_ref_seq.pdbx_strand_id                A 
_struct_ref_seq.seq_align_beg                 2 
_struct_ref_seq.pdbx_seq_align_beg_ins_code   ? 
_struct_ref_seq.seq_align_end                 167 
_struct_ref_seq.pdbx_seq_align_end_ins_code   ? 
_struct_ref_seq.pdbx_db_accession             Q8IU60 
_struct_ref_seq.db_align_beg                  95 
_struct_ref_seq.pdbx_db_align_beg_ins_code    ? 
_struct_ref_seq.db_align_end                  260 
_struct_ref_seq.pdbx_db_align_end_ins_code    ? 
_struct_ref_seq.pdbx_auth_seq_align_beg       95 
_struct_ref_seq.pdbx_auth_seq_align_end       260 
# 
_struct_ref_seq_dif.align_id                     1 
_struct_ref_seq_dif.pdbx_pdb_id_code             5QOY 
_struct_ref_seq_dif.mon_id                       SER 
_struct_ref_seq_dif.pdbx_pdb_strand_id           A 
_struct_ref_seq_dif.seq_num                      1 
_struct_ref_seq_dif.pdbx_pdb_ins_code            ? 
_struct_ref_seq_dif.pdbx_seq_db_name             UNP 
_struct_ref_seq_dif.pdbx_seq_db_accession_code   Q8IU60 
_struct_ref_seq_dif.db_mon_id                    ? 
_struct_ref_seq_dif.pdbx_seq_db_seq_num          ? 
_struct_ref_seq_dif.details                      'expression tag' 
_struct_ref_seq_dif.pdbx_auth_seq_num            94 
_struct_ref_seq_dif.pdbx_ordinal                 1 
# 
_pdbx_struct_assembly.id                   1 
_pdbx_struct_assembly.details              author_and_software_defined_assembly 
_pdbx_struct_assembly.method_details       PISA 
_pdbx_struct_assembly.oligomeric_details   monomeric 
_pdbx_struct_assembly.oligomeric_count     1 
# 
loop_
_pdbx_struct_assembly_prop.biol_id 
_pdbx_struct_assembly_prop.type 
_pdbx_struct_assembly_prop.value 
_pdbx_struct_assembly_prop.details 
1 'ABSA (A^2)' 870  ? 
1 MORE         4    ? 
1 'SSA (A^2)'  8550 ? 
# 
_pdbx_struct_assembly_gen.assembly_id       1 
_pdbx_struct_assembly_gen.oper_expression   1 
_pdbx_struct_assembly_gen.asym_id_list      A,B,C,D,E,F,G,H 
# 
_pdbx_struct_oper_list.id                   1 
_pdbx_struct_oper_list.type                 'identity operation' 
_pdbx_struct_oper_list.name                 1_555 
_pdbx_struct_oper_list.symmetry_operation   x,y,z 
_pdbx_struct_oper_list.matrix[1][1]         1.0000000000 
_pdbx_struct_oper_list.matrix[1][2]         0.0000000000 
_pdbx_struct_oper_list.matrix[1][3]         0.0000000000 
_pdbx_struct_oper_list.vector[1]            0.0000000000 
_pdbx_struct_oper_list.matrix[2][1]         0.0000000000 
_pdbx_struct_oper_list.matrix[2][2]         1.0000000000 
_pdbx_struct_oper_list.matrix[2][3]         0.0000000000 
_pdbx_struct_oper_list.vector[2]            0.0000000000 
_pdbx_struct_oper_list.matrix[3][1]         0.0000000000 
_pdbx_struct_oper_list.matrix[3][2]         0.0000000000 
_pdbx_struct_oper_list.matrix[3][3]         1.0000000000 
_pdbx_struct_oper_list.vector[3]            0.0000000000 
# 
loop_
_struct_conf.conf_type_id 
_struct_conf.id 
_struct_conf.pdbx_PDB_helix_id 
_struct_conf.beg_label_comp_id 
_struct_conf.beg_label_asym_id 
_struct_conf.beg_label_seq_id 
_struct_conf.pdbx_beg_PDB_ins_code 
_struct_conf.end_label_comp_id 
_struct_conf.end_label_asym_id 
_struct_conf.end_label_seq_id 
_struct_conf.pdbx_end_PDB_ins_code 
_struct_conf.beg_auth_comp_id 
_struct_conf.beg_auth_asym_id 
_struct_conf.beg_auth_seq_id 
_struct_conf.end_auth_comp_id 
_struct_conf.end_auth_asym_id 
_struct_conf.end_auth_seq_id 
_struct_conf.pdbx_PDB_helix_class 
_struct_conf.details 
_struct_conf.pdbx_PDB_helix_length 
HELX_P HELX_P1 AA1 TYR A 25  ? SER A 29  ? TYR A 118 SER A 122 5 ? 5  
HELX_P HELX_P2 AA2 ALA A 43  ? GLY A 57  ? ALA A 136 GLY A 150 1 ? 15 
HELX_P HELX_P3 AA3 GLU A 110 ? LEU A 112 ? GLU A 203 LEU A 205 5 ? 3  
HELX_P HELX_P4 AA4 MET A 119 ? SER A 123 ? MET A 212 SER A 216 5 ? 5  
HELX_P HELX_P5 AA5 ALA A 135 ? PHE A 150 ? ALA A 228 PHE A 243 1 ? 16 
# 
_struct_conf_type.id          HELX_P 
_struct_conf_type.criteria    ? 
_struct_conf_type.reference   ? 
# 
loop_
_struct_sheet.id 
_struct_sheet.type 
_struct_sheet.number_strands 
_struct_sheet.details 
AA1 ? 4 ? 
AA2 ? 3 ? 
# 
loop_
_struct_sheet_order.sheet_id 
_struct_sheet_order.range_id_1 
_struct_sheet_order.range_id_2 
_struct_sheet_order.offset 
_struct_sheet_order.sense 
AA1 1 2 ? anti-parallel 
AA1 2 3 ? parallel      
AA1 3 4 ? anti-parallel 
AA2 1 2 ? anti-parallel 
AA2 2 3 ? anti-parallel 
# 
loop_
_struct_sheet_range.sheet_id 
_struct_sheet_range.id 
_struct_sheet_range.beg_label_comp_id 
_struct_sheet_range.beg_label_asym_id 
_struct_sheet_range.beg_label_seq_id 
_struct_sheet_range.pdbx_beg_PDB_ins_code 
_struct_sheet_range.end_label_comp_id 
_struct_sheet_range.end_label_asym_id 
_struct_sheet_range.end_label_seq_id 
_struct_sheet_range.pdbx_end_PDB_ins_code 
_struct_sheet_range.beg_auth_comp_id 
_struct_sheet_range.beg_auth_asym_id 
_struct_sheet_range.beg_auth_seq_id 
_struct_sheet_range.end_auth_comp_id 
_struct_sheet_range.end_auth_asym_id 
_struct_sheet_range.end_auth_seq_id 
AA1 1 LYS A 35  ? LYS A 37  ? LYS A 128 LYS A 130 
AA1 2 THR A 6   ? ILE A 11  ? THR A 99  ILE A 104 
AA1 3 GLN A 77  ? ILE A 84  ? GLN A 170 ILE A 177 
AA1 4 TYR A 69  ? ILE A 74  ? TYR A 162 ILE A 167 
AA2 1 TRP A 31  ? GLY A 32  ? TRP A 124 GLY A 125 
AA2 2 ASN A 18  ? GLN A 23  ? ASN A 111 GLN A 116 
AA2 3 ASN A 103 ? SER A 108 ? ASN A 196 SER A 201 
# 
loop_
_pdbx_struct_sheet_hbond.sheet_id 
_pdbx_struct_sheet_hbond.range_id_1 
_pdbx_struct_sheet_hbond.range_id_2 
_pdbx_struct_sheet_hbond.range_1_label_atom_id 
_pdbx_struct_sheet_hbond.range_1_label_comp_id 
_pdbx_struct_sheet_hbond.range_1_label_asym_id 
_pdbx_struct_sheet_hbond.range_1_label_seq_id 
_pdbx_struct_sheet_hbond.range_1_PDB_ins_code 
_pdbx_struct_sheet_hbond.range_1_auth_atom_id 
_pdbx_struct_sheet_hbond.range_1_auth_comp_id 
_pdbx_struct_sheet_hbond.range_1_auth_asym_id 
_pdbx_struct_sheet_hbond.range_1_auth_seq_id 
_pdbx_struct_sheet_hbond.range_2_label_atom_id 
_pdbx_struct_sheet_hbond.range_2_label_comp_id 
_pdbx_struct_sheet_hbond.range_2_label_asym_id 
_pdbx_struct_sheet_hbond.range_2_label_seq_id 
_pdbx_struct_sheet_hbond.range_2_PDB_ins_code 
_pdbx_struct_sheet_hbond.range_2_auth_atom_id 
_pdbx_struct_sheet_hbond.range_2_auth_comp_id 
_pdbx_struct_sheet_hbond.range_2_auth_asym_id 
_pdbx_struct_sheet_hbond.range_2_auth_seq_id 
AA1 1 2 O GLY A 36 ? O GLY A 129 N TYR A 7   ? N TYR A 100 
AA1 2 3 N ILE A 10 ? N ILE A 103 O ILE A 84  ? O ILE A 177 
AA1 3 4 O LEU A 81 ? O LEU A 174 N ILE A 70  ? N ILE A 163 
AA2 1 2 O GLY A 32 ? O GLY A 125 N VAL A 22  ? N VAL A 115 
AA2 2 3 N LEU A 21 ? N LEU A 114 O GLU A 105 ? O GLU A 198 
# 
loop_
_struct_site.id 
_struct_site.pdbx_evidence_code 
_struct_site.pdbx_auth_asym_id 
_struct_site.pdbx_auth_comp_id 
_struct_site.pdbx_auth_seq_id 
_struct_site.pdbx_auth_ins_code 
_struct_site.pdbx_num_residues 
_struct_site.details 
AC1 Software A EDO 301 ? 4  'binding site for residue EDO A 301' 
AC2 Software A EDO 302 ? 5  'binding site for residue EDO A 302' 
AC3 Software A DMS 303 ? 2  'binding site for residue DMS A 303' 
AC4 Software A ACT 304 ? 3  'binding site for residue ACT A 304' 
AC5 Software A ACT 305 ? 5  'binding site for residue ACT A 305' 
AC6 Software A LFJ 306 ? 12 'binding site for residue LFJ A 306' 
# 
loop_
_struct_site_gen.id 
_struct_site_gen.site_id 
_struct_site_gen.pdbx_num_res 
_struct_site_gen.label_comp_id 
_struct_site_gen.label_asym_id 
_struct_site_gen.label_seq_id 
_struct_site_gen.pdbx_auth_ins_code 
_struct_site_gen.auth_comp_id 
_struct_site_gen.auth_asym_id 
_struct_site_gen.auth_seq_id 
_struct_site_gen.label_atom_id 
_struct_site_gen.label_alt_id 
_struct_site_gen.symmetry 
_struct_site_gen.details 
1  AC1 4  PHE A 53  ? PHE A 146 . ? 1_555 ? 
2  AC1 4  ASP A 59  ? ASP A 152 . ? 1_555 ? 
3  AC1 4  HOH H .   ? HOH A 431 . ? 1_555 ? 
4  AC1 4  HOH H .   ? HOH A 433 . ? 1_555 ? 
5  AC2 5  PRO A 129 ? PRO A 222 . ? 1_555 ? 
6  AC2 5  ASN A 130 ? ASN A 223 . ? 1_555 ? 
7  AC2 5  LYS A 131 ? LYS A 224 . ? 1_555 ? 
8  AC2 5  ACT F .   ? ACT A 305 . ? 1_555 ? 
9  AC2 5  HOH H .   ? HOH A 425 . ? 1_555 ? 
10 AC3 2  ASN A 18  ? ASN A 111 . ? 1_555 ? 
11 AC3 2  TRP A 106 ? TRP A 199 . ? 1_555 ? 
12 AC4 3  SER A 29  ? SER A 122 . ? 1_555 ? 
13 AC4 3  TYR A 63  ? TYR A 156 . ? 3_357 ? 
14 AC4 3  HOH H .   ? HOH A 424 . ? 1_555 ? 
15 AC5 5  ARG A 116 ? ARG A 209 . ? 1_555 ? 
16 AC5 5  PRO A 129 ? PRO A 222 . ? 1_555 ? 
17 AC5 5  ASN A 130 ? ASN A 223 . ? 1_555 ? 
18 AC5 5  PHE A 133 ? PHE A 226 . ? 1_555 ? 
19 AC5 5  EDO C .   ? EDO A 302 . ? 1_555 ? 
20 AC6 12 VAL A 22  ? VAL A 115 . ? 1_555 ? 
21 AC6 12 LYS A 28  ? LYS A 121 . ? 1_555 ? 
22 AC6 12 GLY A 32  ? GLY A 125 . ? 1_555 ? 
23 AC6 12 LYS A 35  ? LYS A 128 . ? 1_555 ? 
24 AC6 12 GLY A 36  ? GLY A 129 . ? 1_555 ? 
25 AC6 12 GLU A 55  ? GLU A 148 . ? 1_555 ? 
26 AC6 12 GLU A 100 ? GLU A 193 . ? 1_555 ? 
27 AC6 12 LYS A 122 ? LYS A 215 . ? 2_365 ? 
28 AC6 12 HOH H .   ? HOH A 405 . ? 1_555 ? 
29 AC6 12 HOH H .   ? HOH A 413 . ? 1_555 ? 
30 AC6 12 HOH H .   ? HOH A 428 . ? 1_555 ? 
31 AC6 12 HOH H .   ? HOH A 472 . ? 1_555 ? 
# 
_pdbx_validate_close_contact.id               1 
_pdbx_validate_close_contact.PDB_model_num    1 
_pdbx_validate_close_contact.auth_atom_id_1   OH 
_pdbx_validate_close_contact.auth_asym_id_1   A 
_pdbx_validate_close_contact.auth_comp_id_1   TYR 
_pdbx_validate_close_contact.auth_seq_id_1    118 
_pdbx_validate_close_contact.PDB_ins_code_1   ? 
_pdbx_validate_close_contact.label_alt_id_1   ? 
_pdbx_validate_close_contact.auth_atom_id_2   O 
_pdbx_validate_close_contact.auth_asym_id_2   A 
_pdbx_validate_close_contact.auth_comp_id_2   HOH 
_pdbx_validate_close_contact.auth_seq_id_2    401 
_pdbx_validate_close_contact.PDB_ins_code_2   ? 
_pdbx_validate_close_contact.label_alt_id_2   ? 
_pdbx_validate_close_contact.dist             2.16 
# 
loop_
_pdbx_validate_rmsd_bond.id 
_pdbx_validate_rmsd_bond.PDB_model_num 
_pdbx_validate_rmsd_bond.auth_atom_id_1 
_pdbx_validate_rmsd_bond.auth_asym_id_1 
_pdbx_validate_rmsd_bond.auth_comp_id_1 
_pdbx_validate_rmsd_bond.auth_seq_id_1 
_pdbx_validate_rmsd_bond.PDB_ins_code_1 
_pdbx_validate_rmsd_bond.label_alt_id_1 
_pdbx_validate_rmsd_bond.auth_atom_id_2 
_pdbx_validate_rmsd_bond.auth_asym_id_2 
_pdbx_validate_rmsd_bond.auth_comp_id_2 
_pdbx_validate_rmsd_bond.auth_seq_id_2 
_pdbx_validate_rmsd_bond.PDB_ins_code_2 
_pdbx_validate_rmsd_bond.label_alt_id_2 
_pdbx_validate_rmsd_bond.bond_value 
_pdbx_validate_rmsd_bond.bond_target_value 
_pdbx_validate_rmsd_bond.bond_deviation 
_pdbx_validate_rmsd_bond.bond_standard_deviation 
_pdbx_validate_rmsd_bond.linker_flag 
1 1 CB A SER 122 ? ? OG A SER 122 ? ? 1.337 1.418 -0.081 0.013 N 
2 1 CB A TYR 156 ? ? CG A TYR 156 ? ? 1.422 1.512 -0.090 0.015 N 
# 
loop_
_pdbx_validate_rmsd_angle.id 
_pdbx_validate_rmsd_angle.PDB_model_num 
_pdbx_validate_rmsd_angle.auth_atom_id_1 
_pdbx_validate_rmsd_angle.auth_asym_id_1 
_pdbx_validate_rmsd_angle.auth_comp_id_1 
_pdbx_validate_rmsd_angle.auth_seq_id_1 
_pdbx_validate_rmsd_angle.PDB_ins_code_1 
_pdbx_validate_rmsd_angle.label_alt_id_1 
_pdbx_validate_rmsd_angle.auth_atom_id_2 
_pdbx_validate_rmsd_angle.auth_asym_id_2 
_pdbx_validate_rmsd_angle.auth_comp_id_2 
_pdbx_validate_rmsd_angle.auth_seq_id_2 
_pdbx_validate_rmsd_angle.PDB_ins_code_2 
_pdbx_validate_rmsd_angle.label_alt_id_2 
_pdbx_validate_rmsd_angle.auth_atom_id_3 
_pdbx_validate_rmsd_angle.auth_asym_id_3 
_pdbx_validate_rmsd_angle.auth_comp_id_3 
_pdbx_validate_rmsd_angle.auth_seq_id_3 
_pdbx_validate_rmsd_angle.PDB_ins_code_3 
_pdbx_validate_rmsd_angle.label_alt_id_3 
_pdbx_validate_rmsd_angle.angle_value 
_pdbx_validate_rmsd_angle.angle_target_value 
_pdbx_validate_rmsd_angle.angle_deviation 
_pdbx_validate_rmsd_angle.angle_standard_deviation 
_pdbx_validate_rmsd_angle.linker_flag 
1 1 CB A ASP 106 ? ? CG A ASP 106 ? ? OD2 A ASP 106 ? ? 111.79 118.30 -6.51  0.90 N 
2 1 CB A ASP 152 ? ? CG A ASP 152 ? ? OD1 A ASP 152 ? ? 124.28 118.30 5.98   0.90 N 
3 1 CB A ASP 169 ? ? CG A ASP 169 ? ? OD1 A ASP 169 ? ? 127.42 118.30 9.12   0.90 N 
4 1 CB A ASP 169 ? ? CG A ASP 169 ? ? OD2 A ASP 169 ? ? 104.48 118.30 -13.82 0.90 N 
5 1 NE A ARG 209 ? A CZ A ARG 209 ? A NH1 A ARG 209 ? A 124.38 120.30 4.08   0.50 N 
# 
loop_
_pdbx_validate_torsion.id 
_pdbx_validate_torsion.PDB_model_num 
_pdbx_validate_torsion.auth_comp_id 
_pdbx_validate_torsion.auth_asym_id 
_pdbx_validate_torsion.auth_seq_id 
_pdbx_validate_torsion.PDB_ins_code 
_pdbx_validate_torsion.label_alt_id 
_pdbx_validate_torsion.phi 
_pdbx_validate_torsion.psi 
1 1 LEU A 119 ? ? 58.61  -117.27 
2 1 ASP A 211 ? ? -77.58 -168.13 
# 
_phasing.method   MR 
# 
loop_
_pdbx_unobs_or_zero_occ_residues.id 
_pdbx_unobs_or_zero_occ_residues.PDB_model_num 
_pdbx_unobs_or_zero_occ_residues.polymer_flag 
_pdbx_unobs_or_zero_occ_residues.occupancy_flag 
_pdbx_unobs_or_zero_occ_residues.auth_asym_id 
_pdbx_unobs_or_zero_occ_residues.auth_comp_id 
_pdbx_unobs_or_zero_occ_residues.auth_seq_id 
_pdbx_unobs_or_zero_occ_residues.PDB_ins_code 
_pdbx_unobs_or_zero_occ_residues.label_asym_id 
_pdbx_unobs_or_zero_occ_residues.label_comp_id 
_pdbx_unobs_or_zero_occ_residues.label_seq_id 
1  1 Y 1 A SER 94  ? A SER 1   
2  1 Y 1 A MET 95  ? A MET 2   
3  1 Y 1 A ASP 245 ? A ASP 152 
4  1 Y 1 A SER 246 ? A SER 153 
5  1 Y 1 A SER 247 ? A SER 154 
6  1 Y 1 A ASP 248 ? A ASP 155 
7  1 Y 1 A SER 249 ? A SER 156 
8  1 Y 1 A ASP 250 ? A ASP 157 
9  1 Y 1 A ASN 251 ? A ASN 158 
10 1 Y 1 A GLY 252 ? A GLY 159 
11 1 Y 1 A PHE 253 ? A PHE 160 
12 1 Y 1 A SER 254 ? A SER 161 
13 1 Y 1 A SER 255 ? A SER 162 
14 1 Y 1 A THR 256 ? A THR 163 
15 1 Y 1 A GLY 257 ? A GLY 164 
16 1 Y 1 A SER 258 ? A SER 165 
17 1 Y 1 A THR 259 ? A THR 166 
18 1 Y 1 A PRO 260 ? A PRO 167 
# 
loop_
_chem_comp_atom.comp_id 
_chem_comp_atom.atom_id 
_chem_comp_atom.type_symbol 
_chem_comp_atom.pdbx_aromatic_flag 
_chem_comp_atom.pdbx_stereo_config 
_chem_comp_atom.pdbx_ordinal 
ACT C    C N N 1   
ACT O    O N N 2   
ACT OXT  O N N 3   
ACT CH3  C N N 4   
ACT H1   H N N 5   
ACT H2   H N N 6   
ACT H3   H N N 7   
ALA N    N N N 8   
ALA CA   C N S 9   
ALA C    C N N 10  
ALA O    O N N 11  
ALA CB   C N N 12  
ALA OXT  O N N 13  
ALA H    H N N 14  
ALA H2   H N N 15  
ALA HA   H N N 16  
ALA HB1  H N N 17  
ALA HB2  H N N 18  
ALA HB3  H N N 19  
ALA HXT  H N N 20  
ARG N    N N N 21  
ARG CA   C N S 22  
ARG C    C N N 23  
ARG O    O N N 24  
ARG CB   C N N 25  
ARG CG   C N N 26  
ARG CD   C N N 27  
ARG NE   N N N 28  
ARG CZ   C N N 29  
ARG NH1  N N N 30  
ARG NH2  N N N 31  
ARG OXT  O N N 32  
ARG H    H N N 33  
ARG H2   H N N 34  
ARG HA   H N N 35  
ARG HB2  H N N 36  
ARG HB3  H N N 37  
ARG HG2  H N N 38  
ARG HG3  H N N 39  
ARG HD2  H N N 40  
ARG HD3  H N N 41  
ARG HE   H N N 42  
ARG HH11 H N N 43  
ARG HH12 H N N 44  
ARG HH21 H N N 45  
ARG HH22 H N N 46  
ARG HXT  H N N 47  
ASN N    N N N 48  
ASN CA   C N S 49  
ASN C    C N N 50  
ASN O    O N N 51  
ASN CB   C N N 52  
ASN CG   C N N 53  
ASN OD1  O N N 54  
ASN ND2  N N N 55  
ASN OXT  O N N 56  
ASN H    H N N 57  
ASN H2   H N N 58  
ASN HA   H N N 59  
ASN HB2  H N N 60  
ASN HB3  H N N 61  
ASN HD21 H N N 62  
ASN HD22 H N N 63  
ASN HXT  H N N 64  
ASP N    N N N 65  
ASP CA   C N S 66  
ASP C    C N N 67  
ASP O    O N N 68  
ASP CB   C N N 69  
ASP CG   C N N 70  
ASP OD1  O N N 71  
ASP OD2  O N N 72  
ASP OXT  O N N 73  
ASP H    H N N 74  
ASP H2   H N N 75  
ASP HA   H N N 76  
ASP HB2  H N N 77  
ASP HB3  H N N 78  
ASP HD2  H N N 79  
ASP HXT  H N N 80  
CYS N    N N N 81  
CYS CA   C N R 82  
CYS C    C N N 83  
CYS O    O N N 84  
CYS CB   C N N 85  
CYS SG   S N N 86  
CYS OXT  O N N 87  
CYS H    H N N 88  
CYS H2   H N N 89  
CYS HA   H N N 90  
CYS HB2  H N N 91  
CYS HB3  H N N 92  
CYS HG   H N N 93  
CYS HXT  H N N 94  
DMS S    S N N 95  
DMS O    O N N 96  
DMS C1   C N N 97  
DMS C2   C N N 98  
DMS H11  H N N 99  
DMS H12  H N N 100 
DMS H13  H N N 101 
DMS H21  H N N 102 
DMS H22  H N N 103 
DMS H23  H N N 104 
EDO C1   C N N 105 
EDO O1   O N N 106 
EDO C2   C N N 107 
EDO O2   O N N 108 
EDO H11  H N N 109 
EDO H12  H N N 110 
EDO HO1  H N N 111 
EDO H21  H N N 112 
EDO H22  H N N 113 
EDO HO2  H N N 114 
GLN N    N N N 115 
GLN CA   C N S 116 
GLN C    C N N 117 
GLN O    O N N 118 
GLN CB   C N N 119 
GLN CG   C N N 120 
GLN CD   C N N 121 
GLN OE1  O N N 122 
GLN NE2  N N N 123 
GLN OXT  O N N 124 
GLN H    H N N 125 
GLN H2   H N N 126 
GLN HA   H N N 127 
GLN HB2  H N N 128 
GLN HB3  H N N 129 
GLN HG2  H N N 130 
GLN HG3  H N N 131 
GLN HE21 H N N 132 
GLN HE22 H N N 133 
GLN HXT  H N N 134 
GLU N    N N N 135 
GLU CA   C N S 136 
GLU C    C N N 137 
GLU O    O N N 138 
GLU CB   C N N 139 
GLU CG   C N N 140 
GLU CD   C N N 141 
GLU OE1  O N N 142 
GLU OE2  O N N 143 
GLU OXT  O N N 144 
GLU H    H N N 145 
GLU H2   H N N 146 
GLU HA   H N N 147 
GLU HB2  H N N 148 
GLU HB3  H N N 149 
GLU HG2  H N N 150 
GLU HG3  H N N 151 
GLU HE2  H N N 152 
GLU HXT  H N N 153 
GLY N    N N N 154 
GLY CA   C N N 155 
GLY C    C N N 156 
GLY O    O N N 157 
GLY OXT  O N N 158 
GLY H    H N N 159 
GLY H2   H N N 160 
GLY HA2  H N N 161 
GLY HA3  H N N 162 
GLY HXT  H N N 163 
HIS N    N N N 164 
HIS CA   C N S 165 
HIS C    C N N 166 
HIS O    O N N 167 
HIS CB   C N N 168 
HIS CG   C Y N 169 
HIS ND1  N Y N 170 
HIS CD2  C Y N 171 
HIS CE1  C Y N 172 
HIS NE2  N Y N 173 
HIS OXT  O N N 174 
HIS H    H N N 175 
HIS H2   H N N 176 
HIS HA   H N N 177 
HIS HB2  H N N 178 
HIS HB3  H N N 179 
HIS HD1  H N N 180 
HIS HD2  H N N 181 
HIS HE1  H N N 182 
HIS HE2  H N N 183 
HIS HXT  H N N 184 
HOH O    O N N 185 
HOH H1   H N N 186 
HOH H2   H N N 187 
ILE N    N N N 188 
ILE CA   C N S 189 
ILE C    C N N 190 
ILE O    O N N 191 
ILE CB   C N S 192 
ILE CG1  C N N 193 
ILE CG2  C N N 194 
ILE CD1  C N N 195 
ILE OXT  O N N 196 
ILE H    H N N 197 
ILE H2   H N N 198 
ILE HA   H N N 199 
ILE HB   H N N 200 
ILE HG12 H N N 201 
ILE HG13 H N N 202 
ILE HG21 H N N 203 
ILE HG22 H N N 204 
ILE HG23 H N N 205 
ILE HD11 H N N 206 
ILE HD12 H N N 207 
ILE HD13 H N N 208 
ILE HXT  H N N 209 
LEU N    N N N 210 
LEU CA   C N S 211 
LEU C    C N N 212 
LEU O    O N N 213 
LEU CB   C N N 214 
LEU CG   C N N 215 
LEU CD1  C N N 216 
LEU CD2  C N N 217 
LEU OXT  O N N 218 
LEU H    H N N 219 
LEU H2   H N N 220 
LEU HA   H N N 221 
LEU HB2  H N N 222 
LEU HB3  H N N 223 
LEU HG   H N N 224 
LEU HD11 H N N 225 
LEU HD12 H N N 226 
LEU HD13 H N N 227 
LEU HD21 H N N 228 
LEU HD22 H N N 229 
LEU HD23 H N N 230 
LEU HXT  H N N 231 
LFJ N1   N N N 232 
LFJ C4   C N N 233 
LFJ C5   C N N 234 
LFJ C6   C N N 235 
LFJ C7   C N N 236 
LFJ C8   C N N 237 
LFJ C10  C Y N 238 
LFJ C13  C Y N 239 
LFJ C15  C Y N 240 
LFJ C1   C N N 241 
LFJ C11  C Y N 242 
LFJ C12  C N N 243 
LFJ C14  C Y N 244 
LFJ C2   C N N 245 
LFJ C3   C N N 246 
LFJ C9   C Y N 247 
LFJ N2   N N N 248 
LFJ O1   O N N 249 
LFJ O2   O N N 250 
LFJ O3   O N N 251 
LFJ O4   O N N 252 
LFJ H1   H N N 253 
LFJ H2   H N N 254 
LFJ H3   H N N 255 
LFJ H4   H N N 256 
LFJ H5   H N N 257 
LFJ H6   H N N 258 
LFJ H7   H N N 259 
LFJ H8   H N N 260 
LFJ H9   H N N 261 
LFJ H10  H N N 262 
LFJ H11  H N N 263 
LFJ H12  H N N 264 
LFJ H13  H N N 265 
LFJ H14  H N N 266 
LFJ H15  H N N 267 
LFJ H16  H N N 268 
LYS N    N N N 269 
LYS CA   C N S 270 
LYS C    C N N 271 
LYS O    O N N 272 
LYS CB   C N N 273 
LYS CG   C N N 274 
LYS CD   C N N 275 
LYS CE   C N N 276 
LYS NZ   N N N 277 
LYS OXT  O N N 278 
LYS H    H N N 279 
LYS H2   H N N 280 
LYS HA   H N N 281 
LYS HB2  H N N 282 
LYS HB3  H N N 283 
LYS HG2  H N N 284 
LYS HG3  H N N 285 
LYS HD2  H N N 286 
LYS HD3  H N N 287 
LYS HE2  H N N 288 
LYS HE3  H N N 289 
LYS HZ1  H N N 290 
LYS HZ2  H N N 291 
LYS HZ3  H N N 292 
LYS HXT  H N N 293 
MET N    N N N 294 
MET CA   C N S 295 
MET C    C N N 296 
MET O    O N N 297 
MET CB   C N N 298 
MET CG   C N N 299 
MET SD   S N N 300 
MET CE   C N N 301 
MET OXT  O N N 302 
MET H    H N N 303 
MET H2   H N N 304 
MET HA   H N N 305 
MET HB2  H N N 306 
MET HB3  H N N 307 
MET HG2  H N N 308 
MET HG3  H N N 309 
MET HE1  H N N 310 
MET HE2  H N N 311 
MET HE3  H N N 312 
MET HXT  H N N 313 
PHE N    N N N 314 
PHE CA   C N S 315 
PHE C    C N N 316 
PHE O    O N N 317 
PHE CB   C N N 318 
PHE CG   C Y N 319 
PHE CD1  C Y N 320 
PHE CD2  C Y N 321 
PHE CE1  C Y N 322 
PHE CE2  C Y N 323 
PHE CZ   C Y N 324 
PHE OXT  O N N 325 
PHE H    H N N 326 
PHE H2   H N N 327 
PHE HA   H N N 328 
PHE HB2  H N N 329 
PHE HB3  H N N 330 
PHE HD1  H N N 331 
PHE HD2  H N N 332 
PHE HE1  H N N 333 
PHE HE2  H N N 334 
PHE HZ   H N N 335 
PHE HXT  H N N 336 
PRO N    N N N 337 
PRO CA   C N S 338 
PRO C    C N N 339 
PRO O    O N N 340 
PRO CB   C N N 341 
PRO CG   C N N 342 
PRO CD   C N N 343 
PRO OXT  O N N 344 
PRO H    H N N 345 
PRO HA   H N N 346 
PRO HB2  H N N 347 
PRO HB3  H N N 348 
PRO HG2  H N N 349 
PRO HG3  H N N 350 
PRO HD2  H N N 351 
PRO HD3  H N N 352 
PRO HXT  H N N 353 
SER N    N N N 354 
SER CA   C N S 355 
SER C    C N N 356 
SER O    O N N 357 
SER CB   C N N 358 
SER OG   O N N 359 
SER OXT  O N N 360 
SER H    H N N 361 
SER H2   H N N 362 
SER HA   H N N 363 
SER HB2  H N N 364 
SER HB3  H N N 365 
SER HG   H N N 366 
SER HXT  H N N 367 
THR N    N N N 368 
THR CA   C N S 369 
THR C    C N N 370 
THR O    O N N 371 
THR CB   C N R 372 
THR OG1  O N N 373 
THR CG2  C N N 374 
THR OXT  O N N 375 
THR H    H N N 376 
THR H2   H N N 377 
THR HA   H N N 378 
THR HB   H N N 379 
THR HG1  H N N 380 
THR HG21 H N N 381 
THR HG22 H N N 382 
THR HG23 H N N 383 
THR HXT  H N N 384 
TRP N    N N N 385 
TRP CA   C N S 386 
TRP C    C N N 387 
TRP O    O N N 388 
TRP CB   C N N 389 
TRP CG   C Y N 390 
TRP CD1  C Y N 391 
TRP CD2  C Y N 392 
TRP NE1  N Y N 393 
TRP CE2  C Y N 394 
TRP CE3  C Y N 395 
TRP CZ2  C Y N 396 
TRP CZ3  C Y N 397 
TRP CH2  C Y N 398 
TRP OXT  O N N 399 
TRP H    H N N 400 
TRP H2   H N N 401 
TRP HA   H N N 402 
TRP HB2  H N N 403 
TRP HB3  H N N 404 
TRP HD1  H N N 405 
TRP HE1  H N N 406 
TRP HE3  H N N 407 
TRP HZ2  H N N 408 
TRP HZ3  H N N 409 
TRP HH2  H N N 410 
TRP HXT  H N N 411 
TYR N    N N N 412 
TYR CA   C N S 413 
TYR C    C N N 414 
TYR O    O N N 415 
TYR CB   C N N 416 
TYR CG   C Y N 417 
TYR CD1  C Y N 418 
TYR CD2  C Y N 419 
TYR CE1  C Y N 420 
TYR CE2  C Y N 421 
TYR CZ   C Y N 422 
TYR OH   O N N 423 
TYR OXT  O N N 424 
TYR H    H N N 425 
TYR H2   H N N 426 
TYR HA   H N N 427 
TYR HB2  H N N 428 
TYR HB3  H N N 429 
TYR HD1  H N N 430 
TYR HD2  H N N 431 
TYR HE1  H N N 432 
TYR HE2  H N N 433 
TYR HH   H N N 434 
TYR HXT  H N N 435 
VAL N    N N N 436 
VAL CA   C N S 437 
VAL C    C N N 438 
VAL O    O N N 439 
VAL CB   C N N 440 
VAL CG1  C N N 441 
VAL CG2  C N N 442 
VAL OXT  O N N 443 
VAL H    H N N 444 
VAL H2   H N N 445 
VAL HA   H N N 446 
VAL HB   H N N 447 
VAL HG11 H N N 448 
VAL HG12 H N N 449 
VAL HG13 H N N 450 
VAL HG21 H N N 451 
VAL HG22 H N N 452 
VAL HG23 H N N 453 
VAL HXT  H N N 454 
# 
loop_
_chem_comp_bond.comp_id 
_chem_comp_bond.atom_id_1 
_chem_comp_bond.atom_id_2 
_chem_comp_bond.value_order 
_chem_comp_bond.pdbx_aromatic_flag 
_chem_comp_bond.pdbx_stereo_config 
_chem_comp_bond.pdbx_ordinal 
ACT C   O    doub N N 1   
ACT C   OXT  sing N N 2   
ACT C   CH3  sing N N 3   
ACT CH3 H1   sing N N 4   
ACT CH3 H2   sing N N 5   
ACT CH3 H3   sing N N 6   
ALA N   CA   sing N N 7   
ALA N   H    sing N N 8   
ALA N   H2   sing N N 9   
ALA CA  C    sing N N 10  
ALA CA  CB   sing N N 11  
ALA CA  HA   sing N N 12  
ALA C   O    doub N N 13  
ALA C   OXT  sing N N 14  
ALA CB  HB1  sing N N 15  
ALA CB  HB2  sing N N 16  
ALA CB  HB3  sing N N 17  
ALA OXT HXT  sing N N 18  
ARG N   CA   sing N N 19  
ARG N   H    sing N N 20  
ARG N   H2   sing N N 21  
ARG CA  C    sing N N 22  
ARG CA  CB   sing N N 23  
ARG CA  HA   sing N N 24  
ARG C   O    doub N N 25  
ARG C   OXT  sing N N 26  
ARG CB  CG   sing N N 27  
ARG CB  HB2  sing N N 28  
ARG CB  HB3  sing N N 29  
ARG CG  CD   sing N N 30  
ARG CG  HG2  sing N N 31  
ARG CG  HG3  sing N N 32  
ARG CD  NE   sing N N 33  
ARG CD  HD2  sing N N 34  
ARG CD  HD3  sing N N 35  
ARG NE  CZ   sing N N 36  
ARG NE  HE   sing N N 37  
ARG CZ  NH1  sing N N 38  
ARG CZ  NH2  doub N N 39  
ARG NH1 HH11 sing N N 40  
ARG NH1 HH12 sing N N 41  
ARG NH2 HH21 sing N N 42  
ARG NH2 HH22 sing N N 43  
ARG OXT HXT  sing N N 44  
ASN N   CA   sing N N 45  
ASN N   H    sing N N 46  
ASN N   H2   sing N N 47  
ASN CA  C    sing N N 48  
ASN CA  CB   sing N N 49  
ASN CA  HA   sing N N 50  
ASN C   O    doub N N 51  
ASN C   OXT  sing N N 52  
ASN CB  CG   sing N N 53  
ASN CB  HB2  sing N N 54  
ASN CB  HB3  sing N N 55  
ASN CG  OD1  doub N N 56  
ASN CG  ND2  sing N N 57  
ASN ND2 HD21 sing N N 58  
ASN ND2 HD22 sing N N 59  
ASN OXT HXT  sing N N 60  
ASP N   CA   sing N N 61  
ASP N   H    sing N N 62  
ASP N   H2   sing N N 63  
ASP CA  C    sing N N 64  
ASP CA  CB   sing N N 65  
ASP CA  HA   sing N N 66  
ASP C   O    doub N N 67  
ASP C   OXT  sing N N 68  
ASP CB  CG   sing N N 69  
ASP CB  HB2  sing N N 70  
ASP CB  HB3  sing N N 71  
ASP CG  OD1  doub N N 72  
ASP CG  OD2  sing N N 73  
ASP OD2 HD2  sing N N 74  
ASP OXT HXT  sing N N 75  
CYS N   CA   sing N N 76  
CYS N   H    sing N N 77  
CYS N   H2   sing N N 78  
CYS CA  C    sing N N 79  
CYS CA  CB   sing N N 80  
CYS CA  HA   sing N N 81  
CYS C   O    doub N N 82  
CYS C   OXT  sing N N 83  
CYS CB  SG   sing N N 84  
CYS CB  HB2  sing N N 85  
CYS CB  HB3  sing N N 86  
CYS SG  HG   sing N N 87  
CYS OXT HXT  sing N N 88  
DMS S   O    doub N N 89  
DMS S   C1   sing N N 90  
DMS S   C2   sing N N 91  
DMS C1  H11  sing N N 92  
DMS C1  H12  sing N N 93  
DMS C1  H13  sing N N 94  
DMS C2  H21  sing N N 95  
DMS C2  H22  sing N N 96  
DMS C2  H23  sing N N 97  
EDO C1  O1   sing N N 98  
EDO C1  C2   sing N N 99  
EDO C1  H11  sing N N 100 
EDO C1  H12  sing N N 101 
EDO O1  HO1  sing N N 102 
EDO C2  O2   sing N N 103 
EDO C2  H21  sing N N 104 
EDO C2  H22  sing N N 105 
EDO O2  HO2  sing N N 106 
GLN N   CA   sing N N 107 
GLN N   H    sing N N 108 
GLN N   H2   sing N N 109 
GLN CA  C    sing N N 110 
GLN CA  CB   sing N N 111 
GLN CA  HA   sing N N 112 
GLN C   O    doub N N 113 
GLN C   OXT  sing N N 114 
GLN CB  CG   sing N N 115 
GLN CB  HB2  sing N N 116 
GLN CB  HB3  sing N N 117 
GLN CG  CD   sing N N 118 
GLN CG  HG2  sing N N 119 
GLN CG  HG3  sing N N 120 
GLN CD  OE1  doub N N 121 
GLN CD  NE2  sing N N 122 
GLN NE2 HE21 sing N N 123 
GLN NE2 HE22 sing N N 124 
GLN OXT HXT  sing N N 125 
GLU N   CA   sing N N 126 
GLU N   H    sing N N 127 
GLU N   H2   sing N N 128 
GLU CA  C    sing N N 129 
GLU CA  CB   sing N N 130 
GLU CA  HA   sing N N 131 
GLU C   O    doub N N 132 
GLU C   OXT  sing N N 133 
GLU CB  CG   sing N N 134 
GLU CB  HB2  sing N N 135 
GLU CB  HB3  sing N N 136 
GLU CG  CD   sing N N 137 
GLU CG  HG2  sing N N 138 
GLU CG  HG3  sing N N 139 
GLU CD  OE1  doub N N 140 
GLU CD  OE2  sing N N 141 
GLU OE2 HE2  sing N N 142 
GLU OXT HXT  sing N N 143 
GLY N   CA   sing N N 144 
GLY N   H    sing N N 145 
GLY N   H2   sing N N 146 
GLY CA  C    sing N N 147 
GLY CA  HA2  sing N N 148 
GLY CA  HA3  sing N N 149 
GLY C   O    doub N N 150 
GLY C   OXT  sing N N 151 
GLY OXT HXT  sing N N 152 
HIS N   CA   sing N N 153 
HIS N   H    sing N N 154 
HIS N   H2   sing N N 155 
HIS CA  C    sing N N 156 
HIS CA  CB   sing N N 157 
HIS CA  HA   sing N N 158 
HIS C   O    doub N N 159 
HIS C   OXT  sing N N 160 
HIS CB  CG   sing N N 161 
HIS CB  HB2  sing N N 162 
HIS CB  HB3  sing N N 163 
HIS CG  ND1  sing Y N 164 
HIS CG  CD2  doub Y N 165 
HIS ND1 CE1  doub Y N 166 
HIS ND1 HD1  sing N N 167 
HIS CD2 NE2  sing Y N 168 
HIS CD2 HD2  sing N N 169 
HIS CE1 NE2  sing Y N 170 
HIS CE1 HE1  sing N N 171 
HIS NE2 HE2  sing N N 172 
HIS OXT HXT  sing N N 173 
HOH O   H1   sing N N 174 
HOH O   H2   sing N N 175 
ILE N   CA   sing N N 176 
ILE N   H    sing N N 177 
ILE N   H2   sing N N 178 
ILE CA  C    sing N N 179 
ILE CA  CB   sing N N 180 
ILE CA  HA   sing N N 181 
ILE C   O    doub N N 182 
ILE C   OXT  sing N N 183 
ILE CB  CG1  sing N N 184 
ILE CB  CG2  sing N N 185 
ILE CB  HB   sing N N 186 
ILE CG1 CD1  sing N N 187 
ILE CG1 HG12 sing N N 188 
ILE CG1 HG13 sing N N 189 
ILE CG2 HG21 sing N N 190 
ILE CG2 HG22 sing N N 191 
ILE CG2 HG23 sing N N 192 
ILE CD1 HD11 sing N N 193 
ILE CD1 HD12 sing N N 194 
ILE CD1 HD13 sing N N 195 
ILE OXT HXT  sing N N 196 
LEU N   CA   sing N N 197 
LEU N   H    sing N N 198 
LEU N   H2   sing N N 199 
LEU CA  C    sing N N 200 
LEU CA  CB   sing N N 201 
LEU CA  HA   sing N N 202 
LEU C   O    doub N N 203 
LEU C   OXT  sing N N 204 
LEU CB  CG   sing N N 205 
LEU CB  HB2  sing N N 206 
LEU CB  HB3  sing N N 207 
LEU CG  CD1  sing N N 208 
LEU CG  CD2  sing N N 209 
LEU CG  HG   sing N N 210 
LEU CD1 HD11 sing N N 211 
LEU CD1 HD12 sing N N 212 
LEU CD1 HD13 sing N N 213 
LEU CD2 HD21 sing N N 214 
LEU CD2 HD22 sing N N 215 
LEU CD2 HD23 sing N N 216 
LEU OXT HXT  sing N N 217 
LFJ O4  C12  sing N N 218 
LFJ O4  C13  sing N N 219 
LFJ C12 O3   sing N N 220 
LFJ C14 C13  doub Y N 221 
LFJ C14 C15  sing Y N 222 
LFJ C13 C11  sing Y N 223 
LFJ O3  C11  sing N N 224 
LFJ C15 C9   doub Y N 225 
LFJ C11 C10  doub Y N 226 
LFJ C9  C10  sing Y N 227 
LFJ C9  C1   sing N N 228 
LFJ C1  O1   doub N N 229 
LFJ C1  N1   sing N N 230 
LFJ N1  C8   sing N N 231 
LFJ N1  C2   sing N N 232 
LFJ C8  C7   sing N N 233 
LFJ C2  C3   sing N N 234 
LFJ C3  C4   doub N N 235 
LFJ C7  N2   sing N N 236 
LFJ C4  N2   sing N N 237 
LFJ N2  C5   sing N N 238 
LFJ O2  C5   doub N N 239 
LFJ C5  C6   sing N N 240 
LFJ C4  H1   sing N N 241 
LFJ C6  H2   sing N N 242 
LFJ C6  H3   sing N N 243 
LFJ C6  H4   sing N N 244 
LFJ C7  H5   sing N N 245 
LFJ C7  H6   sing N N 246 
LFJ C8  H7   sing N N 247 
LFJ C8  H8   sing N N 248 
LFJ C10 H9   sing N N 249 
LFJ C15 H10  sing N N 250 
LFJ C12 H11  sing N N 251 
LFJ C14 H12  sing N N 252 
LFJ C2  H13  sing N N 253 
LFJ C2  H14  sing N N 254 
LFJ C3  H15  sing N N 255 
LFJ C12 H16  sing N N 256 
LYS N   CA   sing N N 257 
LYS N   H    sing N N 258 
LYS N   H2   sing N N 259 
LYS CA  C    sing N N 260 
LYS CA  CB   sing N N 261 
LYS CA  HA   sing N N 262 
LYS C   O    doub N N 263 
LYS C   OXT  sing N N 264 
LYS CB  CG   sing N N 265 
LYS CB  HB2  sing N N 266 
LYS CB  HB3  sing N N 267 
LYS CG  CD   sing N N 268 
LYS CG  HG2  sing N N 269 
LYS CG  HG3  sing N N 270 
LYS CD  CE   sing N N 271 
LYS CD  HD2  sing N N 272 
LYS CD  HD3  sing N N 273 
LYS CE  NZ   sing N N 274 
LYS CE  HE2  sing N N 275 
LYS CE  HE3  sing N N 276 
LYS NZ  HZ1  sing N N 277 
LYS NZ  HZ2  sing N N 278 
LYS NZ  HZ3  sing N N 279 
LYS OXT HXT  sing N N 280 
MET N   CA   sing N N 281 
MET N   H    sing N N 282 
MET N   H2   sing N N 283 
MET CA  C    sing N N 284 
MET CA  CB   sing N N 285 
MET CA  HA   sing N N 286 
MET C   O    doub N N 287 
MET C   OXT  sing N N 288 
MET CB  CG   sing N N 289 
MET CB  HB2  sing N N 290 
MET CB  HB3  sing N N 291 
MET CG  SD   sing N N 292 
MET CG  HG2  sing N N 293 
MET CG  HG3  sing N N 294 
MET SD  CE   sing N N 295 
MET CE  HE1  sing N N 296 
MET CE  HE2  sing N N 297 
MET CE  HE3  sing N N 298 
MET OXT HXT  sing N N 299 
PHE N   CA   sing N N 300 
PHE N   H    sing N N 301 
PHE N   H2   sing N N 302 
PHE CA  C    sing N N 303 
PHE CA  CB   sing N N 304 
PHE CA  HA   sing N N 305 
PHE C   O    doub N N 306 
PHE C   OXT  sing N N 307 
PHE CB  CG   sing N N 308 
PHE CB  HB2  sing N N 309 
PHE CB  HB3  sing N N 310 
PHE CG  CD1  doub Y N 311 
PHE CG  CD2  sing Y N 312 
PHE CD1 CE1  sing Y N 313 
PHE CD1 HD1  sing N N 314 
PHE CD2 CE2  doub Y N 315 
PHE CD2 HD2  sing N N 316 
PHE CE1 CZ   doub Y N 317 
PHE CE1 HE1  sing N N 318 
PHE CE2 CZ   sing Y N 319 
PHE CE2 HE2  sing N N 320 
PHE CZ  HZ   sing N N 321 
PHE OXT HXT  sing N N 322 
PRO N   CA   sing N N 323 
PRO N   CD   sing N N 324 
PRO N   H    sing N N 325 
PRO CA  C    sing N N 326 
PRO CA  CB   sing N N 327 
PRO CA  HA   sing N N 328 
PRO C   O    doub N N 329 
PRO C   OXT  sing N N 330 
PRO CB  CG   sing N N 331 
PRO CB  HB2  sing N N 332 
PRO CB  HB3  sing N N 333 
PRO CG  CD   sing N N 334 
PRO CG  HG2  sing N N 335 
PRO CG  HG3  sing N N 336 
PRO CD  HD2  sing N N 337 
PRO CD  HD3  sing N N 338 
PRO OXT HXT  sing N N 339 
SER N   CA   sing N N 340 
SER N   H    sing N N 341 
SER N   H2   sing N N 342 
SER CA  C    sing N N 343 
SER CA  CB   sing N N 344 
SER CA  HA   sing N N 345 
SER C   O    doub N N 346 
SER C   OXT  sing N N 347 
SER CB  OG   sing N N 348 
SER CB  HB2  sing N N 349 
SER CB  HB3  sing N N 350 
SER OG  HG   sing N N 351 
SER OXT HXT  sing N N 352 
THR N   CA   sing N N 353 
THR N   H    sing N N 354 
THR N   H2   sing N N 355 
THR CA  C    sing N N 356 
THR CA  CB   sing N N 357 
THR CA  HA   sing N N 358 
THR C   O    doub N N 359 
THR C   OXT  sing N N 360 
THR CB  OG1  sing N N 361 
THR CB  CG2  sing N N 362 
THR CB  HB   sing N N 363 
THR OG1 HG1  sing N N 364 
THR CG2 HG21 sing N N 365 
THR CG2 HG22 sing N N 366 
THR CG2 HG23 sing N N 367 
THR OXT HXT  sing N N 368 
TRP N   CA   sing N N 369 
TRP N   H    sing N N 370 
TRP N   H2   sing N N 371 
TRP CA  C    sing N N 372 
TRP CA  CB   sing N N 373 
TRP CA  HA   sing N N 374 
TRP C   O    doub N N 375 
TRP C   OXT  sing N N 376 
TRP CB  CG   sing N N 377 
TRP CB  HB2  sing N N 378 
TRP CB  HB3  sing N N 379 
TRP CG  CD1  doub Y N 380 
TRP CG  CD2  sing Y N 381 
TRP CD1 NE1  sing Y N 382 
TRP CD1 HD1  sing N N 383 
TRP CD2 CE2  doub Y N 384 
TRP CD2 CE3  sing Y N 385 
TRP NE1 CE2  sing Y N 386 
TRP NE1 HE1  sing N N 387 
TRP CE2 CZ2  sing Y N 388 
TRP CE3 CZ3  doub Y N 389 
TRP CE3 HE3  sing N N 390 
TRP CZ2 CH2  doub Y N 391 
TRP CZ2 HZ2  sing N N 392 
TRP CZ3 CH2  sing Y N 393 
TRP CZ3 HZ3  sing N N 394 
TRP CH2 HH2  sing N N 395 
TRP OXT HXT  sing N N 396 
TYR N   CA   sing N N 397 
TYR N   H    sing N N 398 
TYR N   H2   sing N N 399 
TYR CA  C    sing N N 400 
TYR CA  CB   sing N N 401 
TYR CA  HA   sing N N 402 
TYR C   O    doub N N 403 
TYR C   OXT  sing N N 404 
TYR CB  CG   sing N N 405 
TYR CB  HB2  sing N N 406 
TYR CB  HB3  sing N N 407 
TYR CG  CD1  doub Y N 408 
TYR CG  CD2  sing Y N 409 
TYR CD1 CE1  sing Y N 410 
TYR CD1 HD1  sing N N 411 
TYR CD2 CE2  doub Y N 412 
TYR CD2 HD2  sing N N 413 
TYR CE1 CZ   doub Y N 414 
TYR CE1 HE1  sing N N 415 
TYR CE2 CZ   sing Y N 416 
TYR CE2 HE2  sing N N 417 
TYR CZ  OH   sing N N 418 
TYR OH  HH   sing N N 419 
TYR OXT HXT  sing N N 420 
VAL N   CA   sing N N 421 
VAL N   H    sing N N 422 
VAL N   H2   sing N N 423 
VAL CA  C    sing N N 424 
VAL CA  CB   sing N N 425 
VAL CA  HA   sing N N 426 
VAL C   O    doub N N 427 
VAL C   OXT  sing N N 428 
VAL CB  CG1  sing N N 429 
VAL CB  CG2  sing N N 430 
VAL CB  HB   sing N N 431 
VAL CG1 HG11 sing N N 432 
VAL CG1 HG12 sing N N 433 
VAL CG1 HG13 sing N N 434 
VAL CG2 HG21 sing N N 435 
VAL CG2 HG22 sing N N 436 
VAL CG2 HG23 sing N N 437 
VAL OXT HXT  sing N N 438 
# 
_pdbx_deposit_group.group_id            G_1002061 
_pdbx_deposit_group.group_description   
;XDomainX of XOrganismX DCP2 (NUDT20) screened against the XXX Fragment Library by X-ray Crystallography at the XChem facility of Diamond Light Source beamline I04-1
;
_pdbx_deposit_group.group_title         'PanDDA analysis group deposition' 
_pdbx_deposit_group.group_type          'changed state' 
# 
_pdbx_related_exp_data_set.ordinal              1 
_pdbx_related_exp_data_set.data_reference       10.5281/zenodo.1437589 
_pdbx_related_exp_data_set.metadata_reference   10.5281/zenodo.1437589 
_pdbx_related_exp_data_set.data_set_type        'other data' 
_pdbx_related_exp_data_set.details              'Complete PanDDA analysis' 
# 
_atom_sites.entry_id                    5QOY 
_atom_sites.fract_transf_matrix[1][1]   -0.00243013 
_atom_sites.fract_transf_matrix[1][2]   0.01109108 
_atom_sites.fract_transf_matrix[1][3]   0.01735120 
_atom_sites.fract_transf_matrix[2][1]   0.00548791 
_atom_sites.fract_transf_matrix[2][2]   -0.01279283 
_atom_sites.fract_transf_matrix[2][3]   0.00894593 
_atom_sites.fract_transf_matrix[3][1]   0.01434656 
_atom_sites.fract_transf_matrix[3][2]   0.00522430 
_atom_sites.fract_transf_matrix[3][3]   -0.00133012 
_atom_sites.fract_transf_vector[1]      -0.882574 
_atom_sites.fract_transf_vector[2]      0.226294 
_atom_sites.fract_transf_vector[3]      1.164865 
# 
loop_
_atom_type.symbol 
C 
N 
O 
S 
# 
loop_
_atom_site.group_PDB 
_atom_site.id 
_atom_site.type_symbol 
_atom_site.label_atom_id 
_atom_site.label_alt_id 
_atom_site.label_comp_id 
_atom_site.label_asym_id 
_atom_site.label_entity_id 
_atom_site.label_seq_id 
_atom_site.pdbx_PDB_ins_code 
_atom_site.Cartn_x 
_atom_site.Cartn_y 
_atom_site.Cartn_z 
_atom_site.occupancy 
_atom_site.B_iso_or_equiv 
_atom_site.pdbx_formal_charge 
_atom_site.auth_seq_id 
_atom_site.auth_comp_id 
_atom_site.auth_asym_id 
_atom_site.auth_atom_id 
_atom_site.pdbx_PDB_model_num 
ATOM   1    N N   . GLY A 1 3   ? -0.839  9.528   16.309  1.00 52.16 ? 96  GLY A N   1 
ATOM   2    C CA  . GLY A 1 3   ? 0.478   9.063   15.782  1.00 55.69 ? 96  GLY A CA  1 
ATOM   3    C C   . GLY A 1 3   ? 0.961   9.947   14.631  1.00 49.60 ? 96  GLY A C   1 
ATOM   4    O O   . GLY A 1 3   ? 0.240   10.823  14.117  1.00 49.60 ? 96  GLY A O   1 
ATOM   5    N N   . VAL A 1 4   ? 2.207   9.761   14.234  1.00 48.26 ? 97  VAL A N   1 
ATOM   6    C CA  . VAL A 1 4   ? 2.743   10.602  13.141  1.00 45.02 ? 97  VAL A CA  1 
ATOM   7    C C   . VAL A 1 4   ? 2.064   10.115  11.811  1.00 33.40 ? 97  VAL A C   1 
ATOM   8    O O   . VAL A 1 4   ? 2.028   8.918   11.661  1.00 38.93 ? 97  VAL A O   1 
ATOM   9    C CB  . VAL A 1 4   ? 4.258   10.406  13.034  1.00 51.31 ? 97  VAL A CB  1 
ATOM   10   C CG1 . VAL A 1 4   ? 4.801   11.285  11.921  1.00 51.04 ? 97  VAL A CG1 1 
ATOM   11   C CG2 . VAL A 1 4   ? 4.950   10.689  14.384  1.00 54.85 ? 97  VAL A CG2 1 
ATOM   12   N N   . PRO A 1 5   ? 1.541   11.033  10.929  1.00 39.00 ? 98  PRO A N   1 
ATOM   13   C CA  . PRO A 1 5   ? 0.954   10.566  9.631   1.00 35.86 ? 98  PRO A CA  1 
ATOM   14   C C   . PRO A 1 5   ? 1.934   9.798   8.788   1.00 33.81 ? 98  PRO A C   1 
ATOM   15   O O   . PRO A 1 5   ? 3.150   10.001  8.867   1.00 30.98 ? 98  PRO A O   1 
ATOM   16   C CB  . PRO A 1 5   ? 0.506   11.840  8.915   1.00 38.60 ? 98  PRO A CB  1 
ATOM   17   C CG  . PRO A 1 5   ? 0.383   12.868  10.035  1.00 41.57 ? 98  PRO A CG  1 
ATOM   18   C CD  . PRO A 1 5   ? 1.295   12.473  11.138  1.00 38.00 ? 98  PRO A CD  1 
ATOM   19   N N   . THR A 1 6   ? 1.397   8.845   8.002   1.00 30.04 ? 99  THR A N   1 
ATOM   20   C CA  . THR A 1 6   ? 2.232   8.078   7.064   1.00 29.12 ? 99  THR A CA  1 
ATOM   21   C C   . THR A 1 6   ? 1.760   8.369   5.648   1.00 24.17 ? 99  THR A C   1 
ATOM   22   O O   . THR A 1 6   ? 0.607   8.656   5.385   1.00 26.09 ? 99  THR A O   1 
ATOM   23   C CB  . THR A 1 6   ? 2.189   6.541   7.353   1.00 33.47 ? 99  THR A CB  1 
ATOM   24   O OG1 . THR A 1 6   ? 0.819   6.121   7.356   1.00 29.43 ? 99  THR A OG1 1 
ATOM   25   C CG2 . THR A 1 6   ? 2.812   6.238   8.708   1.00 33.55 ? 99  THR A CG2 1 
ATOM   26   N N   . TYR A 1 7   ? 2.718   8.306   4.716   1.00 26.61 ? 100 TYR A N   1 
ATOM   27   C CA  . TYR A 1 7   ? 2.469   8.584   3.358   1.00 25.85 ? 100 TYR A CA  1 
ATOM   28   C C   . TYR A 1 7   ? 3.178   7.548   2.530   1.00 21.06 ? 100 TYR A C   1 
ATOM   29   O O   . TYR A 1 7   ? 4.248   7.091   2.857   1.00 22.08 ? 100 TYR A O   1 
ATOM   30   C CB  . TYR A 1 7   ? 2.992   10.024  2.945   1.00 26.68 ? 100 TYR A CB  1 
ATOM   31   C CG  . TYR A 1 7   ? 2.269   11.107  3.683   1.00 25.83 ? 100 TYR A CG  1 
ATOM   32   C CD1 . TYR A 1 7   ? 1.035   11.516  3.287   1.00 29.36 ? 100 TYR A CD1 1 
ATOM   33   C CD2 . TYR A 1 7   ? 2.864   11.707  4.796   1.00 31.11 ? 100 TYR A CD2 1 
ATOM   34   C CE1 . TYR A 1 7   ? 0.294   12.455  4.061   1.00 31.83 ? 100 TYR A CE1 1 
ATOM   35   C CE2 . TYR A 1 7   ? 2.175   12.637  5.571   1.00 30.70 ? 100 TYR A CE2 1 
ATOM   36   C CZ  . TYR A 1 7   ? 0.936   13.048  5.162   1.00 33.41 ? 100 TYR A CZ  1 
ATOM   37   O OH  . TYR A 1 7   ? 0.307   14.015  5.950   1.00 37.71 ? 100 TYR A OH  1 
ATOM   38   N N   . GLY A 1 8   ? 2.572   7.252   1.379   1.00 20.90 ? 101 GLY A N   1 
ATOM   39   C CA  . GLY A 1 8   ? 3.144   6.285   0.451   1.00 19.20 ? 101 GLY A CA  1 
ATOM   40   C C   . GLY A 1 8   ? 2.348   6.197   -0.816  1.00 19.58 ? 101 GLY A C   1 
ATOM   41   O O   . GLY A 1 8   ? 1.722   7.173   -1.278  1.00 20.21 ? 101 GLY A O   1 
ATOM   42   N N   . ALA A 1 9   ? 2.354   5.039   -1.463  1.00 18.74 ? 102 ALA A N   1 
ATOM   43   C CA  . ALA A 1 9   ? 1.686   4.918   -2.791  1.00 17.92 ? 102 ALA A CA  1 
ATOM   44   C C   . ALA A 1 9   ? 1.049   3.550   -3.002  1.00 18.91 ? 102 ALA A C   1 
ATOM   45   O O   . ALA A 1 9   ? 1.580   2.560   -2.555  1.00 18.17 ? 102 ALA A O   1 
ATOM   46   C CB  . ALA A 1 9   ? 2.617   5.225   -3.955  1.00 20.97 ? 102 ALA A CB  1 
ATOM   47   N N   . ILE A 1 10  ? 0.001   3.598   -3.797  1.00 18.45 ? 103 ILE A N   1 
ATOM   48   C CA  . ILE A 1 10  ? -0.575  2.446   -4.440  1.00 18.19 ? 103 ILE A CA  1 
ATOM   49   C C   . ILE A 1 10  ? -0.167  2.524   -5.887  1.00 16.42 ? 103 ILE A C   1 
ATOM   50   O O   . ILE A 1 10  ? -0.738  3.348   -6.677  1.00 19.39 ? 103 ILE A O   1 
ATOM   51   C CB  . ILE A 1 10  ? -2.112  2.446   -4.295  1.00 19.45 ? 103 ILE A CB  1 
ATOM   52   C CG1 . ILE A 1 10  ? -2.498  2.278   -2.875  1.00 20.70 ? 103 ILE A CG1 1 
ATOM   53   C CG2 . ILE A 1 10  ? -2.705  1.368   -5.177  1.00 22.00 ? 103 ILE A CG2 1 
ATOM   54   C CD1 . ILE A 1 10  ? -3.989  2.596   -2.596  1.00 23.57 ? 103 ILE A CD1 1 
ATOM   55   N N   . ILE A 1 11  ? 0.733   1.689   -6.303  1.00 16.80 ? 104 ILE A N   1 
ATOM   56   C CA  . ILE A 1 11  ? 1.242   1.633   -7.623  1.00 18.18 ? 104 ILE A CA  1 
ATOM   57   C C   . ILE A 1 11  ? 0.480   0.558   -8.332  1.00 19.30 ? 104 ILE A C   1 
ATOM   58   O O   . ILE A 1 11  ? 0.460   -0.580  -7.888  1.00 18.13 ? 104 ILE A O   1 
ATOM   59   C CB  . ILE A 1 11  ? 2.770   1.380   -7.627  1.00 19.15 ? 104 ILE A CB  1 
ATOM   60   C CG1 . ILE A 1 11  ? 3.537   2.594   -7.036  1.00 19.91 ? 104 ILE A CG1 1 
ATOM   61   C CG2 . ILE A 1 11  ? 3.299   1.032   -8.982  1.00 21.41 ? 104 ILE A CG2 1 
ATOM   62   C CD1 . ILE A 1 11  ? 4.922   2.216   -6.550  1.00 23.33 ? 104 ILE A CD1 1 
ATOM   63   N N   . LEU A 1 12  ? -0.067  0.902   -9.501  1.00 17.89 ? 105 LEU A N   1 
ATOM   64   C CA  . LEU A 1 12  ? -0.726  -0.070  -10.351 1.00 18.06 ? 105 LEU A CA  1 
ATOM   65   C C   . LEU A 1 12  ? 0.040   -0.194  -11.703 1.00 18.01 ? 105 LEU A C   1 
ATOM   66   O O   . LEU A 1 12  ? 0.709   0.759   -12.154 1.00 18.51 ? 105 LEU A O   1 
ATOM   67   C CB  . LEU A 1 12  ? -2.143  0.354   -10.669 1.00 20.70 ? 105 LEU A CB  1 
ATOM   68   C CG  . LEU A 1 12  ? -3.060  0.462   -9.455  1.00 25.83 ? 105 LEU A CG  1 
ATOM   69   C CD1 . LEU A 1 12  ? -3.135  1.853   -8.956  1.00 31.18 ? 105 LEU A CD1 1 
ATOM   70   C CD2 . LEU A 1 12  ? -4.439  -0.077  -9.689  1.00 32.64 ? 105 LEU A CD2 1 
ATOM   71   N N   . ASP A 1 13  ? -0.192  -1.321  -12.388 1.00 19.89 ? 106 ASP A N   1 
ATOM   72   C CA  . ASP A 1 13  ? 0.423   -1.555  -13.657 1.00 22.07 ? 106 ASP A CA  1 
ATOM   73   C C   . ASP A 1 13  ? -0.440  -0.918  -14.738 1.00 21.65 ? 106 ASP A C   1 
ATOM   74   O O   . ASP A 1 13  ? -1.387  -0.231  -14.484 1.00 21.94 ? 106 ASP A O   1 
ATOM   75   C CB  . ASP A 1 13  ? 0.612   -3.044  -13.901 1.00 25.48 ? 106 ASP A CB  1 
ATOM   76   C CG  . ASP A 1 13  ? -0.731  -3.829  -14.018 1.00 28.32 ? 106 ASP A CG  1 
ATOM   77   O OD1 . ASP A 1 13  ? -1.841  -3.398  -13.547 1.00 27.42 ? 106 ASP A OD1 1 
ATOM   78   O OD2 . ASP A 1 13  ? -0.565  -4.935  -14.469 1.00 35.69 ? 106 ASP A OD2 1 
ATOM   79   N N   . GLU A 1 14  ? -0.110  -1.231  -15.958 1.00 23.31 ? 107 GLU A N   1 
ATOM   80   C CA  . GLU A 1 14  ? -0.805  -0.620  -17.052 1.00 25.86 ? 107 GLU A CA  1 
ATOM   81   C C   . GLU A 1 14  ? -2.169  -1.182  -17.367 1.00 24.70 ? 107 GLU A C   1 
ATOM   82   O O   . GLU A 1 14  ? -2.991  -0.484  -17.885 1.00 24.99 ? 107 GLU A O   1 
ATOM   83   C CB  . GLU A 1 14  ? 0.033   -0.642  -18.346 1.00 33.82 ? 107 GLU A CB  1 
ATOM   84   C CG  . GLU A 1 14  ? 0.307   -2.012  -18.901 1.00 37.74 ? 107 GLU A CG  1 
ATOM   85   C CD  . GLU A 1 14  ? 1.665   -2.514  -18.453 1.00 50.38 ? 107 GLU A CD  1 
ATOM   86   O OE1 . GLU A 1 14  ? 1.800   -2.925  -17.279 1.00 41.80 ? 107 GLU A OE1 1 
ATOM   87   O OE2 . GLU A 1 14  ? 2.642   -2.483  -19.253 1.00 71.84 ? 107 GLU A OE2 1 
ATOM   88   N N   . THR A 1 15  ? -2.458  -2.404  -16.885 1.00 24.35 ? 108 THR A N   1 
ATOM   89   C CA  . THR A 1 15  ? -3.744  -3.005  -17.025 1.00 23.49 ? 108 THR A CA  1 
ATOM   90   C C   . THR A 1 15  ? -4.764  -2.615  -15.971 1.00 24.21 ? 108 THR A C   1 
ATOM   91   O O   . THR A 1 15  ? -5.970  -2.823  -16.126 1.00 25.84 ? 108 THR A O   1 
ATOM   92   C CB  . THR A 1 15  ? -3.595  -4.555  -16.950 1.00 29.24 ? 108 THR A CB  1 
ATOM   93   O OG1 . THR A 1 15  ? -3.407  -4.909  -15.580 1.00 27.63 ? 108 THR A OG1 1 
ATOM   94   C CG2 . THR A 1 15  ? -2.446  -5.072  -17.745 1.00 35.99 ? 108 THR A CG2 1 
ATOM   95   N N   . LEU A 1 16  ? -4.264  -1.958  -14.900 1.00 23.60 ? 109 LEU A N   1 
ATOM   96   C CA  . LEU A 1 16  ? -4.997  -1.586  -13.705 1.00 24.17 ? 109 LEU A CA  1 
ATOM   97   C C   . LEU A 1 16  ? -5.498  -2.790  -12.868 1.00 24.62 ? 109 LEU A C   1 
ATOM   98   O O   . LEU A 1 16  ? -6.389  -2.611  -11.976 1.00 30.33 ? 109 LEU A O   1 
ATOM   99   C CB  . LEU A 1 16  ? -6.193  -0.677  -13.931 1.00 25.98 ? 109 LEU A CB  1 
ATOM   100  C CG  . LEU A 1 16  ? -5.938  0.508   -14.850 1.00 28.60 ? 109 LEU A CG  1 
ATOM   101  C CD1 . LEU A 1 16  ? -7.203  1.190   -15.280 1.00 33.35 ? 109 LEU A CD1 1 
ATOM   102  C CD2 . LEU A 1 16  ? -5.041  1.428   -13.994 1.00 29.66 ? 109 LEU A CD2 1 
ATOM   103  N N   . GLU A 1 17  ? -4.984  -3.961  -13.118 0.50 25.85 ? 110 GLU A N   1 
ATOM   104  C CA  . GLU A 1 17  ? -5.466  -5.132  -12.407 0.50 27.39 ? 110 GLU A CA  1 
ATOM   105  C C   . GLU A 1 17  ? -4.421  -5.681  -11.420 0.50 26.11 ? 110 GLU A C   1 
ATOM   106  O O   . GLU A 1 17  ? -4.696  -6.662  -10.715 0.50 23.12 ? 110 GLU A O   1 
ATOM   107  C CB  . GLU A 1 17  ? -5.929  -6.170  -13.411 0.50 30.95 ? 110 GLU A CB  1 
ATOM   108  C CG  . GLU A 1 17  ? -7.162  -5.684  -14.159 0.50 33.93 ? 110 GLU A CG  1 
ATOM   109  C CD  . GLU A 1 17  ? -7.913  -6.779  -14.866 0.50 39.82 ? 110 GLU A CD  1 
ATOM   110  O OE1 . GLU A 1 17  ? -7.302  -7.827  -15.180 0.50 44.63 ? 110 GLU A OE1 1 
ATOM   111  O OE2 . GLU A 1 17  ? -9.118  -6.573  -15.126 0.50 45.25 ? 110 GLU A OE2 1 
ATOM   112  N N   . ASN A 1 18  ? -3.240  -5.061  -11.351 1.00 23.27 ? 111 ASN A N   1 
ATOM   113  C CA  . ASN A 1 18  ? -2.234  -5.467  -10.385 1.00 21.54 ? 111 ASN A CA  1 
ATOM   114  C C   . ASN A 1 18  ? -1.732  -4.268  -9.603  1.00 24.73 ? 111 ASN A C   1 
ATOM   115  O O   . ASN A 1 18  ? -1.662  -3.171  -10.140 1.00 21.28 ? 111 ASN A O   1 
ATOM   116  C CB  . ASN A 1 18  ? -1.068  -6.146  -11.025 1.00 25.40 ? 111 ASN A CB  1 
ATOM   117  C CG  . ASN A 1 18  ? -1.489  -7.352  -11.813 1.00 35.74 ? 111 ASN A CG  1 
ATOM   118  O OD1 . ASN A 1 18  ? -1.970  -8.347  -11.245 1.00 32.84 ? 111 ASN A OD1 1 
ATOM   119  N ND2 . ASN A 1 18  ? -1.451  -7.217  -13.098 1.00 32.83 ? 111 ASN A ND2 1 
ATOM   120  N N   . VAL A 1 19  ? -1.380  -4.532  -8.346  1.00 19.74 ? 112 VAL A N   1 
ATOM   121  C CA  . VAL A 1 19  ? -0.830  -3.532  -7.440  1.00 17.65 ? 112 VAL A CA  1 
ATOM   122  C C   . VAL A 1 19  ? 0.465   -4.001  -6.862  1.00 16.73 ? 112 VAL A C   1 
ATOM   123  O O   . VAL A 1 19  ? 0.682   -5.205  -6.665  1.00 18.02 ? 112 VAL A O   1 
ATOM   124  C CB  . VAL A 1 19  ? -1.751  -3.200  -6.250  1.00 20.85 ? 112 VAL A CB  1 
ATOM   125  C CG1 . VAL A 1 19  ? -2.958  -2.394  -6.647  1.00 25.76 ? 112 VAL A CG1 1 
ATOM   126  C CG2 . VAL A 1 19  ? -2.124  -4.468  -5.423  1.00 20.88 ? 112 VAL A CG2 1 
ATOM   127  N N   . LEU A 1 20  ? 1.321   -3.058  -6.511  1.00 16.75 ? 113 LEU A N   1 
ATOM   128  C CA  . LEU A 1 20  ? 2.664   -3.401  -6.001  1.00 18.86 ? 113 LEU A CA  1 
ATOM   129  C C   . LEU A 1 20  ? 2.668   -3.396  -4.478  1.00 19.70 ? 113 LEU A C   1 
ATOM   130  O O   . LEU A 1 20  ? 2.355   -2.422  -3.846  1.00 18.47 ? 113 LEU A O   1 
ATOM   131  C CB  . LEU A 1 20  ? 3.681   -2.411  -6.520  1.00 18.61 ? 113 LEU A CB  1 
ATOM   132  C CG  . LEU A 1 20  ? 5.163   -2.857  -6.315  1.00 19.70 ? 113 LEU A CG  1 
ATOM   133  C CD1 . LEU A 1 20  ? 5.534   -3.938  -7.333  1.00 20.37 ? 113 LEU A CD1 1 
ATOM   134  C CD2 . LEU A 1 20  ? 6.066   -1.668  -6.417  1.00 23.55 ? 113 LEU A CD2 1 
ATOM   135  N N   . LEU A 1 21  ? 2.972   -4.530  -3.887  1.00 19.19 ? 114 LEU A N   1 
ATOM   136  C CA  . LEU A 1 21  ? 3.069   -4.568  -2.473  1.00 17.83 ? 114 LEU A CA  1 
ATOM   137  C C   . LEU A 1 21  ? 4.525   -4.912  -2.060  1.00 19.11 ? 114 LEU A C   1 
ATOM   138  O O   . LEU A 1 21  ? 5.306   -5.475  -2.834  1.00 18.80 ? 114 LEU A O   1 
ATOM   139  C CB  . LEU A 1 21  ? 2.139   -5.657  -1.864  1.00 19.06 ? 114 LEU A CB  1 
ATOM   140  C CG  . LEU A 1 21  ? 0.658   -5.531  -2.176  1.00 20.14 ? 114 LEU A CG  1 
ATOM   141  C CD1 . LEU A 1 21  ? -0.144  -6.588  -1.451  1.00 20.45 ? 114 LEU A CD1 1 
ATOM   142  C CD2 . LEU A 1 21  ? 0.187   -4.187  -1.678  1.00 22.38 ? 114 LEU A CD2 1 
ATOM   143  N N   . VAL A 1 22  ? 4.822   -4.566  -0.835  1.00 17.03 ? 115 VAL A N   1 
ATOM   144  C CA  . VAL A 1 22  ? 6.137   -4.843  -0.215  1.00 18.49 ? 115 VAL A CA  1 
ATOM   145  C C   . VAL A 1 22  ? 5.984   -5.646  1.044   1.00 19.98 ? 115 VAL A C   1 
ATOM   146  O O   . VAL A 1 22  ? 4.970   -5.546  1.709   1.00 17.82 ? 115 VAL A O   1 
ATOM   147  C CB  . VAL A 1 22  ? 6.994   -3.598  0.031   1.00 20.20 ? 115 VAL A CB  1 
ATOM   148  C CG1 . VAL A 1 22  ? 7.190   -2.865  -1.303  1.00 22.53 ? 115 VAL A CG1 1 
ATOM   149  C CG2 . VAL A 1 22  ? 6.353   -2.660  1.049   1.00 23.16 ? 115 VAL A CG2 1 
ATOM   150  N N   . GLN A 1 23  ? 6.978   -6.501  1.348   1.00 19.35 ? 116 GLN A N   1 
ATOM   151  C CA  . GLN A 1 23  ? 6.941   -7.360  2.474   1.00 18.18 ? 116 GLN A CA  1 
ATOM   152  C C   . GLN A 1 23  ? 8.069   -6.957  3.393   1.00 19.23 ? 116 GLN A C   1 
ATOM   153  O O   . GLN A 1 23  ? 9.166   -6.844  2.952   1.00 20.95 ? 116 GLN A O   1 
ATOM   154  C CB  . GLN A 1 23  ? 7.108   -8.812  2.013   1.00 18.62 ? 116 GLN A CB  1 
ATOM   155  C CG  . GLN A 1 23  ? 7.017   -9.817  3.127   1.00 19.51 ? 116 GLN A CG  1 
ATOM   156  C CD  . GLN A 1 23  ? 7.189   -11.204 2.609   1.00 22.58 ? 116 GLN A CD  1 
ATOM   157  O OE1 . GLN A 1 23  ? 7.987   -11.414 1.703   1.00 24.49 ? 116 GLN A OE1 1 
ATOM   158  N NE2 . GLN A 1 23  ? 6.522   -12.144 3.208   1.00 25.28 ? 116 GLN A NE2 1 
ATOM   159  N N   . GLY A 1 24  ? 7.730   -6.643  4.625   1.00 21.18 ? 117 GLY A N   1 
ATOM   160  C CA  . GLY A 1 24  ? 8.814   -6.270  5.585   1.00 23.68 ? 117 GLY A CA  1 
ATOM   161  C C   . GLY A 1 24  ? 9.176   -7.455  6.451   1.00 25.29 ? 117 GLY A C   1 
ATOM   162  O O   . GLY A 1 24  ? 8.971   -8.595  6.080   1.00 23.91 ? 117 GLY A O   1 
ATOM   163  N N   . TYR A 1 25  ? 9.699   -7.141  7.623   1.00 24.19 ? 118 TYR A N   1 
ATOM   164  C CA  . TYR A 1 25  ? 10.182  -8.099  8.591   1.00 25.63 ? 118 TYR A CA  1 
ATOM   165  C C   . TYR A 1 25  ? 9.541   -7.858  9.946   1.00 27.26 ? 118 TYR A C   1 
ATOM   166  O O   . TYR A 1 25  ? 9.003   -6.755  10.236  1.00 28.21 ? 118 TYR A O   1 
ATOM   167  C CB  . TYR A 1 25  ? 11.645  -7.921  8.799   1.00 26.23 ? 118 TYR A CB  1 
ATOM   168  C CG  . TYR A 1 25  ? 12.494  -8.322  7.609   1.00 22.65 ? 118 TYR A CG  1 
ATOM   169  C CD1 . TYR A 1 25  ? 12.651  -9.651  7.233   1.00 23.27 ? 118 TYR A CD1 1 
ATOM   170  C CD2 . TYR A 1 25  ? 13.123  -7.391  6.878   1.00 21.94 ? 118 TYR A CD2 1 
ATOM   171  C CE1 . TYR A 1 25  ? 13.424  -9.966  6.145   1.00 22.32 ? 118 TYR A CE1 1 
ATOM   172  C CE2 . TYR A 1 25  ? 13.861  -7.733  5.765   1.00 23.20 ? 118 TYR A CE2 1 
ATOM   173  C CZ  . TYR A 1 25  ? 14.011  -9.024  5.432   1.00 24.56 ? 118 TYR A CZ  1 
ATOM   174  O OH  . TYR A 1 25  ? 14.779  -9.371  4.377   1.00 28.60 ? 118 TYR A OH  1 
ATOM   175  N N   . LEU A 1 26  ? 9.528   -8.939  10.727  1.00 28.43 ? 119 LEU A N   1 
ATOM   176  C CA  . LEU A 1 26  ? 9.090   -8.863  12.140  1.00 34.65 ? 119 LEU A CA  1 
ATOM   177  C C   . LEU A 1 26  ? 7.656   -8.345  12.326  1.00 33.20 ? 119 LEU A C   1 
ATOM   178  O O   . LEU A 1 26  ? 6.748   -9.012  11.908  1.00 32.28 ? 119 LEU A O   1 
ATOM   179  C CB  . LEU A 1 26  ? 10.088  -8.032  12.940  1.00 37.71 ? 119 LEU A CB  1 
ATOM   180  C CG  . LEU A 1 26  ? 11.509  -8.640  12.886  1.00 39.67 ? 119 LEU A CG  1 
ATOM   181  C CD1 . LEU A 1 26  ? 12.451  -7.648  13.555  1.00 36.97 ? 119 LEU A CD1 1 
ATOM   182  C CD2 . LEU A 1 26  ? 11.497  -10.066 13.490  1.00 40.84 ? 119 LEU A CD2 1 
ATOM   183  N N   . ALA A 1 27  ? 7.451   -7.207  12.993  1.00 31.31 ? 120 ALA A N   1 
ATOM   184  C CA  . ALA A 1 27  ? 6.096   -6.645  13.164  1.00 35.67 ? 120 ALA A CA  1 
ATOM   185  C C   . ALA A 1 27  ? 5.468   -6.286  11.799  1.00 35.37 ? 120 ALA A C   1 
ATOM   186  O O   . ALA A 1 27  ? 4.239   -6.289  11.670  1.00 36.60 ? 120 ALA A O   1 
ATOM   187  C CB  . ALA A 1 27  ? 6.121   -5.411  14.078  1.00 37.30 ? 120 ALA A CB  1 
ATOM   188  N N   . LYS A 1 28  ? 6.297   -5.987  10.802  0.52 33.67 ? 121 LYS A N   1 
ATOM   189  C CA  . LYS A 1 28  ? 5.794   -5.748  9.462   0.52 34.29 ? 121 LYS A CA  1 
ATOM   190  C C   . LYS A 1 28  ? 6.154   -6.887  8.500   0.52 29.75 ? 121 LYS A C   1 
ATOM   191  O O   . LYS A 1 28  ? 6.392   -6.691  7.316   0.52 29.47 ? 121 LYS A O   1 
ATOM   192  C CB  . LYS A 1 28  ? 6.235   -4.362  9.024   0.52 37.65 ? 121 LYS A CB  1 
ATOM   193  C CG  . LYS A 1 28  ? 5.334   -3.330  9.697   0.52 38.22 ? 121 LYS A CG  1 
ATOM   194  C CD  . LYS A 1 28  ? 5.917   -1.957  9.805   0.52 42.73 ? 121 LYS A CD  1 
ATOM   195  C CE  . LYS A 1 28  ? 4.881   -1.003  10.393  0.52 41.96 ? 121 LYS A CE  1 
ATOM   196  N NZ  . LYS A 1 28  ? 5.420   0.372   10.512  0.52 44.21 ? 121 LYS A NZ  1 
ATOM   197  N N   . SER A 1 29  ? 6.108   -8.098  9.034   1.00 28.36 ? 122 SER A N   1 
ATOM   198  C CA  . SER A 1 29  ? 6.351   -9.307  8.269   1.00 31.36 ? 122 SER A CA  1 
ATOM   199  C C   . SER A 1 29  ? 5.448   -9.747  7.084   1.00 37.78 ? 122 SER A C   1 
ATOM   200  O O   . SER A 1 29  ? 5.857   -10.680 6.253   1.00 38.84 ? 122 SER A O   1 
ATOM   201  C CB  . SER A 1 29  ? 6.356   -10.437 9.291   1.00 33.92 ? 122 SER A CB  1 
ATOM   202  O OG  . SER A 1 29  ? 6.711   -11.518 8.590   1.00 44.23 ? 122 SER A OG  1 
ATOM   203  N N   . GLY A 1 30  ? 4.309   -9.101  6.969   1.00 27.14 ? 123 GLY A N   1 
ATOM   204  C CA  . GLY A 1 30  ? 3.290   -9.351  5.888   1.00 25.60 ? 123 GLY A CA  1 
ATOM   205  C C   . GLY A 1 30  ? 3.484   -8.375  4.722   1.00 25.17 ? 123 GLY A C   1 
ATOM   206  O O   . GLY A 1 30  ? 4.550   -7.722  4.621   1.00 24.38 ? 123 GLY A O   1 
ATOM   207  N N   . TRP A 1 31  ? 2.472   -8.298  3.881   1.00 21.09 ? 124 TRP A N   1 
ATOM   208  C CA  . TRP A 1 31  ? 2.527   -7.519  2.682   1.00 19.74 ? 124 TRP A CA  1 
ATOM   209  C C   . TRP A 1 31  ? 1.739   -6.238  2.909   1.00 21.73 ? 124 TRP A C   1 
ATOM   210  O O   . TRP A 1 31  ? 0.656   -6.311  3.445   1.00 22.51 ? 124 TRP A O   1 
ATOM   211  C CB  . TRP A 1 31  ? 1.914   -8.306  1.543   1.00 19.53 ? 124 TRP A CB  1 
ATOM   212  C CG  . TRP A 1 31  ? 2.755   -9.464  1.074   1.00 19.31 ? 124 TRP A CG  1 
ATOM   213  C CD1 . TRP A 1 31  ? 2.683   -10.749 1.519   1.00 20.75 ? 124 TRP A CD1 1 
ATOM   214  C CD2 . TRP A 1 31  ? 3.905   -9.406  0.224   1.00 17.66 ? 124 TRP A CD2 1 
ATOM   215  N NE1 . TRP A 1 31  ? 3.664   -11.515 0.914   1.00 21.94 ? 124 TRP A NE1 1 
ATOM   216  C CE2 . TRP A 1 31  ? 4.421   -10.712 0.109   1.00 20.51 ? 124 TRP A CE2 1 
ATOM   217  C CE3 . TRP A 1 31  ? 4.480   -8.387  -0.544  1.00 17.49 ? 124 TRP A CE3 1 
ATOM   218  C CZ2 . TRP A 1 31  ? 5.460   -11.020 -0.763  1.00 22.00 ? 124 TRP A CZ2 1 
ATOM   219  C CZ3 . TRP A 1 31  ? 5.555   -8.678  -1.340  1.00 20.40 ? 124 TRP A CZ3 1 
ATOM   220  C CH2 . TRP A 1 31  ? 6.063   -9.979  -1.406  1.00 22.07 ? 124 TRP A CH2 1 
ATOM   221  N N   . GLY A 1 32  ? 2.213   -5.096  2.379   1.00 19.02 ? 125 GLY A N   1 
ATOM   222  C CA  . GLY A 1 32  ? 1.540   -3.858  2.578   1.00 19.47 ? 125 GLY A CA  1 
ATOM   223  C C   . GLY A 1 32  ? 1.970   -2.934  1.441   1.00 17.94 ? 125 GLY A C   1 
ATOM   224  O O   . GLY A 1 32  ? 2.880   -3.251  0.680   1.00 18.60 ? 125 GLY A O   1 
ATOM   225  N N   . PHE A 1 33  ? 1.247   -1.815  1.280   1.00 19.25 ? 126 PHE A N   1 
ATOM   226  C CA  . PHE A 1 33  ? 1.656   -0.789  0.406   1.00 17.53 ? 126 PHE A CA  1 
ATOM   227  C C   . PHE A 1 33  ? 2.879   -0.077  0.971   1.00 19.60 ? 126 PHE A C   1 
ATOM   228  O O   . PHE A 1 33  ? 3.001   0.068   2.185   1.00 20.70 ? 126 PHE A O   1 
ATOM   229  C CB  . PHE A 1 33  ? 0.509   0.207   0.205   1.00 17.79 ? 126 PHE A CB  1 
ATOM   230  C CG  . PHE A 1 33  ? -0.641  -0.394  -0.507  1.00 19.85 ? 126 PHE A CG  1 
ATOM   231  C CD1 . PHE A 1 33  ? -0.572  -0.763  -1.847  1.00 18.81 ? 126 PHE A CD1 1 
ATOM   232  C CD2 . PHE A 1 33  ? -1.738  -0.825  0.221   1.00 21.28 ? 126 PHE A CD2 1 
ATOM   233  C CE1 . PHE A 1 33  ? -1.675  -1.350  -2.459  1.00 22.40 ? 126 PHE A CE1 1 
ATOM   234  C CE2 . PHE A 1 33  ? -2.826  -1.440  -0.389  1.00 20.08 ? 126 PHE A CE2 1 
ATOM   235  C CZ  . PHE A 1 33  ? -2.801  -1.705  -1.716  1.00 20.86 ? 126 PHE A CZ  1 
ATOM   236  N N   . PRO A 1 34  ? 3.800   0.335   0.072   1.00 17.63 ? 127 PRO A N   1 
ATOM   237  C CA  . PRO A 1 34  ? 4.986   1.113   0.512   1.00 19.38 ? 127 PRO A CA  1 
ATOM   238  C C   . PRO A 1 34  ? 4.575   2.455   1.107   1.00 21.37 ? 127 PRO A C   1 
ATOM   239  O O   . PRO A 1 34  ? 3.854   3.259   0.469   1.00 20.44 ? 127 PRO A O   1 
ATOM   240  C CB  . PRO A 1 34  ? 5.841   1.181   -0.727  1.00 20.36 ? 127 PRO A CB  1 
ATOM   241  C CG  . PRO A 1 34  ? 4.832   1.072   -1.858  1.00 19.29 ? 127 PRO A CG  1 
ATOM   242  C CD  . PRO A 1 34  ? 3.753   0.143   -1.374  1.00 19.33 ? 127 PRO A CD  1 
ATOM   243  N N   . LYS A 1 35  ? 5.031   2.725   2.351   1.00 19.58 ? 128 LYS A N   1 
ATOM   244  C CA  . LYS A 1 35  ? 4.669   3.923   3.046   1.00 22.60 ? 128 LYS A CA  1 
ATOM   245  C C   . LYS A 1 35  ? 5.568   4.062   4.272   1.00 25.70 ? 128 LYS A C   1 
ATOM   246  O O   . LYS A 1 35  ? 6.173   3.083   4.697   1.00 27.18 ? 128 LYS A O   1 
ATOM   247  C CB  . LYS A 1 35  ? 3.218   3.950   3.498   1.00 23.85 ? 128 LYS A CB  1 
ATOM   248  C CG  . LYS A 1 35  ? 2.769   2.854   4.470   1.00 24.27 ? 128 LYS A CG  1 
ATOM   249  C CD  . LYS A 1 35  ? 1.344   3.011   4.904   1.00 28.97 ? 128 LYS A CD  1 
ATOM   250  C CE  . LYS A 1 35  ? 0.806   1.982   5.923   1.00 36.15 ? 128 LYS A CE  1 
ATOM   251  N NZ  . LYS A 1 35  ? 1.793   1.662   6.958   1.00 43.28 ? 128 LYS A NZ  1 
ATOM   252  N N   . GLY A 1 36  ? 5.525   5.228   4.855   1.00 26.92 ? 129 GLY A N   1 
ATOM   253  C CA  . GLY A 1 36  ? 6.250   5.425   6.103   1.00 27.13 ? 129 GLY A CA  1 
ATOM   254  C C   . GLY A 1 36  ? 5.950   6.765   6.696   1.00 29.33 ? 129 GLY A C   1 
ATOM   255  O O   . GLY A 1 36  ? 5.179   7.556   6.197   1.00 26.96 ? 129 GLY A O   1 
ATOM   256  N N   . LYS A 1 37  ? 6.626   7.036   7.824   1.00 28.82 ? 130 LYS A N   1 
ATOM   257  C CA  . LYS A 1 37  ? 6.296   8.177   8.627   1.00 30.62 ? 130 LYS A CA  1 
ATOM   258  C C   . LYS A 1 37  ? 6.917   9.484   8.071   1.00 26.26 ? 130 LYS A C   1 
ATOM   259  O O   . LYS A 1 37  ? 8.050   9.480   7.579   1.00 32.62 ? 130 LYS A O   1 
ATOM   260  C CB  . LYS A 1 37  ? 6.810   7.919   10.088  1.00 37.72 ? 130 LYS A CB  1 
ATOM   261  C CG  . LYS A 1 37  ? 5.858   7.164   11.013  1.00 40.73 ? 130 LYS A CG  1 
ATOM   262  C CD  . LYS A 1 37  ? 6.422   7.012   12.433  1.00 49.33 ? 130 LYS A CD  1 
ATOM   263  N N   . VAL A 1 38  ? 6.157   10.534  8.162   1.00 29.48 ? 131 VAL A N   1 
ATOM   264  C CA  . VAL A 1 38  ? 6.547   11.838  7.680   1.00 37.53 ? 131 VAL A CA  1 
ATOM   265  C C   . VAL A 1 38  ? 7.634   12.389  8.608   1.00 37.29 ? 131 VAL A C   1 
ATOM   266  O O   . VAL A 1 38  ? 7.522   12.225  9.846   1.00 35.25 ? 131 VAL A O   1 
ATOM   267  C CB  . VAL A 1 38  ? 5.357   12.815  7.555   1.00 35.15 ? 131 VAL A CB  1 
ATOM   268  C CG1 . VAL A 1 38  ? 4.678   13.168  8.892   1.00 38.70 ? 131 VAL A CG1 1 
ATOM   269  C CG2 . VAL A 1 38  ? 5.793   14.079  6.811   1.00 39.86 ? 131 VAL A CG2 1 
ATOM   270  N N   . ASN A 1 39  ? 8.629   13.047  8.006   1.00 36.61 ? 132 ASN A N   1 
ATOM   271  C CA  . ASN A 1 39  ? 9.663   13.771  8.814   1.00 39.07 ? 132 ASN A CA  1 
ATOM   272  C C   . ASN A 1 39  ? 9.145   15.191  9.197   1.00 41.41 ? 132 ASN A C   1 
ATOM   273  O O   . ASN A 1 39  ? 8.287   15.779  8.532   1.00 40.05 ? 132 ASN A O   1 
ATOM   274  C CB  . ASN A 1 39  ? 10.981  13.854  8.045   1.00 38.97 ? 132 ASN A CB  1 
ATOM   275  C CG  . ASN A 1 39  ? 11.671  12.524  7.850   1.00 38.87 ? 132 ASN A CG  1 
ATOM   276  O OD1 . ASN A 1 39  ? 11.642  11.630  8.704   1.00 49.19 ? 132 ASN A OD1 1 
ATOM   277  N ND2 . ASN A 1 39  ? 12.347  12.393  6.752   1.00 38.68 ? 132 ASN A ND2 1 
ATOM   278  N N   . LYS A 1 40  ? 9.664   15.760  10.301  1.00 51.17 ? 133 LYS A N   1 
ATOM   279  C CA  . LYS A 1 40  ? 9.397   17.184  10.638  1.00 49.31 ? 133 LYS A CA  1 
ATOM   280  C C   . LYS A 1 40  ? 9.538   18.122  9.420   1.00 43.85 ? 133 LYS A C   1 
ATOM   281  O O   . LYS A 1 40  ? 10.528  18.049  8.690   1.00 45.97 ? 133 LYS A O   1 
ATOM   282  C CB  . LYS A 1 40  ? 10.353  17.677  11.753  1.00 53.33 ? 133 LYS A CB  1 
ATOM   283  N N   . GLU A 1 41  ? 8.515   18.942  9.194   1.00 48.08 ? 134 GLU A N   1 
ATOM   284  C CA  . GLU A 1 41  ? 8.485   19.962  8.145   1.00 54.55 ? 134 GLU A CA  1 
ATOM   285  C C   . GLU A 1 41  ? 8.447   19.402  6.683   1.00 56.35 ? 134 GLU A C   1 
ATOM   286  O O   . GLU A 1 41  ? 8.512   20.193  5.733   1.00 55.73 ? 134 GLU A O   1 
ATOM   287  C CB  . GLU A 1 41  ? 9.621   21.008  8.354   1.00 59.08 ? 134 GLU A CB  1 
ATOM   288  N N   . GLU A 1 42  ? 8.236   18.076  6.501   1.00 46.46 ? 135 GLU A N   1 
ATOM   289  C CA  . GLU A 1 42  ? 8.250   17.442  5.157   1.00 39.74 ? 135 GLU A CA  1 
ATOM   290  C C   . GLU A 1 42  ? 6.856   17.410  4.620   1.00 41.12 ? 135 GLU A C   1 
ATOM   291  O O   . GLU A 1 42  ? 5.922   17.142  5.375   1.00 37.96 ? 135 GLU A O   1 
ATOM   292  C CB  . GLU A 1 42  ? 8.854   16.047  5.231   1.00 38.91 ? 135 GLU A CB  1 
ATOM   293  C CG  . GLU A 1 42  ? 8.817   15.210  3.955   1.00 35.61 ? 135 GLU A CG  1 
ATOM   294  C CD  . GLU A 1 42  ? 9.342   13.812  4.185   1.00 34.15 ? 135 GLU A CD  1 
ATOM   295  O OE1 . GLU A 1 42  ? 8.934   13.207  5.222   1.00 37.11 ? 135 GLU A OE1 1 
ATOM   296  O OE2 . GLU A 1 42  ? 10.122  13.302  3.333   1.00 35.38 ? 135 GLU A OE2 1 
ATOM   297  N N   . ALA A 1 43  ? 6.708   17.740  3.327   1.00 37.13 ? 136 ALA A N   1 
ATOM   298  C CA  . ALA A 1 43  ? 5.398   17.857  2.684   1.00 35.90 ? 136 ALA A CA  1 
ATOM   299  C C   . ALA A 1 43  ? 4.864   16.404  2.405   1.00 32.32 ? 136 ALA A C   1 
ATOM   300  O O   . ALA A 1 43  ? 5.658   15.545  2.155   1.00 33.33 ? 136 ALA A O   1 
ATOM   301  C CB  . ALA A 1 43  ? 5.468   18.617  1.389   1.00 36.50 ? 136 ALA A CB  1 
ATOM   302  N N   . PRO A 1 44  ? 3.555   16.226  2.386   1.00 36.40 ? 137 PRO A N   1 
ATOM   303  C CA  . PRO A 1 44  ? 3.046   14.851  2.178   1.00 34.55 ? 137 PRO A CA  1 
ATOM   304  C C   . PRO A 1 44  ? 3.596   14.220  0.889   1.00 31.20 ? 137 PRO A C   1 
ATOM   305  O O   . PRO A 1 44  ? 4.041   13.077  0.932   1.00 31.28 ? 137 PRO A O   1 
ATOM   306  C CB  . PRO A 1 44  ? 1.552   15.065  2.096   1.00 39.70 ? 137 PRO A CB  1 
ATOM   307  C CG  . PRO A 1 44  ? 1.265   16.276  3.004   1.00 36.86 ? 137 PRO A CG  1 
ATOM   308  C CD  . PRO A 1 44  ? 2.463   17.178  2.674   1.00 37.66 ? 137 PRO A CD  1 
ATOM   309  N N   . HIS A 1 45  ? 3.562   14.924  -0.231  1.00 31.65 ? 138 HIS A N   1 
ATOM   310  C CA  . HIS A 1 45  ? 4.083   14.325  -1.515  1.00 32.34 ? 138 HIS A CA  1 
ATOM   311  C C   . HIS A 1 45  ? 5.520   13.961  -1.460  1.00 30.00 ? 138 HIS A C   1 
ATOM   312  O O   . HIS A 1 45  ? 5.976   12.969  -2.094  1.00 26.12 ? 138 HIS A O   1 
ATOM   313  C CB  . HIS A 1 45  ? 3.696   15.213  -2.708  1.00 37.63 ? 138 HIS A CB  1 
ATOM   314  C CG  . HIS A 1 45  ? 4.518   16.445  -2.852  1.00 50.66 ? 138 HIS A CG  1 
ATOM   315  N ND1 . HIS A 1 45  ? 4.116   17.670  -2.337  1.00 59.41 ? 138 HIS A ND1 1 
ATOM   316  C CD2 . HIS A 1 45  ? 5.710   16.668  -3.465  1.00 51.50 ? 138 HIS A CD2 1 
ATOM   317  C CE1 . HIS A 1 45  ? 5.026   18.588  -2.631  1.00 49.63 ? 138 HIS A CE1 1 
ATOM   318  N NE2 . HIS A 1 45  ? 6.001   18.007  -3.314  1.00 57.66 ? 138 HIS A NE2 1 
ATOM   319  N N   . ASP A 1 46  ? 6.339   14.748  -0.738  1.00 28.05 ? 139 ASP A N   1 
ATOM   320  C CA  . ASP A 1 46  ? 7.736   14.418  -0.647  1.00 29.05 ? 139 ASP A CA  1 
ATOM   321  C C   . ASP A 1 46  ? 7.975   13.188  0.244   1.00 26.31 ? 139 ASP A C   1 
ATOM   322  O O   . ASP A 1 46  ? 8.834   12.372  -0.082  1.00 26.63 ? 139 ASP A O   1 
ATOM   323  C CB  . ASP A 1 46  ? 8.522   15.595  -0.046  1.00 30.61 ? 139 ASP A CB  1 
ATOM   324  C CG  . ASP A 1 46  ? 8.676   16.743  -1.005  1.00 38.97 ? 139 ASP A CG  1 
ATOM   325  O OD1 . ASP A 1 46  ? 8.824   16.513  -2.221  1.00 33.94 ? 139 ASP A OD1 1 
ATOM   326  O OD2 . ASP A 1 46  ? 8.722   17.895  -0.499  1.00 40.99 ? 139 ASP A OD2 1 
ATOM   327  N N   . CYS A 1 47  ? 7.247   13.080  1.371   1.00 26.48 ? 140 CYS A N   1 
ATOM   328  C CA  . CYS A 1 47  ? 7.305   11.913  2.195   1.00 26.28 ? 140 CYS A CA  1 
ATOM   329  C C   . CYS A 1 47  ? 6.905   10.648  1.351   1.00 21.60 ? 140 CYS A C   1 
ATOM   330  O O   . CYS A 1 47  ? 7.625   9.651   1.397   1.00 22.44 ? 140 CYS A O   1 
ATOM   331  C CB  . CYS A 1 47  ? 6.354   12.040  3.357   1.00 25.90 ? 140 CYS A CB  1 
ATOM   332  S SG  . CYS A 1 47  ? 6.280   10.537  4.396   1.00 29.19 ? 140 CYS A SG  1 
ATOM   333  N N   . ALA A 1 48  ? 5.773   10.751  0.648   1.00 24.25 ? 141 ALA A N   1 
ATOM   334  C CA  . ALA A 1 48  ? 5.326   9.534   -0.182  1.00 22.64 ? 141 ALA A CA  1 
ATOM   335  C C   . ALA A 1 48  ? 6.419   9.108   -1.120  1.00 21.44 ? 141 ALA A C   1 
ATOM   336  O O   . ALA A 1 48  ? 6.781   7.969   -1.236  1.00 20.29 ? 141 ALA A O   1 
ATOM   337  C CB  . ALA A 1 48  ? 4.065   9.843   -0.937  1.00 22.42 ? 141 ALA A CB  1 
ATOM   338  N N   . ALA A 1 49  ? 6.998   10.066  -1.898  1.00 22.96 ? 142 ALA A N   1 
ATOM   339  C CA  . ALA A 1 49  ? 8.063   9.704   -2.767  1.00 22.20 ? 142 ALA A CA  1 
ATOM   340  C C   . ALA A 1 49  ? 9.314   9.165   -2.093  1.00 21.64 ? 142 ALA A C   1 
ATOM   341  O O   . ALA A 1 49  ? 9.926   8.235   -2.605  1.00 22.41 ? 142 ALA A O   1 
ATOM   342  C CB  . ALA A 1 49  ? 8.461   10.890  -3.641  1.00 24.18 ? 142 ALA A CB  1 
ATOM   343  N N   . ARG A 1 50  ? 9.676   9.746   -0.958  1.00 22.77 ? 143 ARG A N   1 
ATOM   344  C CA  . ARG A 1 50  ? 10.831  9.267   -0.261  1.00 24.65 ? 143 ARG A CA  1 
ATOM   345  C C   . ARG A 1 50  ? 10.645  7.832   0.212   1.00 25.47 ? 143 ARG A C   1 
ATOM   346  O O   . ARG A 1 50  ? 11.531  6.997   0.072   1.00 21.71 ? 143 ARG A O   1 
ATOM   347  C CB  . ARG A 1 50  ? 11.121  10.158  0.951   1.00 26.59 ? 143 ARG A CB  1 
ATOM   348  C CG  . ARG A 1 50  ? 12.414  9.838   1.684   1.00 31.91 ? 143 ARG A CG  1 
ATOM   349  C CD  . ARG A 1 50  ? 12.582  10.731  2.922   1.00 30.90 ? 143 ARG A CD  1 
ATOM   350  N NE  . ARG A 1 50  ? 11.409  10.936  3.766   1.00 30.25 ? 143 ARG A NE  1 
ATOM   351  C CZ  . ARG A 1 50  ? 10.976  10.128  4.772   1.00 30.53 ? 143 ARG A CZ  1 
ATOM   352  N NH1 . ARG A 1 50  ? 11.555  8.987   5.065   1.00 35.19 ? 143 ARG A NH1 1 
ATOM   353  N NH2 . ARG A 1 50  ? 9.917   10.426  5.416   1.00 31.92 ? 143 ARG A NH2 1 
ATOM   354  N N   . GLU A 1 51  ? 9.521   7.600   0.887   1.00 26.73 ? 144 GLU A N   1 
ATOM   355  C CA  . GLU A 1 51  ? 9.264   6.258   1.435   1.00 25.62 ? 144 GLU A CA  1 
ATOM   356  C C   . GLU A 1 51  ? 9.191   5.229   0.312   1.00 22.14 ? 144 GLU A C   1 
ATOM   357  O O   . GLU A 1 51  ? 9.676   4.115   0.427   1.00 23.15 ? 144 GLU A O   1 
ATOM   358  C CB  . GLU A 1 51  ? 8.010   6.298   2.215   1.00 27.41 ? 144 GLU A CB  1 
ATOM   359  C CG  . GLU A 1 51  ? 8.101   7.074   3.500   1.00 27.68 ? 144 GLU A CG  1 
ATOM   360  C CD  . GLU A 1 51  ? 8.939   6.365   4.578   1.00 38.03 ? 144 GLU A CD  1 
ATOM   361  O OE1 . GLU A 1 51  ? 9.270   5.171   4.396   1.00 35.45 ? 144 GLU A OE1 1 
ATOM   362  O OE2 . GLU A 1 51  ? 9.248   7.004   5.613   1.00 39.18 ? 144 GLU A OE2 1 
ATOM   363  N N   . VAL A 1 52  ? 8.501   5.582   -0.782  1.00 20.89 ? 145 VAL A N   1 
ATOM   364  C CA  . VAL A 1 52  ? 8.386   4.635   -1.870  1.00 19.48 ? 145 VAL A CA  1 
ATOM   365  C C   . VAL A 1 52  ? 9.734   4.328   -2.523  1.00 21.45 ? 145 VAL A C   1 
ATOM   366  O O   . VAL A 1 52  ? 10.025  3.190   -2.873  1.00 21.97 ? 145 VAL A O   1 
ATOM   367  C CB  . VAL A 1 52  ? 7.276   5.074   -2.851  1.00 19.77 ? 145 VAL A CB  1 
ATOM   368  C CG1 . VAL A 1 52  ? 7.288   4.207   -4.077  1.00 23.05 ? 145 VAL A CG1 1 
ATOM   369  C CG2 . VAL A 1 52  ? 5.912   5.092   -2.210  1.00 20.97 ? 145 VAL A CG2 1 
ATOM   370  N N   . PHE A 1 53  ? 10.573  5.378   -2.703  1.00 23.41 ? 146 PHE A N   1 
ATOM   371  C CA  . PHE A 1 53  ? 11.857  5.147   -3.283  1.00 21.42 ? 146 PHE A CA  1 
ATOM   372  C C   . PHE A 1 53  ? 12.744  4.311   -2.287  1.00 20.53 ? 146 PHE A C   1 
ATOM   373  O O   . PHE A 1 53  ? 13.424  3.440   -2.714  1.00 25.99 ? 146 PHE A O   1 
ATOM   374  C CB  . PHE A 1 53  ? 12.533  6.491   -3.590  1.00 24.31 ? 146 PHE A CB  1 
ATOM   375  C CG  . PHE A 1 53  ? 13.795  6.319   -4.329  1.00 27.87 ? 146 PHE A CG  1 
ATOM   376  C CD1 . PHE A 1 53  ? 13.797  6.021   -5.665  1.00 29.67 ? 146 PHE A CD1 1 
ATOM   377  C CD2 . PHE A 1 53  ? 14.998  6.395   -3.635  1.00 36.65 ? 146 PHE A CD2 1 
ATOM   378  C CE1 . PHE A 1 53  ? 14.970  5.801   -6.351  1.00 34.59 ? 146 PHE A CE1 1 
ATOM   379  C CE2 . PHE A 1 53  ? 16.187  6.195   -4.308  1.00 38.44 ? 146 PHE A CE2 1 
ATOM   380  C CZ  . PHE A 1 53  ? 16.162  5.897   -5.684  1.00 36.26 ? 146 PHE A CZ  1 
ATOM   381  N N   . GLU A 1 54  ? 12.641  4.603   -1.017  1.00 21.88 ? 147 GLU A N   1 
ATOM   382  C CA  . GLU A 1 54  ? 13.444  3.767   -0.006  1.00 26.71 ? 147 GLU A CA  1 
ATOM   383  C C   . GLU A 1 54  ? 13.043  2.328   -0.053  1.00 27.19 ? 147 GLU A C   1 
ATOM   384  O O   . GLU A 1 54  ? 13.868  1.419   0.092   1.00 27.02 ? 147 GLU A O   1 
ATOM   385  C CB  . GLU A 1 54  ? 13.184  4.286   1.406   1.00 31.21 ? 147 GLU A CB  1 
ATOM   386  C CG  . GLU A 1 54  ? 13.889  5.587   1.765   1.00 44.72 ? 147 GLU A CG  1 
ATOM   387  C CD  . GLU A 1 54  ? 13.526  6.141   3.188   1.00 47.53 ? 147 GLU A CD  1 
ATOM   388  O OE1 . GLU A 1 54  ? 12.739  5.479   3.948   1.00 51.11 ? 147 GLU A OE1 1 
ATOM   389  O OE2 . GLU A 1 54  ? 14.033  7.257   3.577   1.00 47.02 ? 147 GLU A OE2 1 
ATOM   390  N N   . GLU A 1 55  ? 11.731  2.090   -0.193  1.00 25.02 ? 148 GLU A N   1 
ATOM   391  C CA  . GLU A 1 55  ? 11.215  0.692   -0.112  1.00 25.52 ? 148 GLU A CA  1 
ATOM   392  C C   . GLU A 1 55  ? 11.162  -0.077  -1.412  1.00 24.11 ? 148 GLU A C   1 
ATOM   393  O O   . GLU A 1 55  ? 11.035  -1.296  -1.374  1.00 26.59 ? 148 GLU A O   1 
ATOM   394  C CB  . GLU A 1 55  ? 9.851   0.688   0.599   1.00 24.73 ? 148 GLU A CB  1 
ATOM   395  C CG  . GLU A 1 55  ? 9.952   1.182   2.017   1.00 26.79 ? 148 GLU A CG  1 
ATOM   396  C CD  . GLU A 1 55  ? 8.646   1.306   2.726   1.00 33.19 ? 148 GLU A CD  1 
ATOM   397  O OE1 . GLU A 1 55  ? 7.658   0.761   2.253   1.00 26.57 ? 148 GLU A OE1 1 
ATOM   398  O OE2 . GLU A 1 55  ? 8.618   2.039   3.726   1.00 41.08 ? 148 GLU A OE2 1 
ATOM   399  N N   . THR A 1 56  ? 11.206  0.625   -2.579  1.00 22.87 ? 149 THR A N   1 
ATOM   400  C CA  . THR A 1 56  ? 11.026  -0.008  -3.895  1.00 23.44 ? 149 THR A CA  1 
ATOM   401  C C   . THR A 1 56  ? 12.077  0.347   -4.907  1.00 22.79 ? 149 THR A C   1 
ATOM   402  O O   . THR A 1 56  ? 12.161  -0.312  -5.929  1.00 26.53 ? 149 THR A O   1 
ATOM   403  C CB  . THR A 1 56  ? 9.648   0.339   -4.576  1.00 23.79 ? 149 THR A CB  1 
ATOM   404  O OG1 . THR A 1 56  ? 9.628   1.720   -4.974  1.00 22.23 ? 149 THR A OG1 1 
ATOM   405  C CG2 . THR A 1 56  ? 8.503   0.187   -3.566  1.00 19.83 ? 149 THR A CG2 1 
ATOM   406  N N   . GLY A 1 57  ? 12.785  1.443   -4.677  1.00 24.60 ? 150 GLY A N   1 
ATOM   407  C CA  . GLY A 1 57  ? 13.746  1.973   -5.650  1.00 25.28 ? 150 GLY A CA  1 
ATOM   408  C C   . GLY A 1 57  ? 13.124  2.659   -6.869  1.00 29.62 ? 150 GLY A C   1 
ATOM   409  O O   . GLY A 1 57  ? 13.821  2.959   -7.844  1.00 29.96 ? 150 GLY A O   1 
ATOM   410  N N   . PHE A 1 58  ? 11.830  2.899   -6.832  1.00 23.66 ? 151 PHE A N   1 
ATOM   411  C CA  . PHE A 1 58  ? 11.101  3.485   -7.941  1.00 24.31 ? 151 PHE A CA  1 
ATOM   412  C C   . PHE A 1 58  ? 10.707  4.863   -7.513  1.00 24.07 ? 151 PHE A C   1 
ATOM   413  O O   . PHE A 1 58  ? 10.204  5.110   -6.398  1.00 24.68 ? 151 PHE A O   1 
ATOM   414  C CB  . PHE A 1 58  ? 9.975   2.623   -8.394  1.00 25.75 ? 151 PHE A CB  1 
ATOM   415  C CG  . PHE A 1 58  ? 9.187   3.246   -9.536  1.00 23.65 ? 151 PHE A CG  1 
ATOM   416  C CD1 . PHE A 1 58  ? 9.639   3.131   -10.821 1.00 27.85 ? 151 PHE A CD1 1 
ATOM   417  C CD2 . PHE A 1 58  ? 8.019   3.957   -9.258  1.00 28.52 ? 151 PHE A CD2 1 
ATOM   418  C CE1 . PHE A 1 58  ? 8.944   3.710   -11.860 1.00 29.55 ? 151 PHE A CE1 1 
ATOM   419  C CE2 . PHE A 1 58  ? 7.275   4.512   -10.315 1.00 29.47 ? 151 PHE A CE2 1 
ATOM   420  C CZ  . PHE A 1 58  ? 7.790   4.386   -11.601 1.00 29.22 ? 151 PHE A CZ  1 
ATOM   421  N N   . ASP A 1 59  ? 10.964  5.875   -8.360  1.00 24.12 ? 152 ASP A N   1 
ATOM   422  C CA  . ASP A 1 59  ? 10.713  7.280   -7.990  1.00 28.56 ? 152 ASP A CA  1 
ATOM   423  C C   . ASP A 1 59  ? 9.396   7.750   -8.570  1.00 27.06 ? 152 ASP A C   1 
ATOM   424  O O   . ASP A 1 59  ? 9.227   7.794   -9.808  1.00 25.76 ? 152 ASP A O   1 
ATOM   425  C CB  . ASP A 1 59  ? 11.859  8.172   -8.538  1.00 28.91 ? 152 ASP A CB  1 
ATOM   426  C CG  . ASP A 1 59  ? 11.704  9.620   -8.194  1.00 35.03 ? 152 ASP A CG  1 
ATOM   427  O OD1 . ASP A 1 59  ? 10.791  10.083  -7.444  1.00 28.52 ? 152 ASP A OD1 1 
ATOM   428  O OD2 . ASP A 1 59  ? 12.573  10.359  -8.712  1.00 39.48 ? 152 ASP A OD2 1 
ATOM   429  N N   . ILE A 1 60  ? 8.445   8.068   -7.699  1.00 22.76 ? 153 ILE A N   1 
ATOM   430  C CA  . ILE A 1 60  ? 7.047   8.444   -8.128  1.00 24.17 ? 153 ILE A CA  1 
ATOM   431  C C   . ILE A 1 60  ? 6.872   9.940   -8.292  1.00 24.46 ? 153 ILE A C   1 
ATOM   432  O O   . ILE A 1 60  ? 5.805   10.406  -8.563  1.00 24.86 ? 153 ILE A O   1 
ATOM   433  C CB  . ILE A 1 60  ? 5.979   7.924   -7.200  1.00 25.13 ? 153 ILE A CB  1 
ATOM   434  C CG1 . ILE A 1 60  ? 6.138   8.462   -5.792  1.00 25.38 ? 153 ILE A CG1 1 
ATOM   435  C CG2 . ILE A 1 60  ? 5.970   6.424   -7.185  1.00 25.68 ? 153 ILE A CG2 1 
ATOM   436  C CD1 . ILE A 1 60  ? 4.894   8.173   -4.952  1.00 26.50 ? 153 ILE A CD1 1 
ATOM   437  N N   . LYS A 1 61  ? 7.915   10.688  -8.077  1.00 24.39 ? 154 LYS A N   1 
ATOM   438  C CA  . LYS A 1 61  ? 7.768   12.112  -7.921  1.00 29.13 ? 154 LYS A CA  1 
ATOM   439  C C   . LYS A 1 61  ? 7.094   12.724  -9.164  1.00 26.25 ? 154 LYS A C   1 
ATOM   440  O O   . LYS A 1 61  ? 6.199   13.534  -9.016  1.00 29.63 ? 154 LYS A O   1 
ATOM   441  C CB  . LYS A 1 61  ? 9.148   12.744  -7.745  1.00 33.30 ? 154 LYS A CB  1 
ATOM   442  C CG  . LYS A 1 61  ? 9.266   14.221  -8.085  1.00 46.74 ? 154 LYS A CG  1 
ATOM   443  C CD  . LYS A 1 61  ? 10.628  14.854  -7.687  1.00 52.97 ? 154 LYS A CD  1 
ATOM   444  C CE  . LYS A 1 61  ? 11.879  14.050  -8.107  1.00 58.71 ? 154 LYS A CE  1 
ATOM   445  N NZ  . LYS A 1 61  ? 12.199  14.091  -9.572  1.00 68.78 ? 154 LYS A NZ  1 
ATOM   446  N N   . ASP A 1 62  ? 7.560   12.290  -10.314 1.00 28.28 ? 155 ASP A N   1 
ATOM   447  C CA  . ASP A 1 62  ? 7.038   12.890  -11.609 1.00 28.70 ? 155 ASP A CA  1 
ATOM   448  C C   . ASP A 1 62  ? 5.614   12.395  -11.930 1.00 29.73 ? 155 ASP A C   1 
ATOM   449  O O   . ASP A 1 62  ? 4.921   12.946  -12.830 1.00 29.91 ? 155 ASP A O   1 
ATOM   450  C CB  . ASP A 1 62  ? 7.947   12.472  -12.743 1.00 31.51 ? 155 ASP A CB  1 
ATOM   451  C CG  . ASP A 1 62  ? 9.295   13.199  -12.804 1.00 37.24 ? 155 ASP A CG  1 
ATOM   452  O OD1 . ASP A 1 62  ? 9.549   14.178  -12.101 1.00 39.40 ? 155 ASP A OD1 1 
ATOM   453  O OD2 . ASP A 1 62  ? 10.081  12.775  -13.674 1.00 40.82 ? 155 ASP A OD2 1 
ATOM   454  N N   . TYR A 1 63  ? 5.114   11.389  -11.168 1.00 27.33 ? 156 TYR A N   1 
ATOM   455  C CA  . TYR A 1 63  ? 3.774   10.784  -11.423 1.00 27.99 ? 156 TYR A CA  1 
ATOM   456  C C   . TYR A 1 63  ? 2.696   11.089  -10.395 1.00 25.98 ? 156 TYR A C   1 
ATOM   457  O O   . TYR A 1 63  ? 1.491   10.955  -10.641 1.00 30.53 ? 156 TYR A O   1 
ATOM   458  C CB  . TYR A 1 63  ? 3.917   9.292   -11.538 1.00 27.27 ? 156 TYR A CB  1 
ATOM   459  C CG  . TYR A 1 63  ? 4.928   8.914   -12.464 1.00 26.97 ? 156 TYR A CG  1 
ATOM   460  C CD1 . TYR A 1 63  ? 4.903   9.511   -13.774 1.00 30.14 ? 156 TYR A CD1 1 
ATOM   461  C CD2 . TYR A 1 63  ? 6.034   8.252   -12.086 1.00 29.11 ? 156 TYR A CD2 1 
ATOM   462  C CE1 . TYR A 1 63  ? 5.897   9.267   -14.659 1.00 32.33 ? 156 TYR A CE1 1 
ATOM   463  C CE2 . TYR A 1 63  ? 7.060   7.961   -12.986 1.00 31.07 ? 156 TYR A CE2 1 
ATOM   464  C CZ  . TYR A 1 63  ? 6.947   8.469   -14.283 1.00 36.65 ? 156 TYR A CZ  1 
ATOM   465  O OH  . TYR A 1 63  ? 7.927   8.291   -15.171 1.00 43.30 ? 156 TYR A OH  1 
ATOM   466  N N   . ILE A 1 64  ? 3.083   11.550  -9.213  1.00 24.92 ? 157 ILE A N   1 
ATOM   467  C CA  . ILE A 1 64  ? 2.056   11.928  -8.265  1.00 26.03 ? 157 ILE A CA  1 
ATOM   468  C C   . ILE A 1 64  ? 1.083   12.952  -8.697  1.00 33.16 ? 157 ILE A C   1 
ATOM   469  O O   . ILE A 1 64  ? 1.484   14.025  -9.222  1.00 34.58 ? 157 ILE A O   1 
ATOM   470  C CB  . ILE A 1 64  ? 2.664   12.485  -6.910  1.00 28.93 ? 157 ILE A CB  1 
ATOM   471  C CG1 . ILE A 1 64  ? 3.265   11.354  -6.142  1.00 32.55 ? 157 ILE A CG1 1 
ATOM   472  C CG2 . ILE A 1 64  ? 1.608   13.042  -5.982  1.00 28.66 ? 157 ILE A CG2 1 
ATOM   473  C CD1 . ILE A 1 64  ? 4.246   11.817  -5.032  1.00 34.47 ? 157 ILE A CD1 1 
ATOM   474  N N   A CYS A 1 65  ? -0.199  12.653  -8.523  0.25 26.50 ? 158 CYS A N   1 
ATOM   475  N N   B CYS A 1 65  ? -0.193  12.692  -8.449  0.25 31.75 ? 158 CYS A N   1 
ATOM   476  C CA  A CYS A 1 65  ? -1.241  13.638  -8.701  0.25 26.12 ? 158 CYS A CA  1 
ATOM   477  C CA  B CYS A 1 65  ? -1.247  13.628  -8.767  0.25 34.85 ? 158 CYS A CA  1 
ATOM   478  C C   A CYS A 1 65  ? -1.760  14.012  -7.345  0.25 30.12 ? 158 CYS A C   1 
ATOM   479  C C   B CYS A 1 65  ? -1.923  14.030  -7.461  0.25 35.34 ? 158 CYS A C   1 
ATOM   480  O O   A CYS A 1 65  ? -2.084  13.152  -6.520  0.25 27.61 ? 158 CYS A O   1 
ATOM   481  O O   B CYS A 1 65  ? -2.554  13.192  -6.802  0.25 34.58 ? 158 CYS A O   1 
ATOM   482  C CB  A CYS A 1 65  ? -2.356  13.132  -9.583  0.25 24.44 ? 158 CYS A CB  1 
ATOM   483  C CB  B CYS A 1 65  ? -2.203  12.991  -9.770  0.25 38.27 ? 158 CYS A CB  1 
ATOM   484  S SG  A CYS A 1 65  ? -1.838  12.698  -11.238 0.25 20.52 ? 158 CYS A SG  1 
ATOM   485  S SG  B CYS A 1 65  ? -3.700  13.935  -10.120 0.25 48.07 ? 158 CYS A SG  1 
ATOM   486  N N   . LYS A 1 66  ? -1.774  15.313  -7.091  1.00 34.16 ? 159 LYS A N   1 
ATOM   487  C CA  . LYS A 1 66  ? -2.206  15.857  -5.787  1.00 35.32 ? 159 LYS A CA  1 
ATOM   488  C C   . LYS A 1 66  ? -3.518  15.404  -5.268  1.00 31.65 ? 159 LYS A C   1 
ATOM   489  O O   . LYS A 1 66  ? -3.629  15.153  -4.039  1.00 37.11 ? 159 LYS A O   1 
ATOM   490  C CB  . LYS A 1 66  ? -2.257  17.415  -5.857  1.00 33.76 ? 159 LYS A CB  1 
ATOM   491  C CG  . LYS A 1 66  ? -3.388  17.983  -6.717  1.00 45.76 ? 159 LYS A CG  1 
ATOM   492  N N   . ASP A 1 67  ? -4.522  15.267  -6.123  1.00 33.18 ? 160 ASP A N   1 
ATOM   493  C CA  . ASP A 1 67  ? -5.852  14.954  -5.642  1.00 37.39 ? 160 ASP A CA  1 
ATOM   494  C C   . ASP A 1 67  ? -6.154  13.469  -5.673  1.00 35.15 ? 160 ASP A C   1 
ATOM   495  O O   . ASP A 1 67  ? -7.295  13.076  -5.427  1.00 35.59 ? 160 ASP A O   1 
ATOM   496  C CB  . ASP A 1 67  ? -6.896  15.692  -6.499  1.00 44.83 ? 160 ASP A CB  1 
ATOM   497  C CG  . ASP A 1 67  ? -6.747  17.203  -6.368  1.00 57.11 ? 160 ASP A CG  1 
ATOM   498  O OD1 . ASP A 1 67  ? -6.688  17.660  -5.201  1.00 60.26 ? 160 ASP A OD1 1 
ATOM   499  O OD2 . ASP A 1 67  ? -6.610  17.898  -7.403  1.00 61.98 ? 160 ASP A OD2 1 
ATOM   500  N N   . ASP A 1 68  ? -5.163  12.652  -6.048  1.00 31.00 ? 161 ASP A N   1 
ATOM   501  C CA  . ASP A 1 68  ? -5.475  11.222  -6.344  1.00 28.20 ? 161 ASP A CA  1 
ATOM   502  C C   . ASP A 1 68  ? -4.800  10.364  -5.263  1.00 25.77 ? 161 ASP A C   1 
ATOM   503  O O   . ASP A 1 68  ? -3.637  9.970   -5.374  1.00 23.11 ? 161 ASP A O   1 
ATOM   504  C CB  . ASP A 1 68  ? -4.931  10.746  -7.687  1.00 27.10 ? 161 ASP A CB  1 
ATOM   505  C CG  . ASP A 1 68  ? -5.634  11.352  -8.877  1.00 34.34 ? 161 ASP A CG  1 
ATOM   506  O OD1 . ASP A 1 68  ? -6.617  12.088  -8.677  1.00 31.35 ? 161 ASP A OD1 1 
ATOM   507  O OD2 . ASP A 1 68  ? -5.223  11.042  -10.026 1.00 29.32 ? 161 ASP A OD2 1 
ATOM   508  N N   . TYR A 1 69  ? -5.551  10.111  -4.215  1.00 26.41 ? 162 TYR A N   1 
ATOM   509  C CA  . TYR A 1 69  ? -5.061  9.343   -3.081  1.00 24.58 ? 162 TYR A CA  1 
ATOM   510  C C   . TYR A 1 69  ? -6.221  8.755   -2.315  1.00 28.09 ? 162 TYR A C   1 
ATOM   511  O O   . TYR A 1 69  ? -7.364  9.109   -2.549  1.00 28.38 ? 162 TYR A O   1 
ATOM   512  C CB  . TYR A 1 69  ? -4.155  10.199  -2.206  1.00 23.33 ? 162 TYR A CB  1 
ATOM   513  C CG  . TYR A 1 69  ? -4.883  11.402  -1.547  1.00 28.42 ? 162 TYR A CG  1 
ATOM   514  C CD1 . TYR A 1 69  ? -5.728  11.247  -0.423  1.00 31.40 ? 162 TYR A CD1 1 
ATOM   515  C CD2 . TYR A 1 69  ? -4.720  12.677  -2.102  1.00 33.26 ? 162 TYR A CD2 1 
ATOM   516  C CE1 . TYR A 1 69  ? -6.397  12.343  0.148   1.00 33.94 ? 162 TYR A CE1 1 
ATOM   517  C CE2 . TYR A 1 69  ? -5.389  13.770  -1.531  1.00 35.52 ? 162 TYR A CE2 1 
ATOM   518  C CZ  . TYR A 1 69  ? -6.198  13.592  -0.425  1.00 41.91 ? 162 TYR A CZ  1 
ATOM   519  O OH  . TYR A 1 69  ? -6.804  14.712  0.096   1.00 44.76 ? 162 TYR A OH  1 
ATOM   520  N N   . ILE A 1 70  ? -5.931  7.754   -1.517  1.00 26.12 ? 163 ILE A N   1 
ATOM   521  C CA  . ILE A 1 70  ? -6.860  7.210   -0.485  1.00 28.02 ? 163 ILE A CA  1 
ATOM   522  C C   . ILE A 1 70  ? -6.240  7.401   0.825   1.00 26.00 ? 163 ILE A C   1 
ATOM   523  O O   . ILE A 1 70  ? -5.078  7.072   1.021   1.00 23.56 ? 163 ILE A O   1 
ATOM   524  C CB  . ILE A 1 70  ? -7.090  5.710   -0.805  1.00 31.27 ? 163 ILE A CB  1 
ATOM   525  C CG1 . ILE A 1 70  ? -8.052  5.668   -1.989  1.00 35.75 ? 163 ILE A CG1 1 
ATOM   526  C CG2 . ILE A 1 70  ? -7.740  4.955   0.349   1.00 40.56 ? 163 ILE A CG2 1 
ATOM   527  C CD1 . ILE A 1 70  ? -7.941  4.324   -2.699  1.00 40.43 ? 163 ILE A CD1 1 
ATOM   528  N N   . GLU A 1 71  ? -7.035  7.942   1.786   1.00 25.27 ? 164 GLU A N   1 
ATOM   529  C CA  . GLU A 1 71  ? -6.559  8.225   3.081   1.00 29.50 ? 164 GLU A CA  1 
ATOM   530  C C   . GLU A 1 71  ? -7.478  7.535   4.078   1.00 30.20 ? 164 GLU A C   1 
ATOM   531  O O   . GLU A 1 71  ? -8.662  7.586   3.898   1.00 33.70 ? 164 GLU A O   1 
ATOM   532  C CB  . GLU A 1 71  ? -6.618  9.731   3.226   1.00 34.15 ? 164 GLU A CB  1 
ATOM   533  C CG  . GLU A 1 71  ? -6.169  10.298  4.522   1.00 42.85 ? 164 GLU A CG  1 
ATOM   534  C CD  . GLU A 1 71  ? -6.206  11.828  4.443   1.00 49.74 ? 164 GLU A CD  1 
ATOM   535  O OE1 . GLU A 1 71  ? -7.274  12.437  4.687   1.00 57.01 ? 164 GLU A OE1 1 
ATOM   536  O OE2 . GLU A 1 71  ? -5.178  12.380  4.074   1.00 45.55 ? 164 GLU A OE2 1 
ATOM   537  N N   . LEU A 1 72  ? -6.884  6.869   5.030   1.00 26.98 ? 165 LEU A N   1 
ATOM   538  C CA  . LEU A 1 72  ? -7.554  6.240   6.133   1.00 29.42 ? 165 LEU A CA  1 
ATOM   539  C C   . LEU A 1 72  ? -6.973  6.600   7.492   1.00 29.27 ? 165 LEU A C   1 
ATOM   540  O O   . LEU A 1 72  ? -5.787  6.702   7.722   1.00 29.24 ? 165 LEU A O   1 
ATOM   541  C CB  . LEU A 1 72  ? -7.458  4.723   6.030   1.00 28.42 ? 165 LEU A CB  1 
ATOM   542  C CG  . LEU A 1 72  ? -8.011  4.158   4.772   1.00 29.57 ? 165 LEU A CG  1 
ATOM   543  C CD1 . LEU A 1 72  ? -7.827  2.638   4.792   1.00 29.83 ? 165 LEU A CD1 1 
ATOM   544  C CD2 . LEU A 1 72  ? -9.504  4.488   4.618   1.00 38.00 ? 165 LEU A CD2 1 
ATOM   545  N N   . ARG A 1 73  ? -7.881  6.654   8.466   1.00 29.93 ? 166 ARG A N   1 
ATOM   546  C CA  . ARG A 1 73  ? -7.423  6.878   9.826   1.00 34.22 ? 166 ARG A CA  1 
ATOM   547  C C   . ARG A 1 73  ? -7.688  5.583   10.554  1.00 34.29 ? 166 ARG A C   1 
ATOM   548  O O   . ARG A 1 73  ? -8.827  5.067   10.610  1.00 36.60 ? 166 ARG A O   1 
ATOM   549  C CB  . ARG A 1 73  ? -8.142  8.109   10.446  1.00 34.68 ? 166 ARG A CB  1 
ATOM   550  C CG  . ARG A 1 73  ? -7.561  8.463   11.828  1.00 39.90 ? 166 ARG A CG  1 
ATOM   551  C CD  . ARG A 1 73  ? -8.429  9.463   12.634  1.00 47.71 ? 166 ARG A CD  1 
ATOM   552  N NE  . ARG A 1 73  ? -9.809  8.954   12.885  1.00 46.61 ? 166 ARG A NE  1 
ATOM   553  C CZ  . ARG A 1 73  ? -10.942 9.685   12.817  1.00 52.25 ? 166 ARG A CZ  1 
ATOM   554  N NH1 . ARG A 1 73  ? -10.934 10.993  12.533  1.00 50.53 ? 166 ARG A NH1 1 
ATOM   555  N NH2 . ARG A 1 73  ? -12.130 9.109   13.022  1.00 47.51 ? 166 ARG A NH2 1 
ATOM   556  N N   . ILE A 1 74  ? -6.627  4.975   11.025  1.00 26.60 ? 167 ILE A N   1 
ATOM   557  C CA  . ILE A 1 74  ? -6.716  3.777   11.744  1.00 33.76 ? 167 ILE A CA  1 
ATOM   558  C C   . ILE A 1 74  ? -6.147  3.991   13.107  1.00 35.33 ? 167 ILE A C   1 
ATOM   559  O O   . ILE A 1 74  ? -4.944  4.320   13.244  1.00 32.00 ? 167 ILE A O   1 
ATOM   560  C CB  . ILE A 1 74  ? -5.902  2.718   10.985  1.00 39.85 ? 167 ILE A CB  1 
ATOM   561  C CG1 . ILE A 1 74  ? -6.667  2.450   9.657   1.00 43.96 ? 167 ILE A CG1 1 
ATOM   562  C CG2 . ILE A 1 74  ? -5.699  1.460   11.851  1.00 43.26 ? 167 ILE A CG2 1 
ATOM   563  C CD1 . ILE A 1 74  ? -5.931  1.622   8.650   1.00 42.92 ? 167 ILE A CD1 1 
ATOM   564  N N   . ASN A 1 75  ? -6.977  3.806   14.142  1.00 31.45 ? 168 ASN A N   1 
ATOM   565  C CA  . ASN A 1 75  ? -6.486  4.005   15.517  1.00 33.65 ? 168 ASN A CA  1 
ATOM   566  C C   . ASN A 1 75  ? -5.762  5.278   15.709  1.00 35.98 ? 168 ASN A C   1 
ATOM   567  O O   . ASN A 1 75  ? -4.668  5.331   16.296  1.00 42.79 ? 168 ASN A O   1 
ATOM   568  C CB  . ASN A 1 75  ? -5.564  2.865   15.896  1.00 36.23 ? 168 ASN A CB  1 
ATOM   569  C CG  . ASN A 1 75  ? -6.304  1.594   16.018  1.00 34.09 ? 168 ASN A CG  1 
ATOM   570  O OD1 . ASN A 1 75  ? -7.477  1.595   16.437  1.00 38.93 ? 168 ASN A OD1 1 
ATOM   571  N ND2 . ASN A 1 75  ? -5.694  0.498   15.570  1.00 36.42 ? 168 ASN A ND2 1 
ATOM   572  N N   . ASP A 1 76  ? -6.383  6.281   15.170  1.00 32.45 ? 169 ASP A N   1 
ATOM   573  C CA  . ASP A 1 76  ? -6.040  7.655   15.329  1.00 48.19 ? 169 ASP A CA  1 
ATOM   574  C C   . ASP A 1 76  ? -4.653  8.017   14.730  1.00 45.95 ? 169 ASP A C   1 
ATOM   575  O O   . ASP A 1 76  ? -3.938  8.868   15.221  1.00 48.46 ? 169 ASP A O   1 
ATOM   576  C CB  . ASP A 1 76  ? -6.299  8.079   16.791  1.00 52.17 ? 169 ASP A CB  1 
ATOM   577  C CG  . ASP A 1 76  ? -7.222  9.297   16.864  1.00 59.52 ? 169 ASP A CG  1 
ATOM   578  O OD1 . ASP A 1 76  ? -8.596  9.308   16.829  1.00 43.17 ? 169 ASP A OD1 1 
ATOM   579  O OD2 . ASP A 1 76  ? -6.444  10.277  16.902  1.00 54.38 ? 169 ASP A OD2 1 
ATOM   580  N N   . GLN A 1 77  ? -4.319  7.339   13.648  1.00 43.43 ? 170 GLN A N   1 
ATOM   581  C CA  . GLN A 1 77  ? -3.117  7.599   12.832  1.00 45.00 ? 170 GLN A CA  1 
ATOM   582  C C   . GLN A 1 77  ? -3.596  7.672   11.394  1.00 42.45 ? 170 GLN A C   1 
ATOM   583  O O   . GLN A 1 77  ? -4.403  6.831   10.952  1.00 36.63 ? 170 GLN A O   1 
ATOM   584  C CB  . GLN A 1 77  ? -2.116  6.497   13.003  1.00 49.02 ? 170 GLN A CB  1 
ATOM   585  C CG  . GLN A 1 77  ? -1.027  6.463   11.918  1.00 65.08 ? 170 GLN A CG  1 
ATOM   586  C CD  . GLN A 1 77  ? 0.387   6.422   12.440  1.00 67.87 ? 170 GLN A CD  1 
ATOM   587  O OE1 . GLN A 1 77  ? 0.640   6.430   13.645  1.00 79.31 ? 170 GLN A OE1 1 
ATOM   588  N NE2 . GLN A 1 77  ? 1.332   6.420   11.514  1.00 84.89 ? 170 GLN A NE2 1 
ATOM   589  N N   . LEU A 1 78  ? -3.131  8.674   10.673  1.00 33.04 ? 171 LEU A N   1 
ATOM   590  C CA  . LEU A 1 78  ? -3.616  8.907   9.344   1.00 35.95 ? 171 LEU A CA  1 
ATOM   591  C C   . LEU A 1 78  ? -2.649  8.332   8.321   1.00 30.82 ? 171 LEU A C   1 
ATOM   592  O O   . LEU A 1 78  ? -1.501  8.586   8.485   1.00 33.94 ? 171 LEU A O   1 
ATOM   593  C CB  . LEU A 1 78  ? -3.702  10.401  9.170   1.00 41.34 ? 171 LEU A CB  1 
ATOM   594  C CG  . LEU A 1 78  ? -4.509  10.885  7.998   1.00 51.42 ? 171 LEU A CG  1 
ATOM   595  C CD1 . LEU A 1 78  ? -5.908  11.271  8.498   1.00 62.09 ? 171 LEU A CD1 1 
ATOM   596  C CD2 . LEU A 1 78  ? -3.779  12.048  7.340   1.00 52.41 ? 171 LEU A CD2 1 
ATOM   597  N N   . ALA A 1 79  ? -3.112  7.566   7.289   1.00 25.87 ? 172 ALA A N   1 
ATOM   598  C CA  . ALA A 1 79  ? -2.225  6.987   6.244   1.00 25.50 ? 172 ALA A CA  1 
ATOM   599  C C   . ALA A 1 79  ? -2.847  7.388   4.923   1.00 29.31 ? 172 ALA A C   1 
ATOM   600  O O   . ALA A 1 79  ? -4.048  7.218   4.673   1.00 28.91 ? 172 ALA A O   1 
ATOM   601  C CB  . ALA A 1 79  ? -2.056  5.454   6.401   1.00 28.00 ? 172 ALA A CB  1 
ATOM   602  N N   . ARG A 1 80  ? -2.043  8.072   4.101   1.00 24.37 ? 173 ARG A N   1 
ATOM   603  C CA  . ARG A 1 80  ? -2.448  8.521   2.850   1.00 24.06 ? 173 ARG A CA  1 
ATOM   604  C C   . ARG A 1 80  ? -1.575  7.895   1.784   1.00 22.24 ? 173 ARG A C   1 
ATOM   605  O O   . ARG A 1 80  ? -0.311  7.948   1.864   1.00 22.95 ? 173 ARG A O   1 
ATOM   606  C CB  . ARG A 1 80  ? -2.347  10.066  2.718   1.00 26.52 ? 173 ARG A CB  1 
ATOM   607  C CG  . ARG A 1 80  ? -2.705  10.528  1.287   1.00 26.09 ? 173 ARG A CG  1 
ATOM   608  C CD  . ARG A 1 80  ? -2.363  11.994  1.154   1.00 28.84 ? 173 ARG A CD  1 
ATOM   609  N NE  . ARG A 1 80  ? -3.269  12.766  1.986   1.00 35.13 ? 173 ARG A NE  1 
ATOM   610  C CZ  . ARG A 1 80  ? -3.187  14.100  2.105   1.00 39.42 ? 173 ARG A CZ  1 
ATOM   611  N NH1 . ARG A 1 80  ? -2.249  14.770  1.441   1.00 36.83 ? 173 ARG A NH1 1 
ATOM   612  N NH2 . ARG A 1 80  ? -4.020  14.722  2.887   1.00 42.47 ? 173 ARG A NH2 1 
ATOM   613  N N   . LEU A 1 81  ? -2.217  7.180   0.829   1.00 21.22 ? 174 LEU A N   1 
ATOM   614  C CA  . LEU A 1 81  ? -1.474  6.535   -0.249  1.00 19.50 ? 174 LEU A CA  1 
ATOM   615  C C   . LEU A 1 81  ? -1.926  7.214   -1.537  1.00 19.18 ? 174 LEU A C   1 
ATOM   616  O O   . LEU A 1 81  ? -3.077  7.107   -1.970  1.00 20.92 ? 174 LEU A O   1 
ATOM   617  C CB  . LEU A 1 81  ? -1.793  5.038   -0.407  1.00 20.41 ? 174 LEU A CB  1 
ATOM   618  C CG  . LEU A 1 81  ? -1.451  4.257   0.872   1.00 22.73 ? 174 LEU A CG  1 
ATOM   619  C CD1 . LEU A 1 81  ? -1.905  2.829   0.784   1.00 22.04 ? 174 LEU A CD1 1 
ATOM   620  C CD2 . LEU A 1 81  ? 0.066   4.348   1.228   1.00 23.65 ? 174 LEU A CD2 1 
ATOM   621  N N   . TYR A 1 82  ? -0.958  7.786   -2.228  1.00 21.17 ? 175 TYR A N   1 
ATOM   622  C CA  . TYR A 1 82  ? -1.178  8.342   -3.520  1.00 19.29 ? 175 TYR A CA  1 
ATOM   623  C C   . TYR A 1 82  ? -1.343  7.269   -4.550  1.00 23.95 ? 175 TYR A C   1 
ATOM   624  O O   . TYR A 1 82  ? -0.599  6.280   -4.522  1.00 20.18 ? 175 TYR A O   1 
ATOM   625  C CB  . TYR A 1 82  ? -0.037  9.299   -3.890  1.00 21.11 ? 175 TYR A CB  1 
ATOM   626  C CG  . TYR A 1 82  ? -0.058  10.528  -3.087  1.00 21.40 ? 175 TYR A CG  1 
ATOM   627  C CD1 . TYR A 1 82  ? -0.872  11.602  -3.499  1.00 23.47 ? 175 TYR A CD1 1 
ATOM   628  C CD2 . TYR A 1 82  ? 0.631   10.643  -1.905  1.00 26.05 ? 175 TYR A CD2 1 
ATOM   629  C CE1 . TYR A 1 82  ? -0.902  12.784  -2.747  1.00 27.28 ? 175 TYR A CE1 1 
ATOM   630  C CE2 . TYR A 1 82  ? 0.535   11.774  -1.141  1.00 28.08 ? 175 TYR A CE2 1 
ATOM   631  C CZ  . TYR A 1 82  ? -0.237  12.823  -1.582  1.00 29.05 ? 175 TYR A CZ  1 
ATOM   632  O OH  . TYR A 1 82  ? -0.277  13.951  -0.829  1.00 32.42 ? 175 TYR A OH  1 
ATOM   633  N N   . ILE A 1 83  ? -2.327  7.399   -5.454  1.00 19.85 ? 176 ILE A N   1 
ATOM   634  C CA  . ILE A 1 83  ? -2.559  6.408   -6.475  1.00 20.26 ? 176 ILE A CA  1 
ATOM   635  C C   . ILE A 1 83  ? -1.730  6.690   -7.713  1.00 20.78 ? 176 ILE A C   1 
ATOM   636  O O   . ILE A 1 83  ? -1.822  7.794   -8.253  1.00 23.96 ? 176 ILE A O   1 
ATOM   637  C CB  . ILE A 1 83  ? -4.065  6.270   -6.749  1.00 21.66 ? 176 ILE A CB  1 
ATOM   638  C CG1 . ILE A 1 83  ? -4.727  5.803   -5.412  1.00 26.63 ? 176 ILE A CG1 1 
ATOM   639  C CG2 . ILE A 1 83  ? -4.372  5.304   -7.867  1.00 20.95 ? 176 ILE A CG2 1 
ATOM   640  C CD1 . ILE A 1 83  ? -6.180  6.142   -5.403  1.00 38.46 ? 176 ILE A CD1 1 
ATOM   641  N N   . ILE A 1 84  ? -0.932  5.712   -8.136  1.00 20.13 ? 177 ILE A N   1 
ATOM   642  C CA  . ILE A 1 84  ? 0.040   5.847   -9.236  1.00 20.49 ? 177 ILE A CA  1 
ATOM   643  C C   . ILE A 1 84  ? -0.189  4.772   -10.277 1.00 19.75 ? 177 ILE A C   1 
ATOM   644  O O   . ILE A 1 84  ? 0.459   3.730   -10.240 1.00 18.76 ? 177 ILE A O   1 
ATOM   645  C CB  . ILE A 1 84  ? 1.487   5.777   -8.732  1.00 22.48 ? 177 ILE A CB  1 
ATOM   646  C CG1 . ILE A 1 84  ? 1.738   6.685   -7.528  1.00 23.31 ? 177 ILE A CG1 1 
ATOM   647  C CG2 . ILE A 1 84  ? 2.455   6.138   -9.823  1.00 22.26 ? 177 ILE A CG2 1 
ATOM   648  C CD1 . ILE A 1 84  ? 1.667   8.150   -7.797  1.00 24.70 ? 177 ILE A CD1 1 
ATOM   649  N N   . PRO A 1 85  ? -1.041  4.989   -11.255 1.00 19.49 ? 178 PRO A N   1 
ATOM   650  C CA  . PRO A 1 85  ? -1.328  3.914   -12.237 1.00 19.64 ? 178 PRO A CA  1 
ATOM   651  C C   . PRO A 1 85  ? -0.379  3.913   -13.321 1.00 20.76 ? 178 PRO A C   1 
ATOM   652  O O   . PRO A 1 85  ? 0.436   4.835   -13.476 1.00 22.27 ? 178 PRO A O   1 
ATOM   653  C CB  . PRO A 1 85  ? -2.692  4.311   -12.839 1.00 24.17 ? 178 PRO A CB  1 
ATOM   654  C CG  . PRO A 1 85  ? -3.098  5.491   -12.158 1.00 24.84 ? 178 PRO A CG  1 
ATOM   655  C CD  . PRO A 1 85  ? -2.034  6.079   -11.328 1.00 21.38 ? 178 PRO A CD  1 
ATOM   656  N N   . GLY A 1 86  ? -0.397  2.842   -14.071 1.00 20.12 ? 179 GLY A N   1 
ATOM   657  C CA  . GLY A 1 86  ? 0.305   2.732   -15.353 1.00 23.25 ? 179 GLY A CA  1 
ATOM   658  C C   . GLY A 1 86  ? 1.780   2.480   -15.307 1.00 24.57 ? 179 GLY A C   1 
ATOM   659  O O   . GLY A 1 86  ? 2.505   2.919   -16.168 1.00 24.87 ? 179 GLY A O   1 
ATOM   660  N N   . ILE A 1 87  ? 2.273   1.929   -14.233 1.00 22.29 ? 180 ILE A N   1 
ATOM   661  C CA  . ILE A 1 87  ? 3.690   1.646   -14.085 1.00 22.77 ? 180 ILE A CA  1 
ATOM   662  C C   . ILE A 1 87  ? 3.913   0.221   -14.671 1.00 25.60 ? 180 ILE A C   1 
ATOM   663  O O   . ILE A 1 87  ? 3.340   -0.746  -14.253 1.00 24.44 ? 180 ILE A O   1 
ATOM   664  C CB  . ILE A 1 87  ? 4.132   1.727   -12.609 1.00 22.83 ? 180 ILE A CB  1 
ATOM   665  C CG1 . ILE A 1 87  ? 3.849   3.090   -12.057 1.00 23.03 ? 180 ILE A CG1 1 
ATOM   666  C CG2 . ILE A 1 87  ? 5.572   1.347   -12.488 1.00 24.32 ? 180 ILE A CG2 1 
ATOM   667  C CD1 . ILE A 1 87  ? 4.227   4.287   -12.926 1.00 24.19 ? 180 ILE A CD1 1 
ATOM   668  N N   . PRO A 1 88  ? 4.799   0.078   -15.672 1.00 28.23 ? 181 PRO A N   1 
ATOM   669  C CA  . PRO A 1 88  ? 4.945   -1.259  -16.287 1.00 29.31 ? 181 PRO A CA  1 
ATOM   670  C C   . PRO A 1 88  ? 5.398   -2.373  -15.379 1.00 29.29 ? 181 PRO A C   1 
ATOM   671  O O   . PRO A 1 88  ? 6.257   -2.179  -14.473 1.00 24.88 ? 181 PRO A O   1 
ATOM   672  C CB  . PRO A 1 88  ? 5.978   -1.032  -17.450 1.00 34.63 ? 181 PRO A CB  1 
ATOM   673  C CG  . PRO A 1 88  ? 5.998   0.441   -17.658 1.00 35.36 ? 181 PRO A CG  1 
ATOM   674  C CD  . PRO A 1 88  ? 5.567   1.128   -16.364 1.00 33.04 ? 181 PRO A CD  1 
ATOM   675  N N   . LYS A 1 89  ? 4.812   -3.547  -15.598 1.00 29.32 ? 182 LYS A N   1 
ATOM   676  C CA  . LYS A 1 89  ? 5.114   -4.683  -14.779 1.00 33.84 ? 182 LYS A CA  1 
ATOM   677  C C   . LYS A 1 89  ? 6.496   -5.140  -14.917 1.00 33.14 ? 182 LYS A C   1 
ATOM   678  O O   . LYS A 1 89  ? 6.947   -5.864  -14.053 1.00 37.75 ? 182 LYS A O   1 
ATOM   679  C CB  . LYS A 1 89  ? 4.168   -5.877  -14.989 1.00 46.27 ? 182 LYS A CB  1 
ATOM   680  C CG  . LYS A 1 89  ? 2.921   -5.818  -14.120 1.00 51.34 ? 182 LYS A CG  1 
ATOM   681  C CD  . LYS A 1 89  ? 2.221   -7.169  -14.007 1.00 56.07 ? 182 LYS A CD  1 
ATOM   682  C CE  . LYS A 1 89  ? 1.735   -7.663  -15.363 1.00 55.79 ? 182 LYS A CE  1 
ATOM   683  N NZ  . LYS A 1 89  ? 0.835   -6.675  -16.087 1.00 52.10 ? 182 LYS A NZ  1 
ATOM   684  N N   . ASP A 1 90  ? 7.210   -4.772  -15.987 1.00 30.22 ? 183 ASP A N   1 
ATOM   685  C CA  . ASP A 1 90  ? 8.633   -5.134  -16.048 1.00 35.67 ? 183 ASP A CA  1 
ATOM   686  C C   . ASP A 1 90  ? 9.592   -4.158  -15.415 1.00 35.11 ? 183 ASP A C   1 
ATOM   687  O O   . ASP A 1 90  ? 10.814  -4.363  -15.440 1.00 35.27 ? 183 ASP A O   1 
ATOM   688  C CB  . ASP A 1 90  ? 9.020   -5.464  -17.491 1.00 37.96 ? 183 ASP A CB  1 
ATOM   689  C CG  . ASP A 1 90  ? 8.975   -4.267  -18.411 1.00 46.16 ? 183 ASP A CG  1 
ATOM   690  O OD1 . ASP A 1 90  ? 8.510   -3.155  -18.050 1.00 46.76 ? 183 ASP A OD1 1 
ATOM   691  O OD2 . ASP A 1 90  ? 9.413   -4.435  -19.552 1.00 53.11 ? 183 ASP A OD2 1 
ATOM   692  N N   . THR A 1 91  ? 9.070   -3.134  -14.737 1.00 31.83 ? 184 THR A N   1 
ATOM   693  C CA  . THR A 1 91  ? 9.918   -2.274  -13.887 1.00 29.72 ? 184 THR A CA  1 
ATOM   694  C C   . THR A 1 91  ? 10.745  -3.008  -12.857 1.00 33.67 ? 184 THR A C   1 
ATOM   695  O O   . THR A 1 91  ? 10.267  -3.893  -12.136 1.00 35.22 ? 184 THR A O   1 
ATOM   696  C CB  . THR A 1 91  ? 9.057   -1.202  -13.227 1.00 27.85 ? 184 THR A CB  1 
ATOM   697  O OG1 . THR A 1 91  ? 8.212   -0.545  -14.226 1.00 28.00 ? 184 THR A OG1 1 
ATOM   698  C CG2 . THR A 1 91  ? 9.849   -0.180  -12.444 1.00 30.09 ? 184 THR A CG2 1 
ATOM   699  N N   . LYS A 1 92  ? 12.016  -2.670  -12.780 1.00 35.75 ? 185 LYS A N   1 
ATOM   700  C CA  . LYS A 1 92  ? 12.914  -3.289  -11.806 1.00 38.40 ? 185 LYS A CA  1 
ATOM   701  C C   . LYS A 1 92  ? 12.888  -2.551  -10.515 1.00 35.97 ? 185 LYS A C   1 
ATOM   702  O O   . LYS A 1 92  ? 13.244  -1.409  -10.480 1.00 37.71 ? 185 LYS A O   1 
ATOM   703  C CB  . LYS A 1 92  ? 14.377  -3.324  -12.389 1.00 43.31 ? 185 LYS A CB  1 
ATOM   704  C CG  . LYS A 1 92  ? 14.516  -4.322  -13.535 1.00 41.68 ? 185 LYS A CG  1 
ATOM   705  C CD  . LYS A 1 92  ? 13.505  -5.480  -13.564 1.00 52.28 ? 185 LYS A CD  1 
ATOM   706  N N   . PHE A 1 93  ? 12.427  -3.208  -9.452  1.00 33.59 ? 186 PHE A N   1 
ATOM   707  C CA  . PHE A 1 93  ? 12.215  -2.595  -8.187  1.00 31.40 ? 186 PHE A CA  1 
ATOM   708  C C   . PHE A 1 93  ? 13.247  -3.253  -7.307  1.00 36.28 ? 186 PHE A C   1 
ATOM   709  O O   . PHE A 1 93  ? 13.441  -4.455  -7.376  1.00 41.28 ? 186 PHE A O   1 
ATOM   710  C CB  . PHE A 1 93  ? 10.831  -2.925  -7.598  1.00 28.32 ? 186 PHE A CB  1 
ATOM   711  C CG  . PHE A 1 93  ? 9.671   -2.355  -8.384  1.00 27.39 ? 186 PHE A CG  1 
ATOM   712  C CD1 . PHE A 1 93  ? 9.411   -1.012  -8.311  1.00 25.63 ? 186 PHE A CD1 1 
ATOM   713  C CD2 . PHE A 1 93  ? 8.869   -3.128  -9.165  1.00 24.52 ? 186 PHE A CD2 1 
ATOM   714  C CE1 . PHE A 1 93  ? 8.392   -0.417  -8.986  1.00 24.46 ? 186 PHE A CE1 1 
ATOM   715  C CE2 . PHE A 1 93  ? 7.834   -2.542  -9.909  1.00 25.38 ? 186 PHE A CE2 1 
ATOM   716  C CZ  . PHE A 1 93  ? 7.561   -1.201  -9.795  1.00 23.77 ? 186 PHE A CZ  1 
ATOM   717  N N   . ASN A 1 94  ? 13.873  -2.454  -6.474  1.00 38.19 ? 187 ASN A N   1 
ATOM   718  C CA  . ASN A 1 94  ? 14.942  -2.901  -5.566  1.00 42.24 ? 187 ASN A CA  1 
ATOM   719  C C   . ASN A 1 94  ? 14.948  -1.985  -4.361  1.00 35.75 ? 187 ASN A C   1 
ATOM   720  O O   . ASN A 1 94  ? 15.205  -0.800  -4.525  1.00 36.89 ? 187 ASN A O   1 
ATOM   721  C CB  . ASN A 1 94  ? 16.253  -2.718  -6.347  1.00 47.25 ? 187 ASN A CB  1 
ATOM   722  C CG  . ASN A 1 94  ? 16.424  -3.745  -7.460  1.00 56.55 ? 187 ASN A CG  1 
ATOM   723  O OD1 . ASN A 1 94  ? 16.575  -3.399  -8.643  1.00 64.28 ? 187 ASN A OD1 1 
ATOM   724  N ND2 . ASN A 1 94  ? 16.421  -5.022  -7.081  1.00 63.85 ? 187 ASN A ND2 1 
ATOM   725  N N   . PRO A 1 95  ? 14.673  -2.492  -3.133  1.00 35.81 ? 188 PRO A N   1 
ATOM   726  C CA  . PRO A 1 95  ? 14.759  -1.532  -2.045  1.00 31.89 ? 188 PRO A CA  1 
ATOM   727  C C   . PRO A 1 95  ? 16.154  -1.015  -1.823  1.00 42.97 ? 188 PRO A C   1 
ATOM   728  O O   . PRO A 1 95  ? 17.150  -1.627  -2.220  1.00 40.83 ? 188 PRO A O   1 
ATOM   729  C CB  . PRO A 1 95  ? 14.263  -2.306  -0.829  1.00 33.51 ? 188 PRO A CB  1 
ATOM   730  C CG  . PRO A 1 95  ? 14.682  -3.673  -1.160  1.00 38.43 ? 188 PRO A CG  1 
ATOM   731  C CD  . PRO A 1 95  ? 14.459  -3.864  -2.615  1.00 39.29 ? 188 PRO A CD  1 
ATOM   732  N N   . LYS A 1 96  ? 16.201  0.124   -1.166  1.00 41.67 ? 189 LYS A N   1 
ATOM   733  C CA  . LYS A 1 96  ? 17.448  0.713   -0.741  1.00 48.37 ? 189 LYS A CA  1 
ATOM   734  C C   . LYS A 1 96  ? 18.077  -0.125  0.375   1.00 52.01 ? 189 LYS A C   1 
ATOM   735  O O   . LYS A 1 96  ? 19.282  -0.244  0.436   1.00 49.29 ? 189 LYS A O   1 
ATOM   736  C CB  . LYS A 1 96  ? 17.210  2.118   -0.205  1.00 59.35 ? 189 LYS A CB  1 
ATOM   737  C CG  . LYS A 1 96  ? 16.725  3.141   -1.249  1.00 70.38 ? 189 LYS A CG  1 
ATOM   738  C CD  . LYS A 1 96  ? 17.510  3.156   -2.562  1.00 72.02 ? 189 LYS A CD  1 
ATOM   739  C CE  . LYS A 1 96  ? 16.910  2.248   -3.626  1.00 71.07 ? 189 LYS A CE  1 
ATOM   740  N NZ  . LYS A 1 96  ? 17.609  2.500   -4.912  1.00 73.85 ? 189 LYS A NZ  1 
ATOM   741  N N   . THR A 1 97  ? 17.244  -0.655  1.270   0.50 51.27 ? 190 THR A N   1 
ATOM   742  C CA  . THR A 1 97  ? 17.701  -1.330  2.480   0.50 51.79 ? 190 THR A CA  1 
ATOM   743  C C   . THR A 1 97  ? 16.951  -2.633  2.611   0.50 46.58 ? 190 THR A C   1 
ATOM   744  O O   . THR A 1 97  ? 15.754  -2.657  2.961   0.50 43.38 ? 190 THR A O   1 
ATOM   745  C CB  . THR A 1 97  ? 17.396  -0.483  3.731   0.50 51.30 ? 190 THR A CB  1 
ATOM   746  O OG1 . THR A 1 97  ? 17.921  0.842   3.557   0.50 56.64 ? 190 THR A OG1 1 
ATOM   747  C CG2 . THR A 1 97  ? 17.983  -1.121  4.988   0.50 48.07 ? 190 THR A CG2 1 
ATOM   748  N N   . ARG A 1 98  ? 17.651  -3.713  2.327   0.50 42.80 ? 191 ARG A N   1 
ATOM   749  C CA  . ARG A 1 98  ? 17.059  -5.019  2.466   0.50 41.46 ? 191 ARG A CA  1 
ATOM   750  C C   . ARG A 1 98  ? 17.044  -5.494  3.925   0.50 35.72 ? 191 ARG A C   1 
ATOM   751  O O   . ARG A 1 98  ? 16.515  -6.559  4.212   0.50 33.45 ? 191 ARG A O   1 
ATOM   752  C CB  . ARG A 1 98  ? 17.637  -6.012  1.447   0.50 44.50 ? 191 ARG A CB  1 
ATOM   753  C CG  . ARG A 1 98  ? 16.925  -5.809  0.103   0.50 43.57 ? 191 ARG A CG  1 
ATOM   754  C CD  . ARG A 1 98  ? 16.644  -7.061  -0.712  0.50 42.40 ? 191 ARG A CD  1 
ATOM   755  N NE  . ARG A 1 98  ? 15.830  -8.071  -0.031  0.50 37.16 ? 191 ARG A NE  1 
ATOM   756  C CZ  . ARG A 1 98  ? 16.037  -9.377  -0.191  0.50 40.27 ? 191 ARG A CZ  1 
ATOM   757  N NH1 . ARG A 1 98  ? 17.031  -9.783  -0.970  0.50 40.64 ? 191 ARG A NH1 1 
ATOM   758  N NH2 . ARG A 1 98  ? 15.294  -10.280 0.431   0.50 37.89 ? 191 ARG A NH2 1 
ATOM   759  N N   . ARG A 1 99  ? 17.560  -4.673  4.848   1.00 34.12 ? 192 ARG A N   1 
ATOM   760  C CA  . ARG A 1 99  ? 17.312  -4.850  6.271   1.00 29.86 ? 192 ARG A CA  1 
ATOM   761  C C   . ARG A 1 99  ? 15.900  -4.501  6.661   1.00 24.89 ? 192 ARG A C   1 
ATOM   762  O O   . ARG A 1 99  ? 15.432  -4.897  7.699   1.00 24.49 ? 192 ARG A O   1 
ATOM   763  C CB  . ARG A 1 99  ? 18.331  -4.008  7.127   1.00 37.71 ? 192 ARG A CB  1 
ATOM   764  C CG  . ARG A 1 99  ? 19.803  -4.329  6.832   1.00 41.93 ? 192 ARG A CG  1 
ATOM   765  C CD  . ARG A 1 99  ? 20.784  -3.359  7.532   1.00 53.15 ? 192 ARG A CD  1 
ATOM   766  N NE  . ARG A 1 99  ? 21.510  -4.083  8.546   1.00 65.31 ? 192 ARG A NE  1 
ATOM   767  C CZ  . ARG A 1 99  ? 22.679  -4.687  8.374   1.00 71.08 ? 192 ARG A CZ  1 
ATOM   768  N NH1 . ARG A 1 99  ? 23.351  -4.601  7.235   1.00 80.40 ? 192 ARG A NH1 1 
ATOM   769  N NH2 . ARG A 1 99  ? 23.200  -5.361  9.378   1.00 62.88 ? 192 ARG A NH2 1 
ATOM   770  N N   . GLU A 1 100 ? 15.134  -3.758  5.781   1.00 28.60 ? 193 GLU A N   1 
ATOM   771  C CA  . GLU A 1 100 ? 13.767  -3.450  6.035   1.00 27.22 ? 193 GLU A CA  1 
ATOM   772  C C   . GLU A 1 100 ? 12.744  -4.139  5.129   1.00 21.80 ? 193 GLU A C   1 
ATOM   773  O O   . GLU A 1 100 ? 11.634  -4.368  5.566   1.00 26.30 ? 193 GLU A O   1 
ATOM   774  C CB  . GLU A 1 100 ? 13.586  -1.886  5.899   1.00 40.07 ? 193 GLU A CB  1 
ATOM   775  C CG  . GLU A 1 100 ? 14.577  -1.049  6.776   1.00 50.77 ? 193 GLU A CG  1 
ATOM   776  C CD  . GLU A 1 100 ? 14.978  0.346   6.208   1.00 71.06 ? 193 GLU A CD  1 
ATOM   777  O OE1 . GLU A 1 100 ? 14.344  0.842   5.243   1.00 80.51 ? 193 GLU A OE1 1 
ATOM   778  O OE2 . GLU A 1 100 ? 15.946  0.977   6.733   1.00 75.64 ? 193 GLU A OE2 1 
ATOM   779  N N   . ILE A 1 101 ? 13.141  -4.473  3.924   1.00 19.36 ? 194 ILE A N   1 
ATOM   780  C CA  . ILE A 1 101 ? 12.214  -5.038  2.912   1.00 21.20 ? 194 ILE A CA  1 
ATOM   781  C C   . ILE A 1 101 ? 12.692  -6.401  2.448   1.00 22.17 ? 194 ILE A C   1 
ATOM   782  O O   . ILE A 1 101 ? 13.783  -6.538  1.814   1.00 23.04 ? 194 ILE A O   1 
ATOM   783  C CB  . ILE A 1 101 ? 12.029  -4.134  1.675   1.00 23.00 ? 194 ILE A CB  1 
ATOM   784  C CG1 . ILE A 1 101 ? 11.424  -2.786  2.099   1.00 23.80 ? 194 ILE A CG1 1 
ATOM   785  C CG2 . ILE A 1 101 ? 11.093  -4.776  0.638   1.00 24.31 ? 194 ILE A CG2 1 
ATOM   786  C CD1 . ILE A 1 101 ? 10.061  -2.739  2.740   1.00 23.77 ? 194 ILE A CD1 1 
ATOM   787  N N   . ARG A 1 102 ? 11.823  -7.373  2.674   1.00 21.99 ? 195 ARG A N   1 
ATOM   788  C CA  . ARG A 1 102 ? 12.128  -8.753  2.240   1.00 22.12 ? 195 ARG A CA  1 
ATOM   789  C C   . ARG A 1 102 ? 11.913  -8.981  0.806   1.00 23.05 ? 195 ARG A C   1 
ATOM   790  O O   . ARG A 1 102 ? 12.763  -9.577  0.115   1.00 23.83 ? 195 ARG A O   1 
ATOM   791  C CB  . ARG A 1 102 ? 11.329  -9.804  3.067   1.00 21.86 ? 195 ARG A CB  1 
ATOM   792  C CG  . ARG A 1 102 ? 11.852  -11.239 2.833   1.00 21.56 ? 195 ARG A CG  1 
ATOM   793  C CD  . ARG A 1 102 ? 10.890  -12.275 3.328   1.00 21.32 ? 195 ARG A CD  1 
ATOM   794  N NE  . ARG A 1 102 ? 10.700  -12.298 4.741   1.00 22.92 ? 195 ARG A NE  1 
ATOM   795  C CZ  . ARG A 1 102 ? 11.562  -12.837 5.613   1.00 24.95 ? 195 ARG A CZ  1 
ATOM   796  N NH1 . ARG A 1 102 ? 12.637  -13.486 5.151   1.00 21.51 ? 195 ARG A NH1 1 
ATOM   797  N NH2 . ARG A 1 102 ? 11.334  -12.794 6.888   1.00 24.91 ? 195 ARG A NH2 1 
ATOM   798  N N   . ASN A 1 103 ? 10.817  -8.471  0.249   1.00 21.63 ? 196 ASN A N   1 
ATOM   799  C CA  . ASN A 1 103 ? 10.433  -8.829  -1.097  1.00 23.12 ? 196 ASN A CA  1 
ATOM   800  C C   . ASN A 1 103 ? 9.405   -7.768  -1.553  1.00 22.07 ? 196 ASN A C   1 
ATOM   801  O O   . ASN A 1 103 ? 8.888   -7.008  -0.756  1.00 20.75 ? 196 ASN A O   1 
ATOM   802  C CB  . ASN A 1 103 ? 9.700   -10.177 -1.118  1.00 22.74 ? 196 ASN A CB  1 
ATOM   803  C CG  . ASN A 1 103 ? 9.854   -10.910 -2.415  1.00 29.07 ? 196 ASN A CG  1 
ATOM   804  O OD1 . ASN A 1 103 ? 10.295  -10.341 -3.427  1.00 28.02 ? 196 ASN A OD1 1 
ATOM   805  N ND2 . ASN A 1 103 ? 9.304   -12.163 -2.443  1.00 32.25 ? 196 ASN A ND2 1 
ATOM   806  N N   . ILE A 1 104 ? 9.263   -7.741  -2.848  1.00 21.55 ? 197 ILE A N   1 
ATOM   807  C CA  . ILE A 1 104 ? 8.490   -6.733  -3.564  1.00 21.78 ? 197 ILE A CA  1 
ATOM   808  C C   . ILE A 1 104 ? 7.801   -7.489  -4.670  1.00 22.56 ? 197 ILE A C   1 
ATOM   809  O O   . ILE A 1 104 ? 8.472   -8.151  -5.489  1.00 22.26 ? 197 ILE A O   1 
ATOM   810  C CB  . ILE A 1 104 ? 9.323   -5.618  -4.191  1.00 22.15 ? 197 ILE A CB  1 
ATOM   811  C CG1 . ILE A 1 104 ? 10.048  -4.785  -3.179  1.00 24.57 ? 197 ILE A CG1 1 
ATOM   812  C CG2 . ILE A 1 104 ? 8.420   -4.662  -4.930  1.00 21.48 ? 197 ILE A CG2 1 
ATOM   813  C CD1 . ILE A 1 104 ? 11.081  -3.857  -3.750  1.00 26.59 ? 197 ILE A CD1 1 
ATOM   814  N N   . GLU A 1 105 ? 6.473   -7.420  -4.756  1.00 20.59 ? 198 GLU A N   1 
ATOM   815  C CA  . GLU A 1 105 ? 5.750   -8.240  -5.763  1.00 22.07 ? 198 GLU A CA  1 
ATOM   816  C C   . GLU A 1 105 ? 4.514   -7.542  -6.233  1.00 20.36 ? 198 GLU A C   1 
ATOM   817  O O   . GLU A 1 105 ? 3.866   -6.829  -5.460  1.00 19.44 ? 198 GLU A O   1 
ATOM   818  C CB  . GLU A 1 105 ? 5.335   -9.576  -5.210  1.00 24.43 ? 198 GLU A CB  1 
ATOM   819  C CG  . GLU A 1 105 ? 6.463   -10.604 -5.086  1.00 27.47 ? 198 GLU A CG  1 
ATOM   820  C CD  . GLU A 1 105 ? 6.009   -11.946 -4.451  1.00 34.98 ? 198 GLU A CD  1 
ATOM   821  O OE1 . GLU A 1 105 ? 4.799   -12.290 -4.476  1.00 32.97 ? 198 GLU A OE1 1 
ATOM   822  O OE2 . GLU A 1 105 ? 6.908   -12.703 -3.975  1.00 44.98 ? 198 GLU A OE2 1 
ATOM   823  N N   . TRP A 1 106 ? 4.097   -7.923  -7.432  1.00 20.53 ? 199 TRP A N   1 
ATOM   824  C CA  . TRP A 1 106 ? 2.807   -7.493  -7.954  1.00 21.33 ? 199 TRP A CA  1 
ATOM   825  C C   . TRP A 1 106 ? 1.759   -8.502  -7.495  1.00 20.28 ? 199 TRP A C   1 
ATOM   826  O O   . TRP A 1 106 ? 1.975   -9.736  -7.578  1.00 22.37 ? 199 TRP A O   1 
ATOM   827  C CB  . TRP A 1 106 ? 2.792   -7.498  -9.478  1.00 22.55 ? 199 TRP A CB  1 
ATOM   828  C CG  . TRP A 1 106 ? 3.576   -6.457  -10.093 1.00 19.69 ? 199 TRP A CG  1 
ATOM   829  C CD1 . TRP A 1 106 ? 4.831   -6.573  -10.670 1.00 24.98 ? 199 TRP A CD1 1 
ATOM   830  C CD2 . TRP A 1 106 ? 3.208   -5.047  -10.235 1.00 20.73 ? 199 TRP A CD2 1 
ATOM   831  N NE1 . TRP A 1 106 ? 5.255   -5.330  -11.107 1.00 25.51 ? 199 TRP A NE1 1 
ATOM   832  C CE2 . TRP A 1 106 ? 4.292   -4.387  -10.869 1.00 23.18 ? 199 TRP A CE2 1 
ATOM   833  C CE3 . TRP A 1 106 ? 2.122   -4.300  -9.842  1.00 21.38 ? 199 TRP A CE3 1 
ATOM   834  C CZ2 . TRP A 1 106 ? 4.270   -3.021  -11.188 1.00 22.23 ? 199 TRP A CZ2 1 
ATOM   835  C CZ3 . TRP A 1 106 ? 2.076   -2.953  -10.159 1.00 22.46 ? 199 TRP A CZ3 1 
ATOM   836  C CH2 . TRP A 1 106 ? 3.171   -2.314  -10.814 1.00 25.75 ? 199 TRP A CH2 1 
ATOM   837  N N   . PHE A 1 107 ? 0.592   -8.010  -7.103  1.00 19.45 ? 200 PHE A N   1 
ATOM   838  C CA  . PHE A 1 107 ? -0.577  -8.850  -6.747  1.00 20.30 ? 200 PHE A CA  1 
ATOM   839  C C   . PHE A 1 107 ? -1.764  -8.441  -7.520  1.00 24.25 ? 200 PHE A C   1 
ATOM   840  O O   . PHE A 1 107 ? -2.015  -7.254  -7.740  1.00 22.19 ? 200 PHE A O   1 
ATOM   841  C CB  . PHE A 1 107 ? -0.900  -8.779  -5.211  1.00 22.04 ? 200 PHE A CB  1 
ATOM   842  C CG  . PHE A 1 107 ? 0.188   -9.406  -4.347  1.00 17.99 ? 200 PHE A CG  1 
ATOM   843  C CD1 . PHE A 1 107 ? 1.366   -8.725  -4.021  1.00 20.72 ? 200 PHE A CD1 1 
ATOM   844  C CD2 . PHE A 1 107 ? 0.106   -10.772 -4.021  1.00 20.94 ? 200 PHE A CD2 1 
ATOM   845  C CE1 . PHE A 1 107 ? 2.343   -9.383  -3.250  1.00 22.54 ? 200 PHE A CE1 1 
ATOM   846  C CE2 . PHE A 1 107 ? 1.086   -11.374 -3.295  1.00 21.24 ? 200 PHE A CE2 1 
ATOM   847  C CZ  . PHE A 1 107 ? 2.175   -10.679 -2.876  1.00 20.71 ? 200 PHE A CZ  1 
ATOM   848  N N   . SER A 1 108 ? -2.561  -9.446  -7.923  1.00 22.04 ? 201 SER A N   1 
ATOM   849  C CA  . SER A 1 108 ? -3.845  -9.184  -8.572  1.00 23.50 ? 201 SER A CA  1 
ATOM   850  C C   . SER A 1 108 ? -4.788  -8.534  -7.603  1.00 23.39 ? 201 SER A C   1 
ATOM   851  O O   . SER A 1 108 ? -5.131  -9.126  -6.565  1.00 22.44 ? 201 SER A O   1 
ATOM   852  C CB  . SER A 1 108 ? -4.472  -10.529 -9.113  1.00 24.23 ? 201 SER A CB  1 
ATOM   853  O OG  . SER A 1 108 ? -5.800  -10.345 -9.474  1.00 28.34 ? 201 SER A OG  1 
ATOM   854  N N   . ILE A 1 109 ? -5.334  -7.407  -8.000  1.00 20.89 ? 202 ILE A N   1 
ATOM   855  C CA  . ILE A 1 109 ? -6.267  -6.689  -7.145  1.00 22.88 ? 202 ILE A CA  1 
ATOM   856  C C   . ILE A 1 109 ? -7.512  -7.501  -6.868  1.00 26.04 ? 202 ILE A C   1 
ATOM   857  O O   . ILE A 1 109 ? -8.085  -7.514  -5.742  1.00 25.85 ? 202 ILE A O   1 
ATOM   858  C CB  . ILE A 1 109 ? -6.675  -5.320  -7.700  1.00 28.19 ? 202 ILE A CB  1 
ATOM   859  C CG1 . ILE A 1 109 ? -5.546  -4.352  -7.708  1.00 32.88 ? 202 ILE A CG1 1 
ATOM   860  C CG2 . ILE A 1 109 ? -7.671  -4.698  -6.731  1.00 31.83 ? 202 ILE A CG2 1 
ATOM   861  C CD1 . ILE A 1 109 ? -5.791  -3.191  -8.690  1.00 37.81 ? 202 ILE A CD1 1 
ATOM   862  N N   . GLU A 1 110 ? -7.989  -8.258  -7.873  1.00 24.34 ? 203 GLU A N   1 
ATOM   863  C CA  . GLU A 1 110 ? -9.216  -8.921  -7.684  1.00 26.44 ? 203 GLU A CA  1 
ATOM   864  C C   . GLU A 1 110 ? -9.103  -10.104 -6.741  1.00 24.49 ? 203 GLU A C   1 
ATOM   865  O O   . GLU A 1 110 ? -10.120 -10.486 -6.147  1.00 27.08 ? 203 GLU A O   1 
ATOM   866  C CB  . GLU A 1 110 ? -9.809  -9.294  -9.067  1.00 26.80 ? 203 GLU A CB  1 
ATOM   867  C CG  . GLU A 1 110 ? -9.190  -10.403 -9.834  1.00 34.00 ? 203 GLU A CG  1 
ATOM   868  C CD  . GLU A 1 110 ? -9.999  -10.589 -11.174 1.00 38.10 ? 203 GLU A CD  1 
ATOM   869  O OE1 . GLU A 1 110 ? -10.818 -9.684  -11.533 1.00 53.94 ? 203 GLU A OE1 1 
ATOM   870  O OE2 . GLU A 1 110 ? -9.860  -11.635 -11.800 1.00 49.51 ? 203 GLU A OE2 1 
ATOM   871  N N   . LYS A 1 111 ? -7.874  -10.602 -6.555  1.00 20.88 ? 204 LYS A N   1 
ATOM   872  C CA  . LYS A 1 111 ? -7.574  -11.800 -5.726  1.00 22.63 ? 204 LYS A CA  1 
ATOM   873  C C   . LYS A 1 111 ? -7.250  -11.438 -4.268  1.00 21.22 ? 204 LYS A C   1 
ATOM   874  O O   . LYS A 1 111 ? -7.292  -12.294 -3.390  1.00 23.24 ? 204 LYS A O   1 
ATOM   875  C CB  . LYS A 1 111 ? -6.438  -12.557 -6.266  1.00 27.94 ? 204 LYS A CB  1 
ATOM   876  C CG  . LYS A 1 111 ? -6.817  -13.216 -7.607  1.00 34.57 ? 204 LYS A CG  1 
ATOM   877  C CD  . LYS A 1 111 ? -5.787  -14.266 -7.932  1.00 39.91 ? 204 LYS A CD  1 
ATOM   878  C CE  . LYS A 1 111 ? -6.364  -15.021 -9.141  1.00 50.77 ? 204 LYS A CE  1 
ATOM   879  N NZ  . LYS A 1 111 ? -5.397  -16.007 -9.643  1.00 64.38 ? 204 LYS A NZ  1 
ATOM   880  N N   . LEU A 1 112 ? -6.951  -10.149 -4.027  1.00 21.19 ? 205 LEU A N   1 
ATOM   881  C CA  . LEU A 1 112 ? -6.608  -9.697  -2.700  1.00 21.11 ? 205 LEU A CA  1 
ATOM   882  C C   . LEU A 1 112 ? -7.831  -9.658  -1.867  1.00 22.81 ? 205 LEU A C   1 
ATOM   883  O O   . LEU A 1 112 ? -8.924  -9.348  -2.323  1.00 24.02 ? 205 LEU A O   1 
ATOM   884  C CB  . LEU A 1 112 ? -5.983  -8.298  -2.718  1.00 20.80 ? 205 LEU A CB  1 
ATOM   885  C CG  . LEU A 1 112 ? -4.550  -8.237  -3.260  1.00 19.91 ? 205 LEU A CG  1 
ATOM   886  C CD1 . LEU A 1 112 ? -4.113  -6.774  -3.452  1.00 20.96 ? 205 LEU A CD1 1 
ATOM   887  C CD2 . LEU A 1 112 ? -3.523  -8.930  -2.335  1.00 21.79 ? 205 LEU A CD2 1 
ATOM   888  N N   . PRO A 1 113 ? -7.648  -10.007 -0.591  1.00 22.74 ? 206 PRO A N   1 
ATOM   889  C CA  . PRO A 1 113 ? -8.790  -9.858  0.312   1.00 26.46 ? 206 PRO A CA  1 
ATOM   890  C C   . PRO A 1 113 ? -9.167  -8.428  0.612   1.00 27.46 ? 206 PRO A C   1 
ATOM   891  O O   . PRO A 1 113 ? -8.244  -7.588  0.693   1.00 24.19 ? 206 PRO A O   1 
ATOM   892  C CB  . PRO A 1 113 ? -8.268  -10.523 1.593   1.00 23.90 ? 206 PRO A CB  1 
ATOM   893  C CG  . PRO A 1 113 ? -6.803  -10.348 1.541   1.00 24.37 ? 206 PRO A CG  1 
ATOM   894  C CD  . PRO A 1 113 ? -6.390  -10.380 0.079   1.00 25.33 ? 206 PRO A CD  1 
ATOM   895  N N   . CYS A 1 114 ? -10.439 -8.166  0.867   1.00 27.20 ? 207 CYS A N   1 
ATOM   896  C CA  . CYS A 1 114 ? -10.796 -6.817  1.373   1.00 28.22 ? 207 CYS A CA  1 
ATOM   897  C C   . CYS A 1 114 ? -11.291 -6.858  2.845   1.00 29.82 ? 207 CYS A C   1 
ATOM   898  O O   . CYS A 1 114 ? -11.694 -5.829  3.366   1.00 31.15 ? 207 CYS A O   1 
ATOM   899  C CB  . CYS A 1 114 ? -11.744 -6.108  0.473   1.00 33.72 ? 207 CYS A CB  1 
ATOM   900  S SG  . CYS A 1 114 ? -13.342 -6.956  0.321   1.00 41.45 ? 207 CYS A SG  1 
ATOM   901  N N   . HIS A 1 115 ? -11.165 -8.025  3.477   1.00 29.97 ? 208 HIS A N   1 
ATOM   902  C CA  . HIS A 1 115 ? -11.420 -8.193  4.953   1.00 32.61 ? 208 HIS A CA  1 
ATOM   903  C C   . HIS A 1 115 ? -10.698 -9.414  5.384   1.00 34.78 ? 208 HIS A C   1 
ATOM   904  O O   . HIS A 1 115 ? -10.321 -10.228 4.541   1.00 28.72 ? 208 HIS A O   1 
ATOM   905  C CB  . HIS A 1 115 ? -12.942 -8.276  5.185   1.00 34.89 ? 208 HIS A CB  1 
ATOM   906  C CG  . HIS A 1 115 ? -13.590 -9.424  4.458   1.00 34.43 ? 208 HIS A CG  1 
ATOM   907  N ND1 . HIS A 1 115 ? -13.505 -10.721 4.923   1.00 37.23 ? 208 HIS A ND1 1 
ATOM   908  C CD2 . HIS A 1 115 ? -14.224 -9.499  3.263   1.00 37.94 ? 208 HIS A CD2 1 
ATOM   909  C CE1 . HIS A 1 115 ? -14.095 -11.543 4.069   1.00 33.98 ? 208 HIS A CE1 1 
ATOM   910  N NE2 . HIS A 1 115 ? -14.537 -10.827 3.054   1.00 38.96 ? 208 HIS A NE2 1 
ATOM   911  N N   A ARG A 1 116 ? -10.406 -9.586  6.685   0.32 32.48 ? 209 ARG A N   1 
ATOM   912  N N   B ARG A 1 116 ? -10.516 -9.575  6.691   0.20 35.07 ? 209 ARG A N   1 
ATOM   913  C CA  A ARG A 1 116 ? -9.936  -10.900 7.166   0.32 32.16 ? 209 ARG A CA  1 
ATOM   914  C CA  B ARG A 1 116 ? -10.071 -10.850 7.200   0.20 35.53 ? 209 ARG A CA  1 
ATOM   915  C C   A ARG A 1 116 ? -11.161 -11.782 7.487   0.32 32.75 ? 209 ARG A C   1 
ATOM   916  C C   B ARG A 1 116 ? -11.244 -11.797 7.426   0.20 35.48 ? 209 ARG A C   1 
ATOM   917  O O   A ARG A 1 116 ? -12.262 -11.302 7.556   0.32 32.45 ? 209 ARG A O   1 
ATOM   918  O O   B ARG A 1 116 ? -12.390 -11.381 7.392   0.20 35.56 ? 209 ARG A O   1 
ATOM   919  C CB  A ARG A 1 116 ? -8.975  -10.764 8.356   0.32 31.86 ? 209 ARG A CB  1 
ATOM   920  C CB  B ARG A 1 116 ? -9.277  -10.670 8.481   0.20 36.94 ? 209 ARG A CB  1 
ATOM   921  C CG  A ARG A 1 116 ? -7.809  -9.819  8.092   0.32 29.17 ? 209 ARG A CG  1 
ATOM   922  C CG  B ARG A 1 116 ? -8.613  -11.941 8.940   0.20 35.83 ? 209 ARG A CG  1 
ATOM   923  C CD  A ARG A 1 116 ? -7.387  -9.091  9.321   0.32 34.61 ? 209 ARG A CD  1 
ATOM   924  C CD  B ARG A 1 116 ? -7.684  -12.478 7.872   0.20 35.29 ? 209 ARG A CD  1 
ATOM   925  N NE  A ARG A 1 116 ? -6.669  -9.958  10.195  0.32 33.23 ? 209 ARG A NE  1 
ATOM   926  N NE  B ARG A 1 116 ? -7.561  -13.925 7.654   0.20 32.79 ? 209 ARG A NE  1 
ATOM   927  C CZ  A ARG A 1 116 ? -6.497  -9.768  11.506  0.32 31.96 ? 209 ARG A CZ  1 
ATOM   928  C CZ  B ARG A 1 116 ? -7.849  -14.610 6.531   0.20 37.23 ? 209 ARG A CZ  1 
ATOM   929  N NH1 A ARG A 1 116 ? -7.016  -8.744  12.196  0.32 34.61 ? 209 ARG A NH1 1 
ATOM   930  N NH1 B ARG A 1 116 ? -7.588  -15.924 6.482   0.20 38.97 ? 209 ARG A NH1 1 
ATOM   931  N NH2 A ARG A 1 116 ? -5.800  -10.641 12.146  0.32 29.21 ? 209 ARG A NH2 1 
ATOM   932  N NH2 B ARG A 1 116 ? -8.396  -14.032 5.461   0.20 35.76 ? 209 ARG A NH2 1 
ATOM   933  N N   . ASN A 1 117 ? -10.949 -13.085 7.592   1.00 39.61 ? 210 ASN A N   1 
ATOM   934  C CA  . ASN A 1 117 ? -11.995 -14.063 7.854   1.00 36.97 ? 210 ASN A CA  1 
ATOM   935  C C   . ASN A 1 117 ? -12.142 -14.171 9.339   1.00 40.37 ? 210 ASN A C   1 
ATOM   936  O O   . ASN A 1 117 ? -11.132 -14.037 10.106  1.00 34.50 ? 210 ASN A O   1 
ATOM   937  C CB  . ASN A 1 117 ? -11.586 -15.398 7.292   1.00 46.45 ? 210 ASN A CB  1 
ATOM   938  C CG  . ASN A 1 117 ? -11.419 -15.347 5.794   1.00 49.16 ? 210 ASN A CG  1 
ATOM   939  O OD1 . ASN A 1 117 ? -12.116 -14.579 5.121   1.00 41.22 ? 210 ASN A OD1 1 
ATOM   940  N ND2 . ASN A 1 117 ? -10.496 -16.142 5.281   1.00 50.14 ? 210 ASN A ND2 1 
ATOM   941  N N   . ASP A 1 118 ? -13.390 -14.380 9.751   1.00 40.70 ? 211 ASP A N   1 
ATOM   942  C CA  . ASP A 1 118 ? -13.638 -14.590 11.179  1.00 45.15 ? 211 ASP A CA  1 
ATOM   943  C C   . ASP A 1 118 ? -13.236 -16.025 11.516  1.00 45.09 ? 211 ASP A C   1 
ATOM   944  O O   . ASP A 1 118 ? -12.503 -16.688 10.731  1.00 40.45 ? 211 ASP A O   1 
ATOM   945  C CB  . ASP A 1 118 ? -15.054 -14.123 11.592  1.00 46.77 ? 211 ASP A CB  1 
ATOM   946  C CG  . ASP A 1 118 ? -16.179 -14.912 10.987  1.00 51.56 ? 211 ASP A CG  1 
ATOM   947  O OD1 . ASP A 1 118 ? -15.995 -16.032 10.440  1.00 49.93 ? 211 ASP A OD1 1 
ATOM   948  O OD2 . ASP A 1 118 ? -17.307 -14.384 11.147  1.00 56.49 ? 211 ASP A OD2 1 
ATOM   949  N N   . MET A 1 119 ? -13.617 -16.479 12.714  1.00 43.08 ? 212 MET A N   1 
ATOM   950  C CA  . MET A 1 119 ? -13.389 -17.888 13.136  1.00 49.90 ? 212 MET A CA  1 
ATOM   951  C C   . MET A 1 119 ? -14.715 -18.441 13.729  1.00 53.71 ? 212 MET A C   1 
ATOM   952  O O   . MET A 1 119 ? -14.715 -19.214 14.690  1.00 54.64 ? 212 MET A O   1 
ATOM   953  C CB  . MET A 1 119 ? -12.246 -17.898 14.121  1.00 47.44 ? 212 MET A CB  1 
ATOM   954  C CG  . MET A 1 119 ? -10.979 -17.352 13.459  1.00 52.51 ? 212 MET A CG  1 
ATOM   955  S SD  . MET A 1 119 ? -9.538  -17.269 14.489  1.00 48.80 ? 212 MET A SD  1 
ATOM   956  C CE  . MET A 1 119 ? -10.038 -15.981 15.645  1.00 58.83 ? 212 MET A CE  1 
ATOM   957  N N   . THR A 1 120 ? -15.831 -17.996 13.135  1.00 50.90 ? 213 THR A N   1 
ATOM   958  C CA  . THR A 1 120 ? -17.164 -18.562 13.342  1.00 58.65 ? 213 THR A CA  1 
ATOM   959  C C   . THR A 1 120 ? -17.218 -20.089 13.169  1.00 65.01 ? 213 THR A C   1 
ATOM   960  O O   . THR A 1 120 ? -17.974 -20.713 13.895  1.00 63.46 ? 213 THR A O   1 
ATOM   961  C CB  . THR A 1 120 ? -18.242 -17.918 12.422  1.00 59.75 ? 213 THR A CB  1 
ATOM   962  O OG1 . THR A 1 120 ? -17.831 -17.977 11.040  1.00 70.29 ? 213 THR A OG1 1 
ATOM   963  C CG2 . THR A 1 120 ? -18.485 -16.489 12.805  1.00 50.51 ? 213 THR A CG2 1 
ATOM   964  N N   . PRO A 1 121 ? -16.428 -20.688 12.229  1.00 76.25 ? 214 PRO A N   1 
ATOM   965  C CA  . PRO A 1 121 ? -16.344 -22.162 12.285  1.00 74.27 ? 214 PRO A CA  1 
ATOM   966  C C   . PRO A 1 121 ? -15.913 -22.730 13.667  1.00 71.42 ? 214 PRO A C   1 
ATOM   967  O O   . PRO A 1 121 ? -16.470 -23.743 14.103  1.00 62.74 ? 214 PRO A O   1 
ATOM   968  C CB  . PRO A 1 121 ? -15.330 -22.515 11.162  1.00 77.91 ? 214 PRO A CB  1 
ATOM   969  C CG  . PRO A 1 121 ? -14.711 -21.218 10.728  1.00 83.90 ? 214 PRO A CG  1 
ATOM   970  C CD  . PRO A 1 121 ? -15.767 -20.182 11.000  1.00 84.27 ? 214 PRO A CD  1 
ATOM   971  N N   . LYS A 1 122 ? -14.977 -22.068 14.355  1.00 62.02 ? 215 LYS A N   1 
ATOM   972  C CA  . LYS A 1 122 ? -14.518 -22.519 15.675  1.00 61.34 ? 215 LYS A CA  1 
ATOM   973  C C   . LYS A 1 122 ? -15.304 -21.906 16.900  1.00 54.63 ? 215 LYS A C   1 
ATOM   974  O O   . LYS A 1 122 ? -14.865 -22.073 18.042  1.00 70.91 ? 215 LYS A O   1 
ATOM   975  C CB  . LYS A 1 122 ? -13.004 -22.275 15.808  1.00 58.57 ? 215 LYS A CB  1 
ATOM   976  C CG  . LYS A 1 122 ? -12.158 -23.449 15.323  1.00 64.47 ? 215 LYS A CG  1 
ATOM   977  N N   . SER A 1 123 ? -16.445 -21.238 16.677  1.00 48.67 ? 216 SER A N   1 
ATOM   978  C CA  . SER A 1 123 ? -17.112 -20.426 17.758  1.00 39.29 ? 216 SER A CA  1 
ATOM   979  C C   . SER A 1 123 ? -16.142 -19.607 18.613  1.00 38.38 ? 216 SER A C   1 
ATOM   980  O O   . SER A 1 123 ? -16.293 -19.519 19.846  1.00 36.46 ? 216 SER A O   1 
ATOM   981  C CB  . SER A 1 123 ? -17.920 -21.368 18.655  1.00 41.95 ? 216 SER A CB  1 
ATOM   982  O OG  . SER A 1 123 ? -18.810 -22.144 17.878  1.00 45.60 ? 216 SER A OG  1 
ATOM   983  N N   . LYS A 1 124 ? -15.128 -18.979 17.968  1.00 29.36 ? 217 LYS A N   1 
ATOM   984  C CA  . LYS A 1 124 ? -14.179 -18.207 18.661  1.00 28.47 ? 217 LYS A CA  1 
ATOM   985  C C   . LYS A 1 124 ? -14.294 -16.768 18.081  1.00 28.03 ? 217 LYS A C   1 
ATOM   986  O O   . LYS A 1 124 ? -14.511 -16.596 16.830  1.00 29.75 ? 217 LYS A O   1 
ATOM   987  C CB  . LYS A 1 124 ? -12.803 -18.820 18.361  1.00 33.35 ? 217 LYS A CB  1 
ATOM   988  C CG  . LYS A 1 124 ? -11.620 -18.081 18.941  1.00 33.98 ? 217 LYS A CG  1 
ATOM   989  C CD  . LYS A 1 124 ? -10.362 -18.977 18.853  1.00 42.35 ? 217 LYS A CD  1 
ATOM   990  N N   . LEU A 1 125 ? -14.105 -15.795 18.961  1.00 24.58 ? 218 LEU A N   1 
ATOM   991  C CA  . LEU A 1 125 ? -14.067 -14.381 18.501  1.00 24.09 ? 218 LEU A CA  1 
ATOM   992  C C   . LEU A 1 125 ? -12.736 -14.020 17.862  1.00 24.93 ? 218 LEU A C   1 
ATOM   993  O O   . LEU A 1 125 ? -11.680 -14.477 18.211  1.00 28.22 ? 218 LEU A O   1 
ATOM   994  C CB  . LEU A 1 125 ? -14.287 -13.440 19.672  1.00 24.06 ? 218 LEU A CB  1 
ATOM   995  C CG  . LEU A 1 125 ? -15.644 -13.804 20.326  1.00 26.29 ? 218 LEU A CG  1 
ATOM   996  C CD1 . LEU A 1 125 ? -16.034 -12.729 21.222  1.00 32.11 ? 218 LEU A CD1 1 
ATOM   997  C CD2 . LEU A 1 125 ? -16.844 -14.153 19.411  1.00 28.21 ? 218 LEU A CD2 1 
ATOM   998  N N   . GLY A 1 126 ? -12.847 -13.016 17.033  1.00 24.16 ? 219 GLY A N   1 
ATOM   999  C CA  . GLY A 1 126 ? -11.696 -12.387 16.436  1.00 24.97 ? 219 GLY A CA  1 
ATOM   1000 C C   . GLY A 1 126 ? -11.561 -12.746 14.964  1.00 22.70 ? 219 GLY A C   1 
ATOM   1001 O O   . GLY A 1 126 ? -12.445 -13.179 14.310  1.00 26.45 ? 219 GLY A O   1 
ATOM   1002 N N   . LEU A 1 127 ? -10.364 -12.491 14.475  1.00 28.04 ? 220 LEU A N   1 
ATOM   1003 C CA  . LEU A 1 127 ? -10.045 -12.691 13.043  1.00 25.83 ? 220 LEU A CA  1 
ATOM   1004 C C   . LEU A 1 127 ? -8.832  -13.639 12.886  1.00 23.38 ? 220 LEU A C   1 
ATOM   1005 O O   . LEU A 1 127 ? -7.913  -13.579 13.693  1.00 27.99 ? 220 LEU A O   1 
ATOM   1006 C CB  . LEU A 1 127 ? -9.709  -11.288 12.467  1.00 27.98 ? 220 LEU A CB  1 
ATOM   1007 C CG  . LEU A 1 127 ? -10.904 -10.303 12.326  1.00 30.05 ? 220 LEU A CG  1 
ATOM   1008 C CD1 . LEU A 1 127 ? -10.387 -8.978  11.919  1.00 36.50 ? 220 LEU A CD1 1 
ATOM   1009 C CD2 . LEU A 1 127 ? -11.971 -10.809 11.351  1.00 32.01 ? 220 LEU A CD2 1 
ATOM   1010 N N   . ALA A 1 128 ? -8.854  -14.415 11.814  1.00 27.90 ? 221 ALA A N   1 
ATOM   1011 C CA  . ALA A 1 128 ? -7.755  -15.325 11.489  1.00 30.02 ? 221 ALA A CA  1 
ATOM   1012 C C   . ALA A 1 128 ? -6.643  -14.450 10.934  1.00 33.12 ? 221 ALA A C   1 
ATOM   1013 O O   . ALA A 1 128 ? -6.926  -13.428 10.311  1.00 28.52 ? 221 ALA A O   1 
ATOM   1014 C CB  . ALA A 1 128 ? -8.193  -16.371 10.466  1.00 34.99 ? 221 ALA A CB  1 
ATOM   1015 N N   . PRO A 1 129 ? -5.388  -14.823 11.166  1.00 32.39 ? 222 PRO A N   1 
ATOM   1016 C CA  . PRO A 1 129 ? -4.228  -14.118 10.608  1.00 32.54 ? 222 PRO A CA  1 
ATOM   1017 C C   . PRO A 1 129 ? -4.341  -14.054 9.106   1.00 28.77 ? 222 PRO A C   1 
ATOM   1018 O O   . PRO A 1 129 ? -4.902  -14.970 8.497   1.00 27.97 ? 222 PRO A O   1 
ATOM   1019 C CB  . PRO A 1 129 ? -3.063  -15.034 10.986  1.00 37.92 ? 222 PRO A CB  1 
ATOM   1020 C CG  . PRO A 1 129 ? -3.520  -15.791 12.201  1.00 43.62 ? 222 PRO A CG  1 
ATOM   1021 C CD  . PRO A 1 129 ? -4.965  -16.044 11.916  1.00 37.57 ? 222 PRO A CD  1 
ATOM   1022 N N   . ASN A 1 130 ? -3.802  -12.967 8.495   1.00 25.26 ? 223 ASN A N   1 
ATOM   1023 C CA  . ASN A 1 130 ? -3.795  -12.875 7.042   1.00 25.91 ? 223 ASN A CA  1 
ATOM   1024 C C   . ASN A 1 130 ? -2.620  -12.075 6.678   1.00 24.90 ? 223 ASN A C   1 
ATOM   1025 O O   . ASN A 1 130 ? -2.400  -11.053 7.254   1.00 23.75 ? 223 ASN A O   1 
ATOM   1026 C CB  . ASN A 1 130 ? -5.038  -12.167 6.519   1.00 28.85 ? 223 ASN A CB  1 
ATOM   1027 C CG  . ASN A 1 130 ? -5.159  -12.202 5.011   1.00 29.19 ? 223 ASN A CG  1 
ATOM   1028 O OD1 . ASN A 1 130 ? -4.449  -11.510 4.349   1.00 26.68 ? 223 ASN A OD1 1 
ATOM   1029 N ND2 . ASN A 1 130 ? -6.045  -13.012 4.492   1.00 33.11 ? 223 ASN A ND2 1 
ATOM   1030 N N   . LYS A 1 131 ? -1.842  -12.551 5.720   1.00 23.98 ? 224 LYS A N   1 
ATOM   1031 C CA  . LYS A 1 131 ? -0.567  -11.924 5.433   1.00 23.17 ? 224 LYS A CA  1 
ATOM   1032 C C   . LYS A 1 131 ? -0.746  -10.586 4.733   1.00 22.62 ? 224 LYS A C   1 
ATOM   1033 O O   . LYS A 1 131 ? 0.239   -9.855  4.632   1.00 23.37 ? 224 LYS A O   1 
ATOM   1034 C CB  . LYS A 1 131 ? 0.329   -12.769 4.547   1.00 23.07 ? 224 LYS A CB  1 
ATOM   1035 C CG  . LYS A 1 131 ? -0.235  -13.125 3.227   1.00 24.96 ? 224 LYS A CG  1 
ATOM   1036 C CD  . LYS A 1 131 ? 0.804   -14.005 2.573   1.00 25.99 ? 224 LYS A CD  1 
ATOM   1037 C CE  . LYS A 1 131 ? 0.417   -14.347 1.150   1.00 29.64 ? 224 LYS A CE  1 
ATOM   1038 N NZ  . LYS A 1 131 ? 1.488   -15.282 0.535   1.00 31.86 ? 224 LYS A NZ  1 
ATOM   1039 N N   . PHE A 1 132 ? -1.954  -10.312 4.291   1.00 21.78 ? 225 PHE A N   1 
ATOM   1040 C CA  . PHE A 1 132 ? -2.247  -8.980  3.664   1.00 20.77 ? 225 PHE A CA  1 
ATOM   1041 C C   . PHE A 1 132 ? -2.876  -7.948  4.632   1.00 21.15 ? 225 PHE A C   1 
ATOM   1042 O O   . PHE A 1 132 ? -3.369  -6.912  4.176   1.00 21.67 ? 225 PHE A O   1 
ATOM   1043 C CB  . PHE A 1 132 ? -3.152  -9.236  2.492   1.00 18.18 ? 225 PHE A CB  1 
ATOM   1044 C CG  . PHE A 1 132 ? -2.512  -10.066 1.421   1.00 20.49 ? 225 PHE A CG  1 
ATOM   1045 C CD1 . PHE A 1 132 ? -1.519  -9.564  0.677   1.00 19.47 ? 225 PHE A CD1 1 
ATOM   1046 C CD2 . PHE A 1 132 ? -2.972  -11.344 1.175   1.00 22.72 ? 225 PHE A CD2 1 
ATOM   1047 C CE1 . PHE A 1 132 ? -0.948  -10.327 -0.307  1.00 19.70 ? 225 PHE A CE1 1 
ATOM   1048 C CE2 . PHE A 1 132 ? -2.371  -12.126 0.238   1.00 22.30 ? 225 PHE A CE2 1 
ATOM   1049 C CZ  . PHE A 1 132 ? -1.412  -11.603 -0.523  1.00 20.14 ? 225 PHE A CZ  1 
ATOM   1050 N N   A PHE A 1 133 ? -2.863  -8.240  5.935   0.32 22.67 ? 226 PHE A N   1 
ATOM   1051 N N   B PHE A 1 133 ? -2.809  -8.220  5.946   0.20 21.75 ? 226 PHE A N   1 
ATOM   1052 C CA  A PHE A 1 133 ? -3.472  -7.387  6.950   0.32 25.13 ? 226 PHE A CA  1 
ATOM   1053 C CA  B PHE A 1 133 ? -3.407  -7.384  6.998   0.20 23.07 ? 226 PHE A CA  1 
ATOM   1054 C C   A PHE A 1 133 ? -3.198  -5.882  6.825   0.32 25.36 ? 226 PHE A C   1 
ATOM   1055 C C   B PHE A 1 133 ? -3.216  -5.893  6.755   0.20 23.83 ? 226 PHE A C   1 
ATOM   1056 O O   A PHE A 1 133 ? -4.101  -5.097  7.065   0.32 23.05 ? 226 PHE A O   1 
ATOM   1057 O O   B PHE A 1 133 ? -4.179  -5.143  6.838   0.20 22.66 ? 226 PHE A O   1 
ATOM   1058 C CB  A PHE A 1 133 ? -3.157  -7.879  8.373   0.32 26.81 ? 226 PHE A CB  1 
ATOM   1059 C CB  B PHE A 1 133 ? -2.826  -7.747  8.374   0.20 23.28 ? 226 PHE A CB  1 
ATOM   1060 C CG  A PHE A 1 133 ? -1.692  -7.823  8.769   0.32 28.95 ? 226 PHE A CG  1 
ATOM   1061 C CG  B PHE A 1 133 ? -3.331  -6.887  9.519   0.20 23.27 ? 226 PHE A CG  1 
ATOM   1062 C CD1 A PHE A 1 133 ? -0.772  -8.803  8.335   0.32 32.01 ? 226 PHE A CD1 1 
ATOM   1063 C CD1 B PHE A 1 133 ? -4.658  -6.938  9.916   0.20 25.81 ? 226 PHE A CD1 1 
ATOM   1064 C CD2 A PHE A 1 133 ? -1.243  -6.849  9.659   0.32 32.32 ? 226 PHE A CD2 1 
ATOM   1065 C CD2 B PHE A 1 133 ? -2.461  -6.051  10.213  0.20 24.24 ? 226 PHE A CD2 1 
ATOM   1066 C CE1 A PHE A 1 133 ? 0.542   -8.782  8.741   0.32 31.08 ? 226 PHE A CE1 1 
ATOM   1067 C CE1 B PHE A 1 133 ? -5.123  -6.155  10.984  0.20 25.48 ? 226 PHE A CE1 1 
ATOM   1068 C CE2 A PHE A 1 133 ? 0.086   -6.833  10.069  0.32 31.79 ? 226 PHE A CE2 1 
ATOM   1069 C CE2 B PHE A 1 133 ? -2.914  -5.280  11.278  0.20 25.58 ? 226 PHE A CE2 1 
ATOM   1070 C CZ  A PHE A 1 133 ? 0.973   -7.777  9.602   0.32 31.33 ? 226 PHE A CZ  1 
ATOM   1071 C CZ  B PHE A 1 133 ? -4.244  -5.325  11.652  0.20 25.21 ? 226 PHE A CZ  1 
ATOM   1072 N N   . MET A 1 134 ? -1.979  -5.493  6.473   0.52 23.25 ? 227 MET A N   1 
ATOM   1073 C CA  . MET A 1 134 ? -1.652  -4.044  6.304   0.52 26.96 ? 227 MET A CA  1 
ATOM   1074 C C   . MET A 1 134 ? -2.317  -3.427  5.070   0.52 23.88 ? 227 MET A C   1 
ATOM   1075 O O   . MET A 1 134 ? -2.722  -2.255  5.081   0.52 23.78 ? 227 MET A O   1 
ATOM   1076 C CB  . MET A 1 134 ? -0.141  -3.823  6.239   0.52 32.24 ? 227 MET A CB  1 
ATOM   1077 C CG  . MET A 1 134 ? 0.330   -2.674  7.105   0.52 39.93 ? 227 MET A CG  1 
ATOM   1078 S SD  . MET A 1 134 ? 0.145   -3.015  8.873   0.52 46.86 ? 227 MET A SD  1 
ATOM   1079 C CE  . MET A 1 134 ? -1.281  -2.092  9.392   0.52 40.46 ? 227 MET A CE  1 
ATOM   1080 N N   . ALA A 1 135 ? -2.423  -4.214  4.001   1.00 21.79 ? 228 ALA A N   1 
ATOM   1081 C CA  . ALA A 1 135 ? -3.051  -3.761  2.750   1.00 19.49 ? 228 ALA A CA  1 
ATOM   1082 C C   . ALA A 1 135 ? -4.581  -3.724  2.811   1.00 21.14 ? 228 ALA A C   1 
ATOM   1083 O O   . ALA A 1 135 ? -5.245  -2.928  2.181   1.00 20.31 ? 228 ALA A O   1 
ATOM   1084 C CB  . ALA A 1 135 ? -2.623  -4.643  1.615   1.00 18.52 ? 228 ALA A CB  1 
ATOM   1085 N N   . ILE A 1 136 ? -5.186  -4.728  3.516   1.00 20.04 ? 229 ILE A N   1 
ATOM   1086 C CA  . ILE A 1 136 ? -6.577  -4.961  3.472   1.00 19.69 ? 229 ILE A CA  1 
ATOM   1087 C C   . ILE A 1 136 ? -7.489  -3.718  3.604   1.00 20.44 ? 229 ILE A C   1 
ATOM   1088 O O   . ILE A 1 136 ? -8.431  -3.567  2.865   1.00 20.81 ? 229 ILE A O   1 
ATOM   1089 C CB  . ILE A 1 136 ? -6.981  -6.039  4.538   1.00 20.71 ? 229 ILE A CB  1 
ATOM   1090 C CG1 . ILE A 1 136 ? -6.707  -7.391  3.865   1.00 22.54 ? 229 ILE A CG1 1 
ATOM   1091 C CG2 . ILE A 1 136 ? -8.451  -5.931  4.969   1.00 26.67 ? 229 ILE A CG2 1 
ATOM   1092 C CD1 . ILE A 1 136 ? -6.685  -8.544  4.873   1.00 24.34 ? 229 ILE A CD1 1 
ATOM   1093 N N   . PRO A 1 137 ? -7.197  -2.812  4.532   1.00 22.67 ? 230 PRO A N   1 
ATOM   1094 C CA  . PRO A 1 137 ? -8.141  -1.682  4.733   1.00 22.91 ? 230 PRO A CA  1 
ATOM   1095 C C   . PRO A 1 137 ? -8.257  -0.797  3.497   1.00 22.27 ? 230 PRO A C   1 
ATOM   1096 O O   . PRO A 1 137 ? -9.235  -0.113  3.324   1.00 24.59 ? 230 PRO A O   1 
ATOM   1097 C CB  . PRO A 1 137 ? -7.472  -0.898  5.847   1.00 25.86 ? 230 PRO A CB  1 
ATOM   1098 C CG  . PRO A 1 137 ? -6.703  -1.876  6.618   1.00 28.67 ? 230 PRO A CG  1 
ATOM   1099 C CD  . PRO A 1 137 ? -6.166  -2.857  5.579   1.00 24.32 ? 230 PRO A CD  1 
ATOM   1100 N N   . PHE A 1 138 ? -7.234  -0.815  2.625   1.00 20.14 ? 231 PHE A N   1 
ATOM   1101 C CA  . PHE A 1 138 ? -7.249  0.044   1.442   1.00 20.60 ? 231 PHE A CA  1 
ATOM   1102 C C   . PHE A 1 138 ? -7.907  -0.597  0.234   1.00 20.82 ? 231 PHE A C   1 
ATOM   1103 O O   . PHE A 1 138 ? -8.125  0.089   -0.746  1.00 20.60 ? 231 PHE A O   1 
ATOM   1104 C CB  . PHE A 1 138 ? -5.811  0.457   1.030   1.00 19.55 ? 231 PHE A CB  1 
ATOM   1105 C CG  . PHE A 1 138 ? -5.111  1.285   2.076   1.00 21.76 ? 231 PHE A CG  1 
ATOM   1106 C CD1 . PHE A 1 138 ? -5.259  2.687   2.064   1.00 25.06 ? 231 PHE A CD1 1 
ATOM   1107 C CD2 . PHE A 1 138 ? -4.378  0.678   3.082   1.00 22.69 ? 231 PHE A CD2 1 
ATOM   1108 C CE1 . PHE A 1 138 ? -4.648  3.424   3.031   1.00 24.60 ? 231 PHE A CE1 1 
ATOM   1109 C CE2 . PHE A 1 138 ? -3.754  1.464   4.027   1.00 28.52 ? 231 PHE A CE2 1 
ATOM   1110 C CZ  . PHE A 1 138 ? -3.918  2.815   3.985   1.00 24.03 ? 231 PHE A CZ  1 
ATOM   1111 N N   . ILE A 1 139 ? -8.139  -1.888  0.247   1.00 21.70 ? 232 ILE A N   1 
ATOM   1112 C CA  . ILE A 1 139 ? -8.611  -2.608  -0.938  1.00 20.76 ? 232 ILE A CA  1 
ATOM   1113 C C   . ILE A 1 139 ? -9.998  -2.253  -1.461  1.00 24.83 ? 232 ILE A C   1 
ATOM   1114 O O   . ILE A 1 139 ? -10.179 -1.880  -2.617  1.00 23.71 ? 232 ILE A O   1 
ATOM   1115 C CB  . ILE A 1 139 ? -8.496  -4.133  -0.774  1.00 22.03 ? 232 ILE A CB  1 
ATOM   1116 C CG1 . ILE A 1 139 ? -7.028  -4.555  -0.493  1.00 20.85 ? 232 ILE A CG1 1 
ATOM   1117 C CG2 . ILE A 1 139 ? -8.965  -4.818  -2.046  1.00 26.51 ? 232 ILE A CG2 1 
ATOM   1118 C CD1 . ILE A 1 139 ? -5.992  -4.065  -1.500  1.00 22.91 ? 232 ILE A CD1 1 
ATOM   1119 N N   . ARG A 1 140 ? -11.003 -2.259  -0.595  1.00 23.26 ? 233 ARG A N   1 
ATOM   1120 C CA  . ARG A 1 140 ? -12.292 -1.787  -1.028  1.00 26.72 ? 233 ARG A CA  1 
ATOM   1121 C C   . ARG A 1 140 ? -12.310 -0.318  -1.451  1.00 24.01 ? 233 ARG A C   1 
ATOM   1122 O O   . ARG A 1 140 ? -12.765 -0.017  -2.527  1.00 25.81 ? 233 ARG A O   1 
ATOM   1123 C CB  . ARG A 1 140 ? -13.378 -2.133  0.023   1.00 29.73 ? 233 ARG A CB  1 
ATOM   1124 C CG  . ARG A 1 140 ? -14.784 -1.653  -0.401  1.00 38.29 ? 233 ARG A CG  1 
ATOM   1125 C CD  . ARG A 1 140 ? -15.172 -2.211  -1.764  1.00 51.61 ? 233 ARG A CD  1 
ATOM   1126 N NE  . ARG A 1 140 ? -14.953 -3.668  -1.930  1.00 60.67 ? 233 ARG A NE  1 
ATOM   1127 C CZ  . ARG A 1 140 ? -15.165 -4.327  -3.074  1.00 74.94 ? 233 ARG A CZ  1 
ATOM   1128 N NH1 . ARG A 1 140 ? -15.595 -3.689  -4.189  1.00 80.91 ? 233 ARG A NH1 1 
ATOM   1129 N NH2 . ARG A 1 140 ? -14.954 -5.639  -3.117  1.00 76.26 ? 233 ARG A NH2 1 
ATOM   1130 N N   . PRO A 1 141 ? -11.737 0.616   -0.655  1.00 23.32 ? 234 PRO A N   1 
ATOM   1131 C CA  . PRO A 1 141 ? -11.693 1.954   -1.158  1.00 26.89 ? 234 PRO A CA  1 
ATOM   1132 C C   . PRO A 1 141 ? -10.966 2.094   -2.487  1.00 25.74 ? 234 PRO A C   1 
ATOM   1133 O O   . PRO A 1 141 ? -11.370 2.949   -3.348  1.00 24.32 ? 234 PRO A O   1 
ATOM   1134 C CB  . PRO A 1 141 ? -10.995 2.745   -0.044  1.00 25.53 ? 234 PRO A CB  1 
ATOM   1135 C CG  . PRO A 1 141 ? -11.130 1.895   1.128   1.00 26.71 ? 234 PRO A CG  1 
ATOM   1136 C CD  . PRO A 1 141 ? -11.367 0.512   0.742   1.00 23.71 ? 234 PRO A CD  1 
ATOM   1137 N N   . LEU A 1 142 ? -9.879  1.330   -2.682  1.00 23.89 ? 235 LEU A N   1 
ATOM   1138 C CA  . LEU A 1 142 ? -9.194  1.335   -4.006  1.00 22.90 ? 235 LEU A CA  1 
ATOM   1139 C C   . LEU A 1 142 ? -10.054 0.869   -5.203  1.00 25.39 ? 235 LEU A C   1 
ATOM   1140 O O   . LEU A 1 142 ? -10.133 1.538   -6.248  1.00 25.39 ? 235 LEU A O   1 
ATOM   1141 C CB  . LEU A 1 142 ? -7.893  0.536   -3.969  1.00 21.10 ? 235 LEU A CB  1 
ATOM   1142 C CG  . LEU A 1 142 ? -7.133  0.356   -5.281  1.00 21.33 ? 235 LEU A CG  1 
ATOM   1143 C CD1 . LEU A 1 142 ? -6.683  1.651   -5.849  1.00 22.55 ? 235 LEU A CD1 1 
ATOM   1144 C CD2 . LEU A 1 142 ? -5.969  -0.643  -5.130  1.00 22.51 ? 235 LEU A CD2 1 
ATOM   1145 N N   . ARG A 1 143 ? -10.730 -0.229  -4.985  1.00 24.20 ? 236 ARG A N   1 
ATOM   1146 C CA  . ARG A 1 143 ? -11.623 -0.765  -5.990  1.00 23.98 ? 236 ARG A CA  1 
ATOM   1147 C C   . ARG A 1 143 ? -12.695 0.286   -6.299  1.00 26.14 ? 236 ARG A C   1 
ATOM   1148 O O   . ARG A 1 143 ? -12.996 0.545   -7.493  1.00 27.02 ? 236 ARG A O   1 
ATOM   1149 C CB  . ARG A 1 143 ? -12.256 -2.058  -5.555  1.00 25.00 ? 236 ARG A CB  1 
ATOM   1150 C CG  . ARG A 1 143 ? -11.286 -3.206  -5.523  1.00 25.99 ? 236 ARG A CG  1 
ATOM   1151 C CD  . ARG A 1 143 ? -11.957 -4.417  -4.958  1.00 30.30 ? 236 ARG A CD  1 
ATOM   1152 N NE  . ARG A 1 143 ? -11.082 -5.569  -4.923  1.00 31.21 ? 236 ARG A NE  1 
ATOM   1153 C CZ  . ARG A 1 143 ? -11.186 -6.634  -4.109  1.00 31.35 ? 236 ARG A CZ  1 
ATOM   1154 N NH1 . ARG A 1 143 ? -12.147 -6.718  -3.196  1.00 30.56 ? 236 ARG A NH1 1 
ATOM   1155 N NH2 . ARG A 1 143 ? -10.306 -7.613  -4.185  1.00 28.50 ? 236 ARG A NH2 1 
ATOM   1156 N N   . ASP A 1 144 ? -13.252 0.915   -5.252  1.00 29.07 ? 237 ASP A N   1 
ATOM   1157 C CA  . ASP A 1 144 ? -14.290 1.942   -5.505  1.00 31.21 ? 237 ASP A CA  1 
ATOM   1158 C C   . ASP A 1 144 ? -13.757 3.174   -6.217  1.00 33.39 ? 237 ASP A C   1 
ATOM   1159 O O   . ASP A 1 144 ? -14.416 3.726   -7.082  1.00 32.36 ? 237 ASP A O   1 
ATOM   1160 C CB  . ASP A 1 144 ? -14.976 2.343   -4.197  1.00 30.89 ? 237 ASP A CB  1 
ATOM   1161 C CG  . ASP A 1 144 ? -15.851 1.185   -3.602  1.00 34.62 ? 237 ASP A CG  1 
ATOM   1162 O OD1 . ASP A 1 144 ? -16.071 0.111   -4.232  1.00 40.07 ? 237 ASP A OD1 1 
ATOM   1163 O OD2 . ASP A 1 144 ? -16.174 1.298   -2.400  1.00 41.79 ? 237 ASP A OD2 1 
ATOM   1164 N N   . TRP A 1 145 ? -12.548 3.575   -5.864  1.00 26.72 ? 238 TRP A N   1 
ATOM   1165 C CA  . TRP A 1 145 ? -11.886 4.672   -6.454  1.00 27.51 ? 238 TRP A CA  1 
ATOM   1166 C C   . TRP A 1 145 ? -11.599 4.387   -7.918  1.00 29.34 ? 238 TRP A C   1 
ATOM   1167 O O   . TRP A 1 145 ? -11.859 5.244   -8.787  1.00 30.82 ? 238 TRP A O   1 
ATOM   1168 C CB  . TRP A 1 145 ? -10.635 5.018   -5.622  1.00 27.26 ? 238 TRP A CB  1 
ATOM   1169 C CG  . TRP A 1 145 ? -9.922  6.303   -6.092  1.00 31.85 ? 238 TRP A CG  1 
ATOM   1170 C CD1 . TRP A 1 145 ? -9.965  7.535   -5.467  1.00 35.10 ? 238 TRP A CD1 1 
ATOM   1171 C CD2 . TRP A 1 145 ? -9.055  6.476   -7.230  1.00 28.47 ? 238 TRP A CD2 1 
ATOM   1172 N NE1 . TRP A 1 145 ? -9.214  8.455   -6.119  1.00 32.08 ? 238 TRP A NE1 1 
ATOM   1173 C CE2 . TRP A 1 145 ? -8.653  7.861   -7.215  1.00 33.00 ? 238 TRP A CE2 1 
ATOM   1174 C CE3 . TRP A 1 145 ? -8.588  5.655   -8.256  1.00 28.15 ? 238 TRP A CE3 1 
ATOM   1175 C CZ2 . TRP A 1 145 ? -7.813  8.381   -8.135  1.00 32.11 ? 238 TRP A CZ2 1 
ATOM   1176 C CZ3 . TRP A 1 145 ? -7.698  6.204   -9.189  1.00 28.69 ? 238 TRP A CZ3 1 
ATOM   1177 C CH2 . TRP A 1 145 ? -7.315  7.549   -9.100  1.00 31.27 ? 238 TRP A CH2 1 
ATOM   1178 N N   . LEU A 1 146 ? -11.168 3.161   -8.242  1.00 25.84 ? 239 LEU A N   1 
ATOM   1179 C CA  . LEU A 1 146 ? -10.820 2.848   -9.644  1.00 27.17 ? 239 LEU A CA  1 
ATOM   1180 C C   . LEU A 1 146 ? -12.107 2.823   -10.540 1.00 31.33 ? 239 LEU A C   1 
ATOM   1181 O O   . LEU A 1 146 ? -12.069 3.290   -11.666 1.00 31.59 ? 239 LEU A O   1 
ATOM   1182 C CB  . LEU A 1 146 ? -10.130 1.540   -9.776  1.00 25.66 ? 239 LEU A CB  1 
ATOM   1183 C CG  . LEU A 1 146 ? -8.704  1.558   -9.196  1.00 25.50 ? 239 LEU A CG  1 
ATOM   1184 C CD1 . LEU A 1 146 ? -8.161  0.164   -9.050  1.00 23.91 ? 239 LEU A CD1 1 
ATOM   1185 C CD2 . LEU A 1 146 ? -7.774  2.389   -10.076 1.00 25.69 ? 239 LEU A CD2 1 
ATOM   1186 N N   . SER A 1 147 ? -13.173 2.301   -9.962  1.00 32.70 ? 240 SER A N   1 
ATOM   1187 C CA  . SER A 1 147 ? -14.516 2.264   -10.649 1.00 36.61 ? 240 SER A CA  1 
ATOM   1188 C C   . SER A 1 147 ? -14.997 3.680   -10.932 1.00 38.60 ? 240 SER A C   1 
ATOM   1189 O O   . SER A 1 147 ? -15.363 3.991   -12.039 1.00 42.94 ? 240 SER A O   1 
ATOM   1190 C CB  . SER A 1 147 ? -15.533 1.582   -9.750  1.00 35.88 ? 240 SER A CB  1 
ATOM   1191 O OG  . SER A 1 147 ? -15.228 0.230   -9.777  1.00 45.92 ? 240 SER A OG  1 
ATOM   1192 N N   . ARG A 1 148 ? -14.980 4.549   -9.948  1.00 36.35 ? 241 ARG A N   1 
ATOM   1193 C CA  . ARG A 1 148 ? -15.347 5.965   -10.189 1.00 39.38 ? 241 ARG A CA  1 
ATOM   1194 C C   . ARG A 1 148 ? -14.460 6.714   -11.264 1.00 53.17 ? 241 ARG A C   1 
ATOM   1195 O O   . ARG A 1 148 ? -15.002 7.477   -12.074 1.00 54.63 ? 241 ARG A O   1 
ATOM   1196 C CB  . ARG A 1 148 ? -15.422 6.754   -8.880  1.00 44.65 ? 241 ARG A CB  1 
ATOM   1197 C CG  . ARG A 1 148 ? -16.517 6.287   -7.920  1.00 51.22 ? 241 ARG A CG  1 
ATOM   1198 N N   . ARG A 1 149 ? -13.149 6.468   -11.245 0.50 50.91 ? 242 ARG A N   1 
ATOM   1199 C CA  . ARG A 1 149 ? -12.173 7.169   -12.092 0.50 53.38 ? 242 ARG A CA  1 
ATOM   1200 C C   . ARG A 1 149 ? -12.026 6.616   -13.509 0.50 58.11 ? 242 ARG A C   1 
ATOM   1201 O O   . ARG A 1 149 ? -11.834 7.388   -14.452 0.50 61.63 ? 242 ARG A O   1 
ATOM   1202 C CB  . ARG A 1 149 ? -10.809 7.133   -11.420 0.50 54.92 ? 242 ARG A CB  1 
ATOM   1203 C CG  . ARG A 1 149 ? -9.638  7.279   -12.376 0.50 55.12 ? 242 ARG A CG  1 
ATOM   1204 C CD  . ARG A 1 149 ? -9.476  8.692   -12.876 0.50 53.33 ? 242 ARG A CD  1 
ATOM   1205 N NE  . ARG A 1 149 ? -9.697  9.666   -11.818 0.50 53.92 ? 242 ARG A NE  1 
ATOM   1206 C CZ  . ARG A 1 149 ? -8.744  10.419  -11.294 0.50 49.53 ? 242 ARG A CZ  1 
ATOM   1207 N NH1 . ARG A 1 149 ? -9.044  11.285  -10.338 0.50 53.44 ? 242 ARG A NH1 1 
ATOM   1208 N NH2 . ARG A 1 149 ? -7.498  10.304  -11.735 0.50 46.47 ? 242 ARG A NH2 1 
ATOM   1209 N N   . PHE A 1 150 ? -12.111 5.292   -13.657 1.00 58.28 ? 243 PHE A N   1 
ATOM   1210 C CA  . PHE A 1 150 ? -11.941 4.620   -14.956 1.00 54.71 ? 243 PHE A CA  1 
ATOM   1211 C C   . PHE A 1 150 ? -13.185 3.922   -15.491 1.00 68.29 ? 243 PHE A C   1 
ATOM   1212 O O   . PHE A 1 150 ? -13.451 3.997   -16.690 1.00 80.20 ? 243 PHE A O   1 
ATOM   1213 C CB  . PHE A 1 150 ? -10.827 3.589   -14.855 1.00 49.81 ? 243 PHE A CB  1 
ATOM   1214 C CG  . PHE A 1 150 ? -9.483  4.184   -14.582 1.00 57.82 ? 243 PHE A CG  1 
ATOM   1215 C CD1 . PHE A 1 150 ? -8.744  4.760   -15.603 1.00 57.22 ? 243 PHE A CD1 1 
ATOM   1216 C CD2 . PHE A 1 150 ? -8.936  4.194   -13.313 1.00 47.74 ? 243 PHE A CD2 1 
ATOM   1217 C CE1 . PHE A 1 150 ? -7.484  5.309   -15.362 1.00 61.06 ? 243 PHE A CE1 1 
ATOM   1218 C CE2 . PHE A 1 150 ? -7.688  4.760   -13.075 1.00 52.54 ? 243 PHE A CE2 1 
ATOM   1219 C CZ  . PHE A 1 150 ? -6.957  5.324   -14.090 1.00 50.76 ? 243 PHE A CZ  1 
ATOM   1220 N N   . GLY A 1 151 ? -13.903 3.188   -14.633 1.00 80.41 ? 244 GLY A N   1 
ATOM   1221 C CA  . GLY A 1 151 ? -15.057 2.365   -15.041 1.00 75.93 ? 244 GLY A CA  1 
ATOM   1222 C C   . GLY A 1 151 ? -14.753 1.435   -16.205 1.00 83.32 ? 244 GLY A C   1 
ATOM   1223 O O   . GLY A 1 151 ? -15.144 0.266   -16.207 1.00 92.05 ? 244 GLY A O   1 
HETATM 1224 C C1  . EDO B 2 .   ? 12.507  10.731  -3.543  1.00 64.64 ? 301 EDO A C1  1 
HETATM 1225 O O1  . EDO B 2 .   ? 13.575  9.832   -3.884  1.00 69.99 ? 301 EDO A O1  1 
HETATM 1226 C C2  . EDO B 2 .   ? 11.977  11.350  -4.848  1.00 63.88 ? 301 EDO A C2  1 
HETATM 1227 O O2  . EDO B 2 .   ? 11.558  12.715  -4.622  1.00 70.50 ? 301 EDO A O2  1 
HETATM 1228 C C1  . EDO C 2 .   ? 0.265   -14.388 8.334   1.00 52.49 ? 302 EDO A C1  1 
HETATM 1229 O O1  . EDO C 2 .   ? -0.302  -13.263 9.066   1.00 48.48 ? 302 EDO A O1  1 
HETATM 1230 C C2  . EDO C 2 .   ? -0.559  -15.656 8.375   1.00 54.25 ? 302 EDO A C2  1 
HETATM 1231 O O2  . EDO C 2 .   ? -1.380  -15.840 7.198   1.00 60.94 ? 302 EDO A O2  1 
HETATM 1232 S S   . DMS D 3 .   ? 1.022   -10.458 -11.503 1.00 64.01 ? 303 DMS A S   1 
HETATM 1233 O O   . DMS D 3 .   ? 0.227   -10.529 -10.267 1.00 47.59 ? 303 DMS A O   1 
HETATM 1234 C C1  . DMS D 3 .   ? 2.242   -11.656 -11.413 1.00 53.99 ? 303 DMS A C1  1 
HETATM 1235 C C2  . DMS D 3 .   ? -0.003  -10.953 -12.788 1.00 55.67 ? 303 DMS A C2  1 
HETATM 1236 C C   . ACT E 4 .   ? 8.223   -13.673 10.912  1.00 49.28 ? 304 ACT A C   1 
HETATM 1237 O O   . ACT E 4 .   ? 8.129   -12.741 11.763  1.00 61.44 ? 304 ACT A O   1 
HETATM 1238 O OXT . ACT E 4 .   ? 8.341   -13.344 9.767   1.00 48.50 ? 304 ACT A OXT 1 
HETATM 1239 C CH3 . ACT E 4 .   ? 8.237   -15.181 11.186  1.00 52.58 ? 304 ACT A CH3 1 
HETATM 1240 C C   . ACT F 4 .   ? -2.219  -10.393 11.083  1.00 37.63 ? 305 ACT A C   1 
HETATM 1241 O O   . ACT F 4 .   ? -3.157  -10.847 10.413  1.00 35.83 ? 305 ACT A O   1 
HETATM 1242 O OXT . ACT F 4 .   ? -1.061  -10.852 10.800  1.00 63.88 ? 305 ACT A OXT 1 
HETATM 1243 C CH3 . ACT F 4 .   ? -2.444  -9.490  12.283  1.00 44.19 ? 305 ACT A CH3 1 
HETATM 1244 N N1  . LFJ G 5 .   ? 8.504   0.466   7.873   0.52 94.72 ? 306 LFJ A N1  1 
HETATM 1245 C C4  . LFJ G 5 .   ? 11.273  0.331   9.325   0.52 89.20 ? 306 LFJ A C4  1 
HETATM 1246 C C5  . LFJ G 5 .   ? 11.765  2.286   7.859   0.52 82.85 ? 306 LFJ A C5  1 
HETATM 1247 C C6  . LFJ G 5 .   ? 13.235  2.291   8.128   0.52 83.39 ? 306 LFJ A C6  1 
HETATM 1248 C C7  . LFJ G 5 .   ? 9.678   2.225   9.112   0.52 89.64 ? 306 LFJ A C7  1 
HETATM 1249 C C8  . LFJ G 5 .   ? 8.538   1.233   9.128   0.52 93.82 ? 306 LFJ A C8  1 
HETATM 1250 C C10 . LFJ G 5 .   ? 6.927   -1.292  5.707   0.52 93.62 ? 306 LFJ A C10 1 
HETATM 1251 C C13 . LFJ G 5 .   ? 4.646   -2.043  5.815   0.52 90.88 ? 306 LFJ A C13 1 
HETATM 1252 C C15 . LFJ G 5 .   ? 5.248   -0.087  6.970   0.52 92.99 ? 306 LFJ A C15 1 
HETATM 1253 C C1  . LFJ G 5 .   ? 7.574   0.809   6.963   0.52 96.68 ? 306 LFJ A C1  1 
HETATM 1254 C C11 . LFJ G 5 .   ? 5.948   -2.180  5.371   0.52 91.79 ? 306 LFJ A C11 1 
HETATM 1255 C C12 . LFJ G 5 .   ? 4.788   -3.958  4.685   0.52 91.43 ? 306 LFJ A C12 1 
HETATM 1256 C C14 . LFJ G 5 .   ? 4.263   -1.012  6.620   0.52 89.84 ? 306 LFJ A C14 1 
HETATM 1257 C C2  . LFJ G 5 .   ? 9.491   -0.608  7.666   0.52 92.10 ? 306 LFJ A C2  1 
HETATM 1258 C C3  . LFJ G 5 .   ? 10.469  -0.853  8.807   0.52 91.71 ? 306 LFJ A C3  1 
HETATM 1259 C C9  . LFJ G 5 .   ? 6.559   -0.218  6.537   0.52 95.18 ? 306 LFJ A C9  1 
HETATM 1260 N N2  . LFJ G 5 .   ? 10.950  1.626   8.702   0.52 87.86 ? 306 LFJ A N2  1 
HETATM 1261 O O1  . LFJ G 5 .   ? 7.472   1.968   6.573   0.52 96.54 ? 306 LFJ A O1  1 
HETATM 1262 O O2  . LFJ G 5 .   ? 11.330  2.862   6.862   0.52 77.87 ? 306 LFJ A O2  1 
HETATM 1263 O O3  . LFJ G 5 .   ? 6.053   -3.302  4.581   0.52 90.28 ? 306 LFJ A O3  1 
HETATM 1264 O O4  . LFJ G 5 .   ? 3.873   -3.070  5.327   0.52 91.24 ? 306 LFJ A O4  1 
HETATM 1265 O O   . HOH H 6 .   ? 16.074  -8.459  2.911   1.00 38.10 ? 401 HOH A O   1 
HETATM 1266 O O   . HOH H 6 .   ? -11.616 -18.614 9.734   1.00 56.87 ? 402 HOH A O   1 
HETATM 1267 O O   . HOH H 6 .   ? 9.009   18.538  1.841   1.00 40.98 ? 403 HOH A O   1 
HETATM 1268 O O   . HOH H 6 .   ? 8.382   -5.494  -11.935 1.00 44.24 ? 404 HOH A O   1 
HETATM 1269 O O   . HOH H 6 .   ? 11.831  0.754   5.105   1.00 42.00 ? 405 HOH A O   1 
HETATM 1270 O O   . HOH H 6 .   ? -8.860  -2.973  -11.577 1.00 36.92 ? 406 HOH A O   1 
HETATM 1271 O O   . HOH H 6 .   ? 8.740   -11.106 6.443   1.00 24.23 ? 407 HOH A O   1 
HETATM 1272 O O   . HOH H 6 .   ? -9.278  0.096   17.482  1.00 37.38 ? 408 HOH A O   1 
HETATM 1273 O O   . HOH H 6 .   ? -16.023 -1.120  -6.487  1.00 54.35 ? 409 HOH A O   1 
HETATM 1274 O O   . HOH H 6 .   ? 3.744   14.942  -10.106 1.00 41.58 ? 410 HOH A O   1 
HETATM 1275 O O   . HOH H 6 .   ? -5.150  -17.550 8.663   1.00 47.02 ? 411 HOH A O   1 
HETATM 1276 O O   . HOH H 6 .   ? -8.839  11.121  -4.671  1.00 41.03 ? 412 HOH A O   1 
HETATM 1277 O O   . HOH H 6 .   ? 11.199  3.387   4.195   1.00 44.04 ? 413 HOH A O   1 
HETATM 1278 O O   . HOH H 6 .   ? -3.788  -9.832  -12.411 1.00 43.47 ? 414 HOH A O   1 
HETATM 1279 O O   . HOH H 6 .   ? 1.788   15.429  7.609   1.00 38.27 ? 415 HOH A O   1 
HETATM 1280 O O   . HOH H 6 .   ? -2.910  -0.739  7.231   1.00 39.81 ? 416 HOH A O   1 
HETATM 1281 O O   . HOH H 6 .   ? 8.660   16.241  -10.704 1.00 53.24 ? 417 HOH A O   1 
HETATM 1282 O O   . HOH H 6 .   ? -11.163 0.526   5.022   1.00 33.78 ? 418 HOH A O   1 
HETATM 1283 O O   . HOH H 6 .   ? -14.853 1.846   -0.169  1.00 58.33 ? 419 HOH A O   1 
HETATM 1284 O O   . HOH H 6 .   ? -17.300 -20.418 22.137  1.00 28.58 ? 420 HOH A O   1 
HETATM 1285 O O   . HOH H 6 .   ? 12.281  14.119  -14.326 1.00 43.88 ? 421 HOH A O   1 
HETATM 1286 O O   . HOH H 6 .   ? -1.942  15.996  -2.138  1.00 37.73 ? 422 HOH A O   1 
HETATM 1287 O O   . HOH H 6 .   ? 8.713   -13.280 -0.081  1.00 32.56 ? 423 HOH A O   1 
HETATM 1288 O O   . HOH H 6 .   ? 10.349  -11.566 9.947   1.00 31.32 ? 424 HOH A O   1 
HETATM 1289 O O   . HOH H 6 .   ? -2.548  -15.302 4.827   1.00 31.26 ? 425 HOH A O   1 
HETATM 1290 O O   . HOH H 6 .   ? 9.123   7.352   -5.029  1.00 27.18 ? 426 HOH A O   1 
HETATM 1291 O O   . HOH H 6 .   ? -9.959  8.983   -1.808  1.00 42.14 ? 427 HOH A O   1 
HETATM 1292 O O   . HOH H 6 .   ? 2.018   -0.808  4.546   1.00 28.94 ? 428 HOH A O   1 
HETATM 1293 O O   . HOH H 6 .   ? 11.888  14.633  1.766   1.00 51.16 ? 429 HOH A O   1 
HETATM 1294 O O   . HOH H 6 .   ? 6.159   15.201  -13.689 1.00 31.83 ? 430 HOH A O   1 
HETATM 1295 O O   . HOH H 6 .   ? 9.659   14.609  -4.167  1.00 46.90 ? 431 HOH A O   1 
HETATM 1296 O O   . HOH H 6 .   ? -10.877 -7.367  8.244   1.00 34.39 ? 432 HOH A O   1 
HETATM 1297 O O   . HOH H 6 .   ? 10.974  13.007  -1.642  1.00 33.19 ? 433 HOH A O   1 
HETATM 1298 O O   . HOH H 6 .   ? -12.681 5.187   -2.482  1.00 31.66 ? 434 HOH A O   1 
HETATM 1299 O O   . HOH H 6 .   ? -11.031 -3.023  2.214   1.00 23.90 ? 435 HOH A O   1 
HETATM 1300 O O   . HOH H 6 .   ? -0.615  9.241   -11.013 1.00 22.20 ? 436 HOH A O   1 
HETATM 1301 O O   . HOH H 6 .   ? -14.631 -14.846 14.670  1.00 34.52 ? 437 HOH A O   1 
HETATM 1302 O O   . HOH H 6 .   ? -7.912  -14.944 -3.761  1.00 44.22 ? 438 HOH A O   1 
HETATM 1303 O O   . HOH H 6 .   ? 23.922  -5.899  11.984  1.00 35.73 ? 439 HOH A O   1 
HETATM 1304 O O   . HOH H 6 .   ? -1.249  10.302  -7.262  1.00 22.06 ? 440 HOH A O   1 
HETATM 1305 O O   . HOH H 6 .   ? 8.849   1.956   -15.203 1.00 45.27 ? 441 HOH A O   1 
HETATM 1306 O O   . HOH H 6 .   ? 2.176   0.299   -4.317  1.00 19.29 ? 442 HOH A O   1 
HETATM 1307 O O   . HOH H 6 .   ? 2.682   -12.064 -6.257  1.00 31.17 ? 443 HOH A O   1 
HETATM 1308 O O   . HOH H 6 .   ? -10.448 -12.867 3.699   1.00 41.41 ? 444 HOH A O   1 
HETATM 1309 O O   . HOH H 6 .   ? 12.893  14.412  4.919   1.00 51.05 ? 445 HOH A O   1 
HETATM 1310 O O   . HOH H 6 .   ? 0.209   -7.242  6.032   1.00 24.00 ? 446 HOH A O   1 
HETATM 1311 O O   . HOH H 6 .   ? -9.424  9.076   0.906   1.00 42.80 ? 447 HOH A O   1 
HETATM 1312 O O   . HOH H 6 .   ? -15.196 -14.452 7.628   1.00 52.02 ? 448 HOH A O   1 
HETATM 1313 O O   . HOH H 6 .   ? -9.318  6.473   14.072  1.00 35.48 ? 449 HOH A O   1 
HETATM 1314 O O   . HOH H 6 .   ? 11.982  14.447  11.149  1.00 50.17 ? 450 HOH A O   1 
HETATM 1315 O O   . HOH H 6 .   ? 1.995   17.710  -0.514  1.00 40.98 ? 451 HOH A O   1 
HETATM 1316 O O   . HOH H 6 .   ? -4.993  12.425  15.833  1.00 58.25 ? 452 HOH A O   1 
HETATM 1317 O O   . HOH H 6 .   ? -3.245  9.070   -10.333 1.00 28.46 ? 453 HOH A O   1 
HETATM 1318 O O   . HOH H 6 .   ? 10.725  6.981   -12.050 1.00 31.96 ? 454 HOH A O   1 
HETATM 1319 O O   . HOH H 6 .   ? -8.784  -2.984  -15.947 1.00 40.32 ? 455 HOH A O   1 
HETATM 1320 O O   . HOH H 6 .   ? 9.522   10.369  -10.985 1.00 29.05 ? 456 HOH A O   1 
HETATM 1321 O O   . HOH H 6 .   ? 7.108   13.944  12.064  1.00 52.74 ? 457 HOH A O   1 
HETATM 1322 O O   . HOH H 6 .   ? 12.470  5.353   -10.723 1.00 30.89 ? 458 HOH A O   1 
HETATM 1323 O O   . HOH H 6 .   ? -1.794  10.792  12.111  1.00 39.44 ? 459 HOH A O   1 
HETATM 1324 O O   . HOH H 6 .   ? -12.651 -1.538  -9.433  1.00 30.81 ? 460 HOH A O   1 
HETATM 1325 O O   . HOH H 6 .   ? -6.659  -5.723  8.220   1.00 46.78 ? 461 HOH A O   1 
HETATM 1326 O O   . HOH H 6 .   ? -7.395  -7.728  -10.642 1.00 27.34 ? 462 HOH A O   1 
HETATM 1327 O O   . HOH H 6 .   ? -0.780  17.220  -9.049  1.00 37.88 ? 463 HOH A O   1 
HETATM 1328 O O   . HOH H 6 .   ? 6.103   15.069  -6.547  1.00 40.46 ? 464 HOH A O   1 
HETATM 1329 O O   . HOH H 6 .   ? -10.721 6.409   7.864   1.00 40.84 ? 465 HOH A O   1 
HETATM 1330 O O   . HOH H 6 .   ? 8.959   -10.860 -6.474  1.00 59.29 ? 466 HOH A O   1 
HETATM 1331 O O   . HOH H 6 .   ? 5.792   -9.729  -8.993  1.00 29.44 ? 467 HOH A O   1 
HETATM 1332 O O   . HOH H 6 .   ? 7.010   14.051  -4.611  1.00 36.40 ? 468 HOH A O   1 
HETATM 1333 O O   . HOH H 6 .   ? -0.480  -0.985  3.505   1.00 24.33 ? 469 HOH A O   1 
HETATM 1334 O O   . HOH H 6 .   ? -11.660 -4.614  6.041   1.00 50.44 ? 470 HOH A O   1 
HETATM 1335 O O   . HOH H 6 .   ? -17.345 3.538   -6.844  1.00 54.10 ? 471 HOH A O   1 
HETATM 1336 O O   . HOH H 6 .   ? 8.192   4.808   8.953   1.00 39.54 ? 472 HOH A O   1 
HETATM 1337 O O   . HOH H 6 .   ? -6.184  -10.347 15.064  1.00 50.81 ? 473 HOH A O   1 
HETATM 1338 O O   . HOH H 6 .   ? 5.967   -14.684 -1.969  1.00 43.68 ? 474 HOH A O   1 
HETATM 1339 O O   . HOH H 6 .   ? -1.921  -12.284 -7.278  1.00 22.01 ? 475 HOH A O   1 
HETATM 1340 O O   . HOH H 6 .   ? 13.311  -0.725  -14.700 1.00 41.79 ? 476 HOH A O   1 
HETATM 1341 O O   . HOH H 6 .   ? 12.732  -2.802  -17.253 1.00 55.01 ? 477 HOH A O   1 
HETATM 1342 O O   . HOH H 6 .   ? 3.952   -12.760 4.842   1.00 44.68 ? 478 HOH A O   1 
HETATM 1343 O O   . HOH H 6 .   ? -2.314  -9.341  -15.249 1.00 57.42 ? 479 HOH A O   1 
HETATM 1344 O O   . HOH H 6 .   ? -6.052  -13.885 1.417   1.00 26.03 ? 480 HOH A O   1 
HETATM 1345 O O   . HOH H 6 .   ? -14.009 -8.863  8.804   1.00 47.86 ? 481 HOH A O   1 
HETATM 1346 O O   . HOH H 6 .   ? -10.744 6.108   1.743   1.00 48.96 ? 482 HOH A O   1 
HETATM 1347 O O   . HOH H 6 .   ? -9.659  13.805  -2.635  1.00 50.70 ? 483 HOH A O   1 
HETATM 1348 O O   . HOH H 6 .   ? -3.638  -13.243 -3.341  1.00 40.73 ? 484 HOH A O   1 
HETATM 1349 O O   . HOH H 6 .   ? -14.572 4.608   -0.731  1.00 43.19 ? 485 HOH A O   1 
HETATM 1350 O O   . HOH H 6 .   ? 12.899  2.815   -11.945 1.00 44.49 ? 486 HOH A O   1 
HETATM 1351 O O   . HOH H 6 .   ? -11.584 6.693   -1.011  1.00 48.94 ? 487 HOH A O   1 
HETATM 1352 O O   . HOH H 6 .   ? 15.030  6.629   -10.366 1.00 41.89 ? 488 HOH A O   1 
# 
